data_5WCU
#
_entry.id   5WCU
#
_cell.length_a   65.926
_cell.length_b   108.543
_cell.length_c   180.770
_cell.angle_alpha   100.79
_cell.angle_beta   90.08
_cell.angle_gamma   89.94
#
_symmetry.space_group_name_H-M   'P 1'
#
loop_
_entity.id
_entity.type
_entity.pdbx_description
1 polymer 'Histone H3'
2 polymer 'Histone H4'
3 polymer 'Histone H2A'
4 polymer 'Histone H2B'
5 polymer 'DNA (167-MER)'
6 polymer 'DNA (167-MER)'
7 polymer 'Histone H5'
#
loop_
_entity_poly.entity_id
_entity_poly.type
_entity_poly.pdbx_seq_one_letter_code
_entity_poly.pdbx_strand_id
1 'polypeptide(L)'
;PHRYRPGTVALREIRRYQKSTELLIRKLPFQRLVREIAQDFKTDLRFQSSAVMALQEASEAYLVGLFEDTNLCAIHAKRV
TIMPKDIQLARRIRGERA
;
A,E,K,O
2 'polypeptide(L)'
;VLRDNIQGITKPAIRRLARRGGVKRISGLIYEETRGVLKVFLENVIRDAVTYTEHAKRKTVTAMDVVYALKRQGRTLYGF
GG
;
B,F,L,P
3 'polypeptide(L)'
;KSRSNRAGLQFPVGRIHRLLRKGNYAERVGAGAPVYLAAVMEYLAAEVLELAGNAARDNKKTRIIPRHLQLAIRNDEELN
KLLSGVTIAQGGVLPNIQAVLLPK
;
C,G,M,Q
4 'polypeptide(L)'
;RKRKESYAIYIYKVLKQVHPDTGISSKAMSIMNSFVNDIFERIAAEASRLAHYNKRSTITSREIQTAVRLLLPGELAKHA
VSEGTKAVTKYTSS
;
D,H,N,R
5 'polydeoxyribonucleotide'
;(DA)(DT)(DC)(DG)(DG)(DC)(DC)(DG)(DC)(DC)(DA)(DT)(DC)(DG)(DA)(DG)(DA)(DA)(DT)(DC)
(DC)(DC)(DG)(DG)(DT)(DG)(DC)(DC)(DG)(DA)(DG)(DG)(DC)(DC)(DG)(DC)(DT)(DC)(DA)(DA)
(DT)(DT)(DG)(DG)(DT)(DC)(DG)(DT)(DA)(DG)(DA)(DC)(DA)(DG)(DC)(DT)(DC)(DT)(DA)(DG)
(DC)(DA)(DC)(DC)(DG)(DC)(DT)(DT)(DA)(DA)(DA)(DC)(DG)(DC)(DA)(DC)(DG)(DT)(DA)(DC)
(DG)(DC)(DG)(DC)(DT)(DG)(DT)(DC)(DC)(DC)(DC)(DC)(DG)(DC)(DG)(DT)(DT)(DT)(DT)(DA)
(DA)(DC)(DC)(DG)(DC)(DC)(DA)(DA)(DG)(DG)(DG)(DG)(DA)(DT)(DT)(DA)(DC)(DT)(DC)(DC)
(DC)(DT)(DA)(DG)(DT)(DC)(DT)(DC)(DC)(DA)(DG)(DG)(DC)(DA)(DC)(DG)(DT)(DG)(DT)(DC)
(DA)(DG)(DA)(DT)(DA)(DT)(DA)(DT)(DA)(DC)(DA)(DT)(DC)(DC)(DG)(DA)(DT)(DG)(DC)(DA)
(DT)(DG)(DT)(DA)(DG)(DA)(DT)
;
I,S
6 'polydeoxyribonucleotide'
;(DA)(DT)(DC)(DT)(DA)(DC)(DA)(DT)(DG)(DC)(DA)(DT)(DC)(DG)(DG)(DA)(DT)(DG)(DT)(DA)
(DT)(DA)(DT)(DA)(DT)(DC)(DT)(DG)(DA)(DC)(DA)(DC)(DG)(DT)(DG)(DC)(DC)(DT)(DG)(DG)
(DA)(DG)(DA)(DC)(DT)(DA)(DG)(DG)(DG)(DA)(DG)(DT)(DA)(DA)(DT)(DC)(DC)(DC)(DC)(DT)
(DT)(DG)(DG)(DC)(DG)(DG)(DT)(DT)(DA)(DA)(DA)(DA)(DC)(DG)(DC)(DG)(DG)(DG)(DG)(DG)
(DA)(DC)(DA)(DG)(DC)(DG)(DC)(DG)(DT)(DA)(DC)(DG)(DT)(DG)(DC)(DG)(DT)(DT)(DT)(DA)
(DA)(DG)(DC)(DG)(DG)(DT)(DG)(DC)(DT)(DA)(DG)(DA)(DG)(DC)(DT)(DG)(DT)(DC)(DT)(DA)
(DC)(DG)(DA)(DC)(DC)(DA)(DA)(DT)(DT)(DG)(DA)(DG)(DC)(DG)(DG)(DC)(DC)(DT)(DC)(DG)
(DG)(DC)(DA)(DC)(DC)(DG)(DG)(DG)(DA)(DT)(DT)(DC)(DT)(DC)(DG)(DA)(DT)(DG)(DG)(DC)
(DG)(DG)(DC)(DC)(DG)(DA)(DT)
;
J,T
7 'polypeptide(L)' SASHPTYSEMIAAAIRAEKSRGGSSRQSIQKYIKSHYKVGHNADLQIKLSIRRLLAAGVLKQTKGVGASGSFRLAK U,V
#
loop_
_chem_comp.id
_chem_comp.type
_chem_comp.name
_chem_comp.formula
DA DNA linking 2'-DEOXYADENOSINE-5'-MONOPHOSPHATE 'C10 H14 N5 O6 P'
DC DNA linking 2'-DEOXYCYTIDINE-5'-MONOPHOSPHATE 'C9 H14 N3 O7 P'
DG DNA linking 2'-DEOXYGUANOSINE-5'-MONOPHOSPHATE 'C10 H14 N5 O7 P'
DT DNA linking THYMIDINE-5'-MONOPHOSPHATE 'C10 H15 N2 O8 P'
#
# COMPACT_ATOMS: atom_id res chain seq x y z
N PRO A 1 43.93 -14.68 7.51
CA PRO A 1 44.72 -15.77 6.93
C PRO A 1 44.44 -15.93 5.44
N HIS A 2 45.43 -16.44 4.70
CA HIS A 2 45.32 -16.63 3.26
C HIS A 2 45.11 -18.12 2.98
N ARG A 3 43.85 -18.56 3.03
CA ARG A 3 43.53 -19.96 2.77
C ARG A 3 42.93 -20.08 1.36
N TYR A 4 43.60 -20.85 0.53
CA TYR A 4 43.19 -21.16 -0.82
C TYR A 4 42.10 -22.24 -0.84
N ARG A 5 41.20 -22.16 -1.80
CA ARG A 5 40.12 -23.06 -2.04
C ARG A 5 40.61 -24.43 -2.47
N PRO A 6 39.71 -25.39 -2.66
CA PRO A 6 40.15 -26.74 -3.01
C PRO A 6 40.20 -27.04 -4.51
N GLY A 7 41.32 -27.61 -4.98
CA GLY A 7 41.53 -27.97 -6.37
C GLY A 7 42.44 -27.05 -7.15
N THR A 8 42.62 -25.80 -6.70
CA THR A 8 43.51 -24.92 -7.44
C THR A 8 44.95 -25.38 -7.23
N VAL A 9 45.34 -25.56 -5.97
CA VAL A 9 46.66 -26.10 -5.65
C VAL A 9 46.82 -27.47 -6.28
N ALA A 10 45.71 -28.22 -6.35
CA ALA A 10 45.73 -29.51 -7.04
C ALA A 10 46.12 -29.29 -8.50
N LEU A 11 45.52 -28.31 -9.14
CA LEU A 11 45.83 -28.04 -10.54
C LEU A 11 47.29 -27.62 -10.66
N ARG A 12 47.76 -26.79 -9.72
CA ARG A 12 49.17 -26.42 -9.71
C ARG A 12 50.04 -27.66 -9.49
N GLU A 13 49.55 -28.61 -8.68
CA GLU A 13 50.23 -29.89 -8.49
C GLU A 13 50.20 -30.71 -9.77
N ILE A 14 49.12 -30.61 -10.55
CA ILE A 14 49.02 -31.30 -11.84
C ILE A 14 50.16 -30.85 -12.73
N ARG A 15 50.27 -29.54 -12.93
CA ARG A 15 51.34 -28.97 -13.76
C ARG A 15 52.72 -29.29 -13.21
N ARG A 16 52.90 -29.16 -11.89
CA ARG A 16 54.21 -29.43 -11.29
C ARG A 16 54.70 -30.84 -11.59
N TYR A 17 53.88 -31.86 -11.28
CA TYR A 17 54.33 -33.24 -11.42
C TYR A 17 54.26 -33.76 -12.84
N GLN A 18 53.48 -33.12 -13.71
CA GLN A 18 53.51 -33.50 -15.12
C GLN A 18 54.76 -32.94 -15.78
N LYS A 19 55.25 -31.79 -15.31
CA LYS A 19 56.48 -31.21 -15.82
C LYS A 19 57.72 -31.93 -15.31
N SER A 20 57.62 -32.62 -14.17
CA SER A 20 58.77 -33.26 -13.55
C SER A 20 58.79 -34.76 -13.85
N THR A 21 59.99 -35.28 -14.07
CA THR A 21 60.20 -36.70 -14.35
C THR A 21 60.66 -37.47 -13.13
N GLU A 22 60.83 -36.82 -11.99
CA GLU A 22 61.35 -37.50 -10.81
C GLU A 22 60.38 -38.57 -10.32
N LEU A 23 60.93 -39.60 -9.68
CA LEU A 23 60.11 -40.69 -9.17
C LEU A 23 59.26 -40.21 -8.00
N LEU A 24 57.96 -40.47 -8.06
CA LEU A 24 57.02 -39.97 -7.06
C LEU A 24 56.84 -40.91 -5.87
N ILE A 25 57.37 -42.13 -5.93
CA ILE A 25 57.27 -43.10 -4.85
C ILE A 25 58.60 -43.14 -4.08
N ARG A 26 58.50 -43.20 -2.76
CA ARG A 26 59.70 -43.30 -1.94
C ARG A 26 60.42 -44.61 -2.27
N LYS A 27 61.74 -44.53 -2.38
CA LYS A 27 62.53 -45.66 -2.89
C LYS A 27 62.57 -46.85 -1.93
N LEU A 28 62.91 -46.61 -0.67
CA LEU A 28 63.14 -47.72 0.27
C LEU A 28 61.91 -48.60 0.52
N PRO A 29 60.72 -48.06 0.83
CA PRO A 29 59.57 -48.96 1.07
C PRO A 29 59.19 -49.81 -0.13
N PHE A 30 59.29 -49.27 -1.34
CA PHE A 30 58.99 -50.06 -2.54
C PHE A 30 59.95 -51.24 -2.65
N GLN A 31 61.22 -51.02 -2.31
CA GLN A 31 62.21 -52.09 -2.35
C GLN A 31 61.83 -53.21 -1.38
N ARG A 32 61.44 -52.84 -0.15
CA ARG A 32 61.01 -53.86 0.82
C ARG A 32 59.80 -54.61 0.31
N LEU A 33 58.89 -53.92 -0.38
CA LEU A 33 57.76 -54.60 -1.01
C LEU A 33 58.25 -55.58 -2.07
N VAL A 34 59.24 -55.18 -2.86
CA VAL A 34 59.83 -56.07 -3.85
C VAL A 34 60.44 -57.28 -3.16
N ARG A 35 61.15 -57.05 -2.06
CA ARG A 35 61.71 -58.17 -1.30
C ARG A 35 60.59 -59.10 -0.85
N GLU A 36 59.55 -58.53 -0.23
CA GLU A 36 58.46 -59.32 0.30
C GLU A 36 57.78 -60.16 -0.78
N ILE A 37 57.41 -59.54 -1.89
CA ILE A 37 56.72 -60.27 -2.95
C ILE A 37 57.63 -61.32 -3.58
N ALA A 38 58.90 -60.98 -3.78
CA ALA A 38 59.81 -61.94 -4.40
C ALA A 38 60.08 -63.15 -3.52
N GLN A 39 59.96 -62.97 -2.19
CA GLN A 39 60.16 -64.09 -1.28
C GLN A 39 59.15 -65.21 -1.46
N ASP A 40 58.00 -64.92 -2.08
CA ASP A 40 57.00 -65.96 -2.30
C ASP A 40 57.52 -66.99 -3.30
N PHE A 41 58.11 -66.51 -4.39
CA PHE A 41 58.55 -67.38 -5.49
C PHE A 41 59.90 -68.01 -5.19
N LYS A 42 60.78 -67.29 -4.50
CA LYS A 42 62.10 -67.82 -4.17
C LYS A 42 62.55 -67.19 -2.85
N THR A 43 63.39 -67.93 -2.13
CA THR A 43 63.89 -67.53 -0.82
C THR A 43 65.34 -67.05 -0.89
N ASP A 44 65.67 -66.08 -0.02
CA ASP A 44 67.04 -65.56 0.04
C ASP A 44 67.48 -64.99 -1.31
N LEU A 45 66.64 -64.14 -1.87
CA LEU A 45 66.92 -63.49 -3.14
C LEU A 45 67.79 -62.26 -2.95
N ARG A 46 68.76 -62.11 -3.86
CA ARG A 46 69.60 -60.93 -3.97
C ARG A 46 69.04 -60.07 -5.09
N PHE A 47 69.12 -58.76 -4.90
CA PHE A 47 68.59 -57.81 -5.87
C PHE A 47 69.63 -56.77 -6.19
N GLN A 48 69.92 -56.61 -7.48
CA GLN A 48 70.78 -55.54 -7.94
C GLN A 48 70.10 -54.20 -7.70
N SER A 49 70.91 -53.15 -7.51
CA SER A 49 70.33 -51.82 -7.32
C SER A 49 69.56 -51.41 -8.55
N SER A 50 70.07 -51.74 -9.73
CA SER A 50 69.40 -51.40 -10.98
C SER A 50 68.17 -52.27 -11.22
N ALA A 51 68.14 -53.47 -10.63
CA ALA A 51 66.99 -54.37 -10.77
C ALA A 51 65.76 -53.82 -10.07
N VAL A 52 65.90 -53.38 -8.82
CA VAL A 52 64.78 -52.80 -8.10
C VAL A 52 64.27 -51.54 -8.80
N MET A 53 65.20 -50.72 -9.28
CA MET A 53 64.83 -49.51 -10.00
C MET A 53 64.02 -49.80 -11.26
N ALA A 54 64.38 -50.85 -12.01
CA ALA A 54 63.58 -51.20 -13.19
C ALA A 54 62.14 -51.54 -12.81
N LEU A 55 61.96 -52.33 -11.75
CA LEU A 55 60.61 -52.63 -11.28
C LEU A 55 59.86 -51.33 -10.93
N GLN A 56 60.57 -50.39 -10.31
CA GLN A 56 59.96 -49.14 -9.86
C GLN A 56 59.60 -48.24 -11.02
N GLU A 57 60.47 -48.16 -12.04
CA GLU A 57 60.18 -47.38 -13.23
C GLU A 57 58.96 -47.91 -13.98
N ALA A 58 58.94 -49.23 -14.20
CA ALA A 58 57.83 -49.90 -14.89
C ALA A 58 56.51 -49.74 -14.15
N SER A 59 56.54 -49.91 -12.83
CA SER A 59 55.32 -49.80 -12.02
C SER A 59 54.70 -48.41 -12.14
N GLU A 60 55.49 -47.36 -11.93
CA GLU A 60 54.93 -46.01 -12.00
C GLU A 60 54.36 -45.70 -13.38
N ALA A 61 55.04 -46.13 -14.44
CA ALA A 61 54.51 -45.95 -15.79
C ALA A 61 53.17 -46.67 -15.98
N TYR A 62 53.08 -47.94 -15.59
CA TYR A 62 51.82 -48.67 -15.71
C TYR A 62 50.70 -48.01 -14.94
N LEU A 63 50.96 -47.60 -13.70
CA LEU A 63 49.93 -46.98 -12.87
C LEU A 63 49.47 -45.62 -13.40
N VAL A 64 50.43 -44.83 -13.91
CA VAL A 64 50.12 -43.50 -14.43
C VAL A 64 49.24 -43.58 -15.67
N GLY A 65 49.59 -44.46 -16.61
CA GLY A 65 48.76 -44.64 -17.80
C GLY A 65 47.34 -45.04 -17.44
N LEU A 66 47.19 -45.95 -16.47
CA LEU A 66 45.87 -46.33 -15.98
C LEU A 66 45.12 -45.12 -15.42
N PHE A 67 45.80 -44.27 -14.66
CA PHE A 67 45.13 -43.10 -14.08
C PHE A 67 44.67 -42.12 -15.16
N GLU A 68 45.40 -41.99 -16.26
CA GLU A 68 44.89 -41.17 -17.37
C GLU A 68 43.64 -41.83 -17.96
N ASP A 69 43.73 -43.13 -18.22
CA ASP A 69 42.58 -43.88 -18.73
C ASP A 69 41.44 -43.87 -17.72
N THR A 70 41.77 -43.92 -16.42
CA THR A 70 40.76 -43.85 -15.38
C THR A 70 40.13 -42.46 -15.34
N ASN A 71 40.95 -41.41 -15.51
CA ASN A 71 40.42 -40.06 -15.53
C ASN A 71 39.41 -39.89 -16.65
N LEU A 72 39.73 -40.41 -17.84
CA LEU A 72 38.78 -40.35 -18.96
C LEU A 72 37.47 -41.04 -18.64
N CYS A 73 37.52 -42.18 -17.94
CA CYS A 73 36.27 -42.84 -17.58
C CYS A 73 35.44 -41.98 -16.64
N ALA A 74 36.09 -41.35 -15.65
CA ALA A 74 35.35 -40.50 -14.73
C ALA A 74 34.78 -39.28 -15.44
N ILE A 75 35.57 -38.70 -16.36
CA ILE A 75 35.11 -37.54 -17.12
C ILE A 75 33.97 -37.93 -18.06
N HIS A 76 34.06 -39.12 -18.66
CA HIS A 76 32.97 -39.57 -19.53
C HIS A 76 31.68 -39.77 -18.74
N ALA A 77 31.79 -39.97 -17.42
CA ALA A 77 30.64 -40.10 -16.55
C ALA A 77 30.17 -38.78 -15.98
N LYS A 78 30.71 -37.65 -16.48
CA LYS A 78 30.38 -36.31 -15.95
C LYS A 78 30.74 -36.20 -14.48
N ARG A 79 31.94 -36.64 -14.13
CA ARG A 79 32.42 -36.63 -12.76
C ARG A 79 33.83 -36.04 -12.69
N VAL A 80 34.08 -35.25 -11.64
CA VAL A 80 35.40 -34.63 -11.46
C VAL A 80 36.30 -35.47 -10.57
N THR A 81 35.76 -36.51 -9.93
CA THR A 81 36.50 -37.36 -9.02
C THR A 81 36.63 -38.76 -9.61
N ILE A 82 37.79 -39.36 -9.45
CA ILE A 82 38.00 -40.74 -9.87
C ILE A 82 37.54 -41.69 -8.77
N MET A 83 37.00 -42.84 -9.17
CA MET A 83 36.46 -43.82 -8.26
C MET A 83 36.88 -45.22 -8.70
N PRO A 84 36.83 -46.20 -7.79
CA PRO A 84 37.18 -47.58 -8.16
C PRO A 84 36.41 -48.14 -9.35
N LYS A 85 35.18 -47.67 -9.56
CA LYS A 85 34.40 -48.07 -10.73
C LYS A 85 35.13 -47.74 -12.03
N ASP A 86 35.75 -46.56 -12.12
CA ASP A 86 36.48 -46.21 -13.34
C ASP A 86 37.69 -47.12 -13.56
N ILE A 87 38.40 -47.45 -12.48
CA ILE A 87 39.58 -48.31 -12.57
C ILE A 87 39.19 -49.72 -13.05
N GLN A 88 38.19 -50.31 -12.41
CA GLN A 88 37.74 -51.65 -12.81
C GLN A 88 37.26 -51.68 -14.25
N LEU A 89 36.58 -50.63 -14.71
CA LEU A 89 36.16 -50.58 -16.11
C LEU A 89 37.36 -50.52 -17.05
N ALA A 90 38.29 -49.60 -16.79
CA ALA A 90 39.48 -49.45 -17.64
C ALA A 90 40.28 -50.74 -17.74
N ARG A 91 40.50 -51.43 -16.61
CA ARG A 91 41.23 -52.68 -16.64
C ARG A 91 40.50 -53.77 -17.40
N ARG A 92 39.17 -53.78 -17.35
CA ARG A 92 38.41 -54.79 -18.06
C ARG A 92 38.52 -54.59 -19.57
N ILE A 93 38.49 -53.33 -20.03
CA ILE A 93 38.60 -53.04 -21.46
C ILE A 93 40.03 -53.24 -21.95
N ARG A 94 41.02 -52.98 -21.10
CA ARG A 94 42.41 -53.19 -21.46
C ARG A 94 42.69 -54.64 -21.82
N GLY A 95 42.08 -55.58 -21.09
CA GLY A 95 42.37 -56.99 -21.26
C GLY A 95 43.23 -57.61 -20.19
N GLU A 96 43.56 -56.85 -19.14
CA GLU A 96 44.37 -57.41 -18.06
C GLU A 96 43.52 -58.35 -17.23
N ARG A 97 42.33 -57.90 -16.84
CA ARG A 97 41.38 -58.63 -16.04
C ARG A 97 40.09 -58.74 -16.87
N ALA A 98 39.45 -59.91 -16.83
CA ALA A 98 38.30 -60.15 -17.70
C ALA A 98 37.00 -59.58 -17.12
N ARG B 3 52.52 -58.49 3.17
CA ARG B 3 51.42 -58.00 4.00
C ARG B 3 51.90 -56.95 4.98
N ASP B 4 53.22 -56.78 5.07
CA ASP B 4 53.84 -55.86 6.01
C ASP B 4 54.31 -54.57 5.34
N ASN B 5 55.07 -54.69 4.26
CA ASN B 5 55.64 -53.52 3.59
C ASN B 5 54.79 -53.07 2.41
N ILE B 6 53.71 -53.79 2.10
CA ILE B 6 52.77 -53.38 1.07
C ILE B 6 52.03 -52.13 1.53
N GLN B 7 51.96 -51.93 2.84
CA GLN B 7 51.42 -50.75 3.48
C GLN B 7 52.40 -49.59 3.43
N GLY B 8 53.63 -49.85 2.99
CA GLY B 8 54.69 -48.88 2.80
C GLY B 8 54.42 -47.86 1.70
N ILE B 9 53.44 -48.09 0.84
CA ILE B 9 53.06 -47.11 -0.16
C ILE B 9 52.13 -46.10 0.50
N THR B 10 52.64 -44.87 0.68
CA THR B 10 51.99 -43.83 1.46
C THR B 10 50.89 -43.12 0.67
N LYS B 11 49.98 -42.49 1.42
CA LYS B 11 48.94 -41.65 0.82
C LYS B 11 49.48 -40.54 -0.08
N PRO B 12 50.48 -39.73 0.33
CA PRO B 12 50.96 -38.67 -0.59
C PRO B 12 51.69 -39.19 -1.80
N ALA B 13 52.23 -40.41 -1.76
CA ALA B 13 52.85 -40.97 -2.95
C ALA B 13 51.80 -41.28 -4.02
N ILE B 14 50.75 -42.00 -3.63
CA ILE B 14 49.61 -42.27 -4.51
C ILE B 14 48.92 -40.98 -4.98
N ARG B 15 48.85 -39.96 -4.13
CA ARG B 15 48.25 -38.69 -4.55
C ARG B 15 49.01 -38.04 -5.69
N ARG B 16 50.35 -38.05 -5.63
CA ARG B 16 51.16 -37.45 -6.68
C ARG B 16 51.02 -38.17 -8.02
N LEU B 17 51.08 -39.51 -8.02
CA LEU B 17 50.93 -40.26 -9.27
C LEU B 17 49.61 -39.97 -9.97
N ALA B 18 48.51 -39.87 -9.22
CA ALA B 18 47.22 -39.55 -9.81
C ALA B 18 47.17 -38.12 -10.33
N ARG B 19 47.88 -37.21 -9.68
CA ARG B 19 47.99 -35.83 -10.17
C ARG B 19 48.70 -35.79 -11.51
N ARG B 20 49.75 -36.61 -11.66
CA ARG B 20 50.42 -36.72 -12.95
C ARG B 20 49.48 -37.34 -13.98
N GLY B 21 48.58 -38.23 -13.54
CA GLY B 21 47.55 -38.75 -14.42
C GLY B 21 46.55 -37.69 -14.83
N GLY B 22 46.41 -36.63 -14.03
CA GLY B 22 45.54 -35.52 -14.35
C GLY B 22 44.20 -35.45 -13.63
N VAL B 23 44.04 -36.13 -12.50
CA VAL B 23 42.80 -36.09 -11.75
C VAL B 23 42.86 -34.96 -10.73
N LYS B 24 41.75 -34.24 -10.56
CA LYS B 24 41.75 -33.16 -9.57
C LYS B 24 41.49 -33.70 -8.17
N ARG B 25 40.49 -34.56 -8.03
CA ARG B 25 40.06 -35.07 -6.73
C ARG B 25 40.04 -36.59 -6.80
N ILE B 26 40.37 -37.21 -5.67
CA ILE B 26 40.53 -38.65 -5.56
C ILE B 26 39.63 -39.17 -4.46
N SER B 27 38.92 -40.27 -4.74
CA SER B 27 38.09 -40.91 -3.73
C SER B 27 38.95 -41.62 -2.69
N GLY B 28 38.35 -41.87 -1.54
CA GLY B 28 39.04 -42.48 -0.42
C GLY B 28 39.33 -43.97 -0.57
N LEU B 29 38.47 -44.69 -1.27
CA LEU B 29 38.67 -46.13 -1.44
C LEU B 29 39.70 -46.47 -2.51
N ILE B 30 40.15 -45.49 -3.29
CA ILE B 30 41.09 -45.77 -4.37
C ILE B 30 42.45 -46.24 -3.84
N TYR B 31 42.88 -45.72 -2.68
CA TYR B 31 44.24 -46.00 -2.21
C TYR B 31 44.46 -47.49 -1.98
N GLU B 32 43.47 -48.17 -1.41
CA GLU B 32 43.56 -49.62 -1.22
C GLU B 32 43.43 -50.41 -2.52
N GLU B 33 42.51 -50.00 -3.40
CA GLU B 33 42.41 -50.68 -4.69
C GLU B 33 43.73 -50.67 -5.44
N THR B 34 44.41 -49.52 -5.46
CA THR B 34 45.70 -49.46 -6.16
C THR B 34 46.74 -50.38 -5.53
N ARG B 35 46.80 -50.44 -4.19
CA ARG B 35 47.74 -51.33 -3.52
C ARG B 35 47.51 -52.79 -3.89
N GLY B 36 46.25 -53.22 -4.02
CA GLY B 36 46.01 -54.59 -4.43
C GLY B 36 46.52 -54.84 -5.83
N VAL B 37 46.16 -53.95 -6.77
CA VAL B 37 46.58 -54.10 -8.15
C VAL B 37 48.11 -54.09 -8.25
N LEU B 38 48.76 -53.16 -7.55
CA LEU B 38 50.22 -53.12 -7.58
C LEU B 38 50.86 -54.39 -7.02
N LYS B 39 50.33 -54.94 -5.93
CA LYS B 39 50.89 -56.19 -5.43
C LYS B 39 50.75 -57.28 -6.48
N VAL B 40 49.55 -57.38 -7.06
CA VAL B 40 49.30 -58.36 -8.12
C VAL B 40 50.22 -58.09 -9.30
N PHE B 41 50.28 -56.84 -9.76
CA PHE B 41 51.18 -56.47 -10.85
C PHE B 41 52.60 -56.93 -10.53
N LEU B 42 53.16 -56.44 -9.42
CA LEU B 42 54.50 -56.86 -9.03
C LEU B 42 54.58 -58.38 -8.93
N GLU B 43 53.54 -59.03 -8.37
CA GLU B 43 53.58 -60.48 -8.25
C GLU B 43 53.73 -61.14 -9.61
N ASN B 44 52.96 -60.69 -10.59
CA ASN B 44 53.10 -61.30 -11.92
C ASN B 44 54.49 -61.02 -12.47
N VAL B 45 54.90 -59.75 -12.47
CA VAL B 45 56.20 -59.42 -13.04
C VAL B 45 57.30 -60.18 -12.29
N ILE B 46 57.24 -60.13 -10.95
CA ILE B 46 58.24 -60.84 -10.15
C ILE B 46 58.12 -62.35 -10.37
N ARG B 47 56.89 -62.83 -10.60
CA ARG B 47 56.71 -64.26 -10.89
C ARG B 47 57.50 -64.63 -12.13
N ASP B 48 57.37 -63.82 -13.18
CA ASP B 48 58.08 -64.08 -14.41
C ASP B 48 59.57 -63.83 -14.24
N ALA B 49 59.94 -62.75 -13.54
CA ALA B 49 61.35 -62.45 -13.32
C ALA B 49 62.06 -63.55 -12.54
N VAL B 50 61.44 -64.06 -11.49
CA VAL B 50 62.06 -65.12 -10.69
C VAL B 50 62.23 -66.40 -11.50
N THR B 51 61.28 -66.70 -12.38
CA THR B 51 61.45 -67.85 -13.28
C THR B 51 62.65 -67.66 -14.20
N TYR B 52 62.85 -66.45 -14.72
CA TYR B 52 64.06 -66.16 -15.50
C TYR B 52 65.30 -66.34 -14.63
N THR B 53 65.25 -65.86 -13.39
CA THR B 53 66.40 -66.00 -12.48
C THR B 53 66.68 -67.46 -12.16
N GLU B 54 65.63 -68.25 -11.93
CA GLU B 54 65.79 -69.67 -11.63
C GLU B 54 66.33 -70.43 -12.85
N HIS B 55 65.95 -70.02 -14.06
CA HIS B 55 66.46 -70.68 -15.25
C HIS B 55 67.96 -70.50 -15.41
N ALA B 56 68.51 -69.36 -14.97
CA ALA B 56 69.95 -69.15 -15.08
C ALA B 56 70.68 -69.71 -13.87
N LYS B 57 69.95 -70.35 -12.95
CA LYS B 57 70.48 -70.98 -11.74
C LYS B 57 71.27 -70.00 -10.90
N ARG B 58 70.84 -68.74 -10.91
CA ARG B 58 71.39 -67.68 -10.08
C ARG B 58 70.46 -67.36 -8.92
N LYS B 59 71.05 -66.94 -7.80
CA LYS B 59 70.30 -66.44 -6.65
C LYS B 59 70.17 -64.92 -6.66
N THR B 60 70.70 -64.23 -7.66
CA THR B 60 70.62 -62.79 -7.74
C THR B 60 69.81 -62.42 -8.97
N VAL B 61 68.89 -61.48 -8.81
CA VAL B 61 68.02 -61.04 -9.89
C VAL B 61 68.66 -59.85 -10.60
N THR B 62 69.06 -60.06 -11.85
CA THR B 62 69.66 -59.03 -12.66
C THR B 62 68.58 -58.11 -13.24
N ALA B 63 69.02 -56.92 -13.67
CA ALA B 63 68.13 -56.01 -14.38
C ALA B 63 67.63 -56.63 -15.67
N MET B 64 68.43 -57.52 -16.26
CA MET B 64 68.03 -58.22 -17.48
C MET B 64 66.81 -59.11 -17.24
N ASP B 65 66.67 -59.65 -16.03
CA ASP B 65 65.48 -60.42 -15.68
C ASP B 65 64.19 -59.59 -15.73
N VAL B 66 64.22 -58.37 -15.20
CA VAL B 66 63.04 -57.52 -15.25
C VAL B 66 62.70 -57.10 -16.68
N VAL B 67 63.71 -56.77 -17.48
CA VAL B 67 63.44 -56.34 -18.86
C VAL B 67 62.79 -57.47 -19.65
N TYR B 68 63.36 -58.67 -19.57
CA TYR B 68 62.79 -59.82 -20.27
C TYR B 68 61.40 -60.14 -19.75
N ALA B 69 61.22 -60.11 -18.43
CA ALA B 69 59.91 -60.35 -17.83
C ALA B 69 58.91 -59.34 -18.37
N LEU B 70 59.27 -58.06 -18.34
CA LEU B 70 58.41 -57.03 -18.90
C LEU B 70 58.19 -57.26 -20.39
N LYS B 71 59.23 -57.70 -21.11
CA LYS B 71 59.06 -57.97 -22.53
C LYS B 71 58.06 -59.09 -22.77
N ARG B 72 58.05 -60.10 -21.90
CA ARG B 72 57.08 -61.18 -22.09
C ARG B 72 55.67 -60.73 -21.75
N GLN B 73 55.51 -59.87 -20.74
CA GLN B 73 54.17 -59.39 -20.40
C GLN B 73 53.58 -58.50 -21.49
N GLY B 74 54.39 -57.96 -22.38
CA GLY B 74 53.95 -57.08 -23.44
C GLY B 74 54.32 -55.62 -23.23
N ARG B 75 54.69 -55.24 -22.00
CA ARG B 75 55.09 -53.88 -21.68
C ARG B 75 56.61 -53.84 -21.65
N THR B 76 57.22 -53.23 -22.66
CA THR B 76 58.67 -53.24 -22.77
C THR B 76 59.25 -51.97 -22.15
N LEU B 77 60.38 -52.14 -21.44
CA LEU B 77 61.02 -51.05 -20.71
C LEU B 77 62.37 -50.75 -21.34
N TYR B 78 62.61 -49.48 -21.64
CA TYR B 78 63.85 -49.02 -22.25
C TYR B 78 64.79 -48.39 -21.22
N GLY B 79 66.09 -48.53 -21.48
CA GLY B 79 67.15 -47.89 -20.74
C GLY B 79 67.92 -48.79 -19.79
N PHE B 80 67.35 -49.90 -19.35
CA PHE B 80 68.06 -50.86 -18.49
C PHE B 80 68.40 -52.05 -19.38
N GLY B 81 69.63 -52.08 -19.89
CA GLY B 81 70.15 -53.17 -20.70
C GLY B 81 69.16 -53.73 -21.69
N GLY B 82 68.51 -52.84 -22.45
CA GLY B 82 67.51 -53.24 -23.43
C GLY B 82 68.06 -54.02 -24.60
N LYS C 1 58.68 -99.59 -30.30
CA LYS C 1 59.85 -99.27 -31.11
C LYS C 1 60.04 -97.76 -31.26
N SER C 2 59.02 -97.10 -31.82
CA SER C 2 59.12 -95.68 -32.12
C SER C 2 59.33 -94.86 -30.85
N ARG C 3 59.80 -93.62 -31.02
CA ARG C 3 60.02 -92.76 -29.86
C ARG C 3 58.72 -92.22 -29.28
N SER C 4 57.65 -92.11 -30.08
CA SER C 4 56.39 -91.65 -29.50
C SER C 4 55.85 -92.68 -28.52
N ASN C 5 55.98 -93.97 -28.85
CA ASN C 5 55.56 -95.04 -27.96
C ASN C 5 56.47 -95.14 -26.73
N ARG C 6 57.77 -94.90 -26.92
CA ARG C 6 58.72 -94.94 -25.81
C ARG C 6 58.43 -93.83 -24.80
N ALA C 7 58.11 -92.64 -25.28
CA ALA C 7 57.80 -91.56 -24.37
C ALA C 7 56.40 -91.69 -23.79
N GLY C 8 55.56 -92.53 -24.41
CA GLY C 8 54.18 -92.69 -23.99
C GLY C 8 53.29 -91.55 -24.39
N LEU C 9 53.47 -91.02 -25.60
CA LEU C 9 52.69 -89.91 -26.10
C LEU C 9 52.14 -90.26 -27.47
N GLN C 10 50.96 -89.73 -27.76
CA GLN C 10 50.38 -89.92 -29.09
C GLN C 10 50.96 -88.91 -30.07
N PHE C 11 51.25 -87.71 -29.60
CA PHE C 11 51.79 -86.68 -30.47
C PHE C 11 53.18 -87.11 -30.93
N PRO C 12 53.52 -86.90 -32.20
CA PRO C 12 54.78 -87.42 -32.72
C PRO C 12 56.04 -86.75 -32.19
N VAL C 13 56.78 -87.46 -31.34
CA VAL C 13 58.04 -86.93 -30.84
C VAL C 13 59.03 -86.79 -31.98
N GLY C 14 59.00 -87.73 -32.93
CA GLY C 14 59.88 -87.68 -34.07
C GLY C 14 59.66 -86.44 -34.92
N ARG C 15 58.39 -86.10 -35.17
CA ARG C 15 58.07 -84.88 -35.89
C ARG C 15 58.55 -83.65 -35.14
N ILE C 16 58.40 -83.64 -33.81
CA ILE C 16 58.86 -82.50 -33.02
C ILE C 16 60.38 -82.38 -33.08
N HIS C 17 61.09 -83.49 -33.09
CA HIS C 17 62.54 -83.45 -33.22
C HIS C 17 62.95 -82.83 -34.56
N ARG C 18 62.29 -83.26 -35.64
CA ARG C 18 62.57 -82.70 -36.96
C ARG C 18 62.26 -81.20 -37.00
N LEU C 19 61.10 -80.80 -36.45
CA LEU C 19 60.68 -79.40 -36.46
C LEU C 19 61.58 -78.52 -35.61
N LEU C 20 62.15 -79.06 -34.52
CA LEU C 20 63.07 -78.30 -33.68
C LEU C 20 64.41 -78.04 -34.37
N ARG C 21 64.88 -79.00 -35.17
CA ARG C 21 66.14 -78.84 -35.91
C ARG C 21 65.99 -77.89 -37.10
N LYS C 22 64.85 -77.90 -37.78
CA LYS C 22 64.68 -77.13 -39.00
C LYS C 22 64.03 -75.76 -38.76
N GLY C 23 63.65 -75.44 -37.52
CA GLY C 23 62.95 -74.20 -37.23
C GLY C 23 63.83 -73.02 -36.90
N ASN C 24 65.16 -73.15 -37.06
CA ASN C 24 66.13 -72.09 -36.79
C ASN C 24 66.04 -71.57 -35.35
N TYR C 25 65.69 -72.43 -34.40
CA TYR C 25 65.66 -71.97 -33.02
C TYR C 25 67.04 -72.00 -32.36
N ALA C 26 67.88 -72.98 -32.68
CA ALA C 26 69.23 -73.03 -32.13
C ALA C 26 70.11 -73.88 -33.03
N GLU C 27 71.41 -73.86 -32.71
CA GLU C 27 72.38 -74.68 -33.44
C GLU C 27 72.15 -76.16 -33.18
N ARG C 28 71.96 -76.54 -31.92
CA ARG C 28 71.75 -77.93 -31.56
C ARG C 28 70.49 -78.06 -30.70
N VAL C 29 69.85 -79.23 -30.82
CA VAL C 29 68.60 -79.52 -30.13
C VAL C 29 68.84 -80.64 -29.13
N GLY C 30 68.41 -80.43 -27.88
CA GLY C 30 68.57 -81.45 -26.87
C GLY C 30 67.78 -82.72 -27.18
N ALA C 31 68.15 -83.79 -26.48
CA ALA C 31 67.48 -85.08 -26.68
C ALA C 31 66.13 -85.15 -26.00
N GLY C 32 65.97 -84.47 -24.87
CA GLY C 32 64.74 -84.48 -24.09
C GLY C 32 63.78 -83.37 -24.40
N ALA C 33 64.22 -82.36 -25.16
CA ALA C 33 63.35 -81.23 -25.49
C ALA C 33 62.14 -81.62 -26.33
N PRO C 34 62.27 -82.36 -27.44
CA PRO C 34 61.07 -82.69 -28.23
C PRO C 34 60.09 -83.57 -27.47
N VAL C 35 60.58 -84.37 -26.52
CA VAL C 35 59.74 -85.17 -25.63
C VAL C 35 58.94 -84.28 -24.71
N TYR C 36 59.60 -83.32 -24.05
CA TYR C 36 58.92 -82.36 -23.18
C TYR C 36 57.81 -81.61 -23.91
N LEU C 37 58.10 -81.09 -25.09
CA LEU C 37 57.09 -80.33 -25.84
C LEU C 37 55.90 -81.22 -26.21
N ALA C 38 56.14 -82.44 -26.67
CA ALA C 38 55.03 -83.33 -27.00
C ALA C 38 54.14 -83.57 -25.78
N ALA C 39 54.73 -83.74 -24.60
CA ALA C 39 53.92 -83.94 -23.41
C ALA C 39 53.08 -82.71 -23.12
N VAL C 40 53.68 -81.52 -23.23
CA VAL C 40 52.98 -80.27 -22.99
C VAL C 40 51.85 -80.06 -23.98
N MET C 41 52.12 -80.25 -25.28
CA MET C 41 51.06 -80.10 -26.27
C MET C 41 49.90 -81.05 -26.02
N GLU C 42 50.19 -82.32 -25.74
CA GLU C 42 49.10 -83.27 -25.48
C GLU C 42 48.30 -82.87 -24.25
N TYR C 43 48.95 -82.41 -23.19
CA TYR C 43 48.22 -82.02 -21.98
C TYR C 43 47.30 -80.83 -22.25
N LEU C 44 47.84 -79.78 -22.85
CA LEU C 44 47.04 -78.58 -23.15
C LEU C 44 45.90 -78.91 -24.12
N ALA C 45 46.20 -79.70 -25.15
CA ALA C 45 45.19 -80.16 -26.10
C ALA C 45 44.10 -80.97 -25.40
N ALA C 46 44.48 -81.80 -24.43
CA ALA C 46 43.50 -82.60 -23.68
C ALA C 46 42.57 -81.73 -22.86
N GLU C 47 43.08 -80.68 -22.21
CA GLU C 47 42.21 -79.79 -21.44
C GLU C 47 41.16 -79.14 -22.33
N VAL C 48 41.57 -78.55 -23.45
CA VAL C 48 40.62 -77.93 -24.36
C VAL C 48 39.58 -78.94 -24.86
N LEU C 49 40.02 -80.14 -25.23
CA LEU C 49 39.07 -81.12 -25.77
C LEU C 49 38.08 -81.61 -24.72
N GLU C 50 38.48 -81.70 -23.45
CA GLU C 50 37.53 -82.18 -22.45
C GLU C 50 36.51 -81.10 -22.11
N LEU C 51 36.95 -79.85 -21.93
CA LEU C 51 35.99 -78.79 -21.63
C LEU C 51 35.07 -78.56 -22.83
N ALA C 52 35.62 -78.67 -24.06
CA ALA C 52 34.79 -78.59 -25.25
C ALA C 52 33.91 -79.84 -25.40
N GLY C 53 34.39 -80.99 -24.92
CA GLY C 53 33.57 -82.18 -24.92
C GLY C 53 32.39 -82.10 -23.97
N ASN C 54 32.62 -81.59 -22.76
CA ASN C 54 31.52 -81.30 -21.87
C ASN C 54 30.57 -80.27 -22.47
N ALA C 55 31.11 -79.27 -23.17
CA ALA C 55 30.26 -78.32 -23.86
C ALA C 55 29.48 -78.96 -24.99
N ALA C 56 30.02 -80.02 -25.61
CA ALA C 56 29.27 -80.69 -26.67
C ALA C 56 28.16 -81.57 -26.10
N ARG C 57 28.44 -82.29 -25.02
CA ARG C 57 27.41 -83.12 -24.39
C ARG C 57 26.33 -82.27 -23.70
N ASP C 58 26.68 -81.07 -23.23
CA ASP C 58 25.69 -80.15 -22.66
C ASP C 58 24.71 -79.65 -23.70
N ASN C 59 25.14 -79.58 -24.96
CA ASN C 59 24.28 -79.19 -26.07
C ASN C 59 23.59 -80.37 -26.75
N LYS C 60 23.76 -81.59 -26.21
CA LYS C 60 23.15 -82.84 -26.72
C LYS C 60 23.62 -83.08 -28.15
N LYS C 61 24.90 -82.86 -28.39
CA LYS C 61 25.46 -83.08 -29.71
C LYS C 61 26.85 -83.65 -29.50
N THR C 62 27.06 -84.91 -29.86
CA THR C 62 28.36 -85.53 -29.68
C THR C 62 29.45 -84.73 -30.40
N ARG C 63 29.22 -84.41 -31.67
CA ARG C 63 30.26 -83.76 -32.45
C ARG C 63 30.54 -82.35 -31.97
N ILE C 64 31.82 -82.05 -31.79
CA ILE C 64 32.31 -80.77 -31.27
C ILE C 64 32.30 -79.77 -32.41
N ILE C 65 31.74 -78.60 -32.17
CA ILE C 65 31.75 -77.54 -33.18
C ILE C 65 32.50 -76.36 -32.57
N PRO C 66 32.98 -75.43 -33.41
CA PRO C 66 33.69 -74.26 -32.88
C PRO C 66 32.94 -73.52 -31.78
N ARG C 67 31.60 -73.53 -31.82
CA ARG C 67 30.83 -72.92 -30.74
C ARG C 67 31.16 -73.55 -29.39
N HIS C 68 31.28 -74.88 -29.36
CA HIS C 68 31.67 -75.58 -28.14
C HIS C 68 33.08 -75.21 -27.69
N LEU C 69 34.00 -75.04 -28.64
CA LEU C 69 35.37 -74.62 -28.34
C LEU C 69 35.44 -73.25 -27.66
N GLN C 70 34.73 -72.25 -28.22
CA GLN C 70 34.70 -70.92 -27.62
C GLN C 70 34.14 -70.92 -26.21
N LEU C 71 33.01 -71.59 -26.00
CA LEU C 71 32.42 -71.69 -24.66
C LEU C 71 33.40 -72.24 -23.65
N ALA C 72 34.14 -73.29 -24.01
CA ALA C 72 35.12 -73.89 -23.09
C ALA C 72 36.20 -72.91 -22.67
N ILE C 73 36.77 -72.16 -23.62
CA ILE C 73 37.93 -71.31 -23.33
C ILE C 73 37.54 -70.08 -22.51
N ARG C 74 36.46 -69.40 -22.93
CA ARG C 74 36.11 -68.13 -22.29
C ARG C 74 35.53 -68.31 -20.90
N ASN C 75 34.95 -69.48 -20.61
CA ASN C 75 34.42 -69.72 -19.28
C ASN C 75 35.49 -70.16 -18.29
N ASP C 76 36.66 -70.58 -18.76
CA ASP C 76 37.78 -70.96 -17.92
C ASP C 76 38.71 -69.76 -17.76
N GLU C 77 38.91 -69.31 -16.52
CA GLU C 77 39.75 -68.14 -16.27
C GLU C 77 41.17 -68.34 -16.78
N GLU C 78 41.76 -69.50 -16.46
CA GLU C 78 43.11 -69.79 -16.92
C GLU C 78 43.20 -69.81 -18.44
N LEU C 79 42.25 -70.51 -19.09
CA LEU C 79 42.22 -70.60 -20.55
C LEU C 79 41.93 -69.26 -21.21
N ASN C 80 41.06 -68.44 -20.62
CA ASN C 80 40.78 -67.13 -21.19
C ASN C 80 42.01 -66.22 -21.13
N LYS C 81 42.75 -66.27 -20.02
CA LYS C 81 43.99 -65.49 -19.92
C LYS C 81 45.00 -65.92 -20.96
N LEU C 82 45.12 -67.23 -21.19
CA LEU C 82 46.07 -67.75 -22.16
C LEU C 82 45.67 -67.36 -23.58
N LEU C 83 44.39 -67.50 -23.93
CA LEU C 83 43.86 -67.25 -25.26
C LEU C 83 43.28 -65.84 -25.43
N SER C 84 43.52 -64.94 -24.48
CA SER C 84 42.97 -63.58 -24.56
C SER C 84 43.31 -62.91 -25.88
N GLY C 85 44.44 -63.26 -26.49
CA GLY C 85 44.85 -62.70 -27.76
C GLY C 85 44.38 -63.47 -28.97
N VAL C 86 43.52 -64.48 -28.80
CA VAL C 86 43.08 -65.35 -29.89
C VAL C 86 41.56 -65.27 -30.05
N THR C 87 41.11 -65.08 -31.29
CA THR C 87 39.70 -65.12 -31.65
C THR C 87 39.31 -66.44 -32.29
N ILE C 88 38.28 -67.09 -31.75
CA ILE C 88 37.84 -68.39 -32.26
C ILE C 88 36.79 -68.20 -33.35
N ALA C 89 37.06 -68.74 -34.54
CA ALA C 89 36.16 -68.63 -35.68
C ALA C 89 34.85 -69.38 -35.44
N GLN C 90 33.73 -68.76 -35.81
CA GLN C 90 32.39 -69.34 -35.60
C GLN C 90 32.12 -69.66 -34.14
N GLY C 91 32.77 -68.96 -33.22
CA GLY C 91 32.59 -69.24 -31.82
C GLY C 91 31.42 -68.49 -31.21
N GLY C 92 31.07 -67.34 -31.79
CA GLY C 92 30.00 -66.56 -31.21
C GLY C 92 30.46 -65.97 -29.88
N VAL C 93 29.48 -65.50 -29.14
CA VAL C 93 29.73 -64.88 -27.84
C VAL C 93 28.95 -65.62 -26.77
N LEU C 94 29.46 -65.57 -25.55
CA LEU C 94 28.73 -66.12 -24.42
C LEU C 94 27.46 -65.33 -24.25
N PRO C 95 26.30 -65.97 -24.10
CA PRO C 95 25.07 -65.18 -23.96
C PRO C 95 25.12 -64.47 -22.62
N ASN C 96 25.49 -63.20 -22.66
CA ASN C 96 25.61 -62.36 -21.47
C ASN C 96 24.87 -61.07 -21.69
N ILE C 97 24.05 -60.68 -20.71
CA ILE C 97 23.31 -59.43 -20.71
C ILE C 97 23.47 -58.80 -19.33
N GLN C 98 23.95 -57.55 -19.30
CA GLN C 98 24.11 -56.87 -18.02
C GLN C 98 22.74 -56.67 -17.38
N ALA C 99 22.69 -56.83 -16.05
CA ALA C 99 21.41 -56.82 -15.35
C ALA C 99 20.73 -55.46 -15.39
N VAL C 100 21.49 -54.39 -15.66
CA VAL C 100 20.90 -53.06 -15.69
C VAL C 100 20.00 -52.87 -16.90
N LEU C 101 20.18 -53.67 -17.95
CA LEU C 101 19.34 -53.52 -19.14
C LEU C 101 17.97 -54.15 -18.99
N LEU C 102 17.83 -55.17 -18.13
CA LEU C 102 16.55 -55.86 -18.02
C LEU C 102 15.54 -55.01 -17.27
N PRO C 103 14.31 -54.86 -17.77
CA PRO C 103 13.32 -54.04 -17.07
C PRO C 103 12.76 -54.73 -15.83
N LYS C 104 12.22 -53.90 -14.94
CA LYS C 104 11.52 -54.35 -13.74
C LYS C 104 10.63 -53.24 -13.20
N ARG D 1 48.50 -84.00 -56.53
CA ARG D 1 48.84 -83.10 -55.44
C ARG D 1 50.00 -83.61 -54.60
N LYS D 2 50.51 -82.76 -53.74
CA LYS D 2 51.63 -83.06 -52.87
C LYS D 2 51.09 -83.32 -51.46
N ARG D 3 51.69 -84.31 -50.77
CA ARG D 3 51.30 -84.62 -49.41
C ARG D 3 51.68 -83.51 -48.45
N LYS D 4 50.71 -83.04 -47.68
CA LYS D 4 50.91 -81.93 -46.72
C LYS D 4 50.65 -82.38 -45.27
N GLU D 5 51.70 -82.31 -44.44
CA GLU D 5 51.67 -82.77 -43.07
C GLU D 5 50.57 -82.06 -42.29
N SER D 6 50.02 -82.75 -41.28
CA SER D 6 48.98 -82.18 -40.41
C SER D 6 49.01 -82.84 -39.05
N TYR D 7 48.18 -82.31 -38.15
CA TYR D 7 48.02 -82.85 -36.80
C TYR D 7 46.63 -83.41 -36.53
N ALA D 8 45.97 -83.89 -37.58
CA ALA D 8 44.57 -84.31 -37.51
C ALA D 8 44.47 -85.64 -36.78
N ILE D 9 45.34 -86.59 -37.13
CA ILE D 9 45.30 -87.95 -36.53
C ILE D 9 45.59 -87.91 -35.03
N TYR D 10 46.62 -87.16 -34.63
CA TYR D 10 47.00 -87.13 -33.22
C TYR D 10 45.93 -86.43 -32.38
N ILE D 11 45.33 -85.37 -32.91
CA ILE D 11 44.22 -84.71 -32.22
C ILE D 11 43.03 -85.66 -32.07
N TYR D 12 42.75 -86.45 -33.10
CA TYR D 12 41.64 -87.41 -33.07
C TYR D 12 41.86 -88.52 -32.03
N LYS D 13 43.06 -89.06 -31.93
CA LYS D 13 43.36 -90.06 -30.88
C LYS D 13 43.08 -89.50 -29.49
N VAL D 14 43.59 -88.30 -29.19
CA VAL D 14 43.36 -87.67 -27.90
C VAL D 14 41.87 -87.42 -27.66
N LEU D 15 41.13 -87.09 -28.72
CA LEU D 15 39.68 -86.93 -28.59
C LEU D 15 39.03 -88.22 -28.07
N LYS D 16 39.37 -89.37 -28.67
CA LYS D 16 38.87 -90.64 -28.17
C LYS D 16 39.41 -90.98 -26.78
N GLN D 17 40.57 -90.45 -26.40
CA GLN D 17 41.08 -90.64 -25.05
C GLN D 17 40.18 -89.97 -24.01
N VAL D 18 39.89 -88.68 -24.19
CA VAL D 18 39.06 -87.98 -23.22
C VAL D 18 37.60 -88.44 -23.31
N HIS D 19 37.01 -88.33 -24.49
CA HIS D 19 35.63 -88.78 -24.71
C HIS D 19 35.57 -89.84 -25.79
N PRO D 20 35.32 -91.11 -25.44
CA PRO D 20 35.31 -92.17 -26.46
C PRO D 20 34.15 -92.04 -27.42
N ASP D 21 33.00 -91.58 -26.94
CA ASP D 21 31.77 -91.55 -27.71
C ASP D 21 31.53 -90.22 -28.38
N THR D 22 32.45 -89.26 -28.26
CA THR D 22 32.25 -87.91 -28.79
C THR D 22 33.10 -87.63 -30.03
N GLY D 23 32.50 -86.98 -31.03
CA GLY D 23 33.18 -86.56 -32.22
C GLY D 23 33.46 -85.06 -32.29
N ILE D 24 33.91 -84.63 -33.46
CA ILE D 24 34.28 -83.24 -33.70
C ILE D 24 34.00 -82.90 -35.17
N SER D 25 33.55 -81.66 -35.42
CA SER D 25 33.34 -81.18 -36.78
C SER D 25 34.67 -80.80 -37.45
N SER D 26 34.65 -80.74 -38.79
CA SER D 26 35.87 -80.43 -39.52
C SER D 26 36.39 -79.04 -39.18
N LYS D 27 35.48 -78.07 -39.06
CA LYS D 27 35.88 -76.71 -38.73
C LYS D 27 36.54 -76.68 -37.36
N ALA D 28 35.89 -77.30 -36.37
CA ALA D 28 36.46 -77.35 -35.03
C ALA D 28 37.78 -78.11 -35.00
N MET D 29 37.94 -79.12 -35.86
CA MET D 29 39.23 -79.80 -35.96
C MET D 29 40.29 -78.84 -36.48
N SER D 30 39.93 -78.00 -37.46
CA SER D 30 40.86 -76.99 -37.95
C SER D 30 41.23 -76.00 -36.85
N ILE D 31 40.25 -75.62 -36.01
CA ILE D 31 40.52 -74.73 -34.88
C ILE D 31 41.55 -75.36 -33.95
N MET D 32 41.36 -76.65 -33.61
CA MET D 32 42.30 -77.35 -32.75
C MET D 32 43.69 -77.41 -33.38
N ASN D 33 43.75 -77.64 -34.70
CA ASN D 33 45.03 -77.72 -35.40
C ASN D 33 45.74 -76.37 -35.42
N SER D 34 45.01 -75.29 -35.68
CA SER D 34 45.60 -73.94 -35.62
C SER D 34 46.09 -73.62 -34.21
N PHE D 35 45.35 -74.07 -33.20
CA PHE D 35 45.74 -73.86 -31.80
C PHE D 35 47.05 -74.56 -31.50
N VAL D 36 47.18 -75.82 -31.92
CA VAL D 36 48.40 -76.60 -31.71
C VAL D 36 49.59 -75.95 -32.41
N ASN D 37 49.43 -75.55 -33.67
CA ASN D 37 50.51 -74.87 -34.38
C ASN D 37 50.95 -73.59 -33.67
N ASP D 38 49.99 -72.84 -33.14
CA ASP D 38 50.30 -71.61 -32.41
C ASP D 38 51.13 -71.90 -31.16
N ILE D 39 50.73 -72.89 -30.37
CA ILE D 39 51.47 -73.27 -29.16
C ILE D 39 52.90 -73.65 -29.49
N PHE D 40 53.11 -74.44 -30.55
CA PHE D 40 54.46 -74.82 -30.94
C PHE D 40 55.33 -73.58 -31.20
N GLU D 41 54.96 -72.76 -32.17
CA GLU D 41 55.72 -71.56 -32.50
C GLU D 41 55.96 -70.65 -31.29
N ARG D 42 54.96 -70.54 -30.42
CA ARG D 42 55.06 -69.70 -29.22
C ARG D 42 56.14 -70.21 -28.26
N ILE D 43 56.02 -71.45 -27.81
CA ILE D 43 56.94 -71.96 -26.78
C ILE D 43 58.36 -72.04 -27.35
N ALA D 44 58.50 -72.48 -28.60
CA ALA D 44 59.82 -72.63 -29.20
C ALA D 44 60.51 -71.29 -29.37
N ALA D 45 59.78 -70.23 -29.77
CA ALA D 45 60.42 -68.92 -29.89
C ALA D 45 60.93 -68.43 -28.54
N GLU D 46 60.09 -68.52 -27.51
CA GLU D 46 60.51 -68.07 -26.19
C GLU D 46 61.72 -68.87 -25.70
N ALA D 47 61.73 -70.17 -26.03
CA ALA D 47 62.84 -71.07 -25.70
C ALA D 47 64.10 -70.70 -26.47
N SER D 48 63.94 -70.27 -27.72
CA SER D 48 65.07 -69.83 -28.53
C SER D 48 65.72 -68.58 -27.93
N ARG D 49 64.92 -67.61 -27.52
CA ARG D 49 65.44 -66.42 -26.87
C ARG D 49 66.09 -66.76 -25.54
N LEU D 50 65.54 -67.74 -24.82
CA LEU D 50 66.15 -68.19 -23.59
C LEU D 50 67.55 -68.76 -23.82
N ALA D 51 67.76 -69.54 -24.88
CA ALA D 51 69.11 -70.01 -25.13
C ALA D 51 70.04 -68.87 -25.53
N HIS D 52 69.51 -67.88 -26.26
CA HIS D 52 70.30 -66.71 -26.66
C HIS D 52 70.58 -65.78 -25.50
N TYR D 53 69.65 -65.68 -24.54
CA TYR D 53 69.89 -64.82 -23.38
C TYR D 53 71.00 -65.40 -22.50
N ASN D 54 71.03 -66.72 -22.35
CA ASN D 54 71.99 -67.41 -21.50
C ASN D 54 73.24 -67.90 -22.24
N LYS D 55 73.41 -67.52 -23.51
CA LYS D 55 74.62 -67.85 -24.28
C LYS D 55 74.82 -69.37 -24.38
N ARG D 56 73.77 -70.08 -24.75
CA ARG D 56 73.85 -71.52 -24.93
C ARG D 56 73.60 -71.83 -26.40
N SER D 57 74.35 -72.78 -26.94
CA SER D 57 74.22 -73.11 -28.36
C SER D 57 73.27 -74.27 -28.60
N THR D 58 72.68 -74.81 -27.55
CA THR D 58 71.77 -75.95 -27.64
C THR D 58 70.52 -75.62 -26.84
N ILE D 59 69.36 -76.02 -27.36
CA ILE D 59 68.09 -75.92 -26.66
C ILE D 59 67.83 -77.24 -25.95
N THR D 60 67.82 -77.21 -24.62
CA THR D 60 67.63 -78.39 -23.80
C THR D 60 66.22 -78.43 -23.22
N SER D 61 65.94 -79.50 -22.47
CA SER D 61 64.66 -79.71 -21.80
C SER D 61 64.42 -78.73 -20.66
N ARG D 62 65.49 -78.22 -20.06
CA ARG D 62 65.40 -77.28 -18.94
C ARG D 62 64.85 -75.92 -19.38
N GLU D 63 65.21 -75.48 -20.58
CA GLU D 63 64.67 -74.24 -21.15
C GLU D 63 63.17 -74.31 -21.45
N ILE D 64 62.67 -75.47 -21.88
CA ILE D 64 61.24 -75.65 -22.14
C ILE D 64 60.40 -75.55 -20.87
N GLN D 65 60.87 -76.13 -19.76
CA GLN D 65 60.16 -76.01 -18.48
C GLN D 65 60.03 -74.56 -18.01
N THR D 66 61.10 -73.78 -18.08
CA THR D 66 61.02 -72.37 -17.69
C THR D 66 60.08 -71.58 -18.59
N ALA D 67 60.13 -71.82 -19.90
CA ALA D 67 59.23 -71.14 -20.82
C ALA D 67 57.76 -71.41 -20.49
N VAL D 68 57.42 -72.64 -20.13
CA VAL D 68 56.03 -72.97 -19.75
C VAL D 68 55.59 -72.19 -18.51
N ARG D 69 56.46 -72.08 -17.50
CA ARG D 69 56.13 -71.34 -16.28
C ARG D 69 55.89 -69.86 -16.53
N LEU D 70 56.51 -69.31 -17.57
CA LEU D 70 56.33 -67.91 -17.93
C LEU D 70 55.01 -67.69 -18.67
N LEU D 71 54.70 -68.55 -19.64
CA LEU D 71 53.56 -68.28 -20.51
C LEU D 71 52.24 -68.66 -19.85
N LEU D 72 52.16 -69.85 -19.23
CA LEU D 72 50.89 -70.37 -18.75
C LEU D 72 50.55 -69.85 -17.36
N PRO D 73 49.25 -69.69 -17.09
CA PRO D 73 48.80 -69.34 -15.73
C PRO D 73 49.20 -70.39 -14.70
N GLY D 74 49.17 -69.95 -13.43
CA GLY D 74 49.76 -70.71 -12.34
C GLY D 74 49.32 -72.17 -12.27
N GLU D 75 48.02 -72.42 -12.27
CA GLU D 75 47.52 -73.78 -12.16
C GLU D 75 47.91 -74.63 -13.36
N LEU D 76 47.64 -74.14 -14.57
CA LEU D 76 47.99 -74.89 -15.78
C LEU D 76 49.50 -75.12 -15.91
N ALA D 77 50.31 -74.14 -15.51
CA ALA D 77 51.76 -74.34 -15.56
C ALA D 77 52.26 -75.41 -14.60
N LYS D 78 51.74 -75.46 -13.37
CA LYS D 78 52.13 -76.51 -12.43
C LYS D 78 51.84 -77.89 -13.01
N HIS D 79 50.61 -78.10 -13.44
CA HIS D 79 50.18 -79.38 -14.00
C HIS D 79 50.93 -79.71 -15.30
N ALA D 80 51.10 -78.71 -16.18
CA ALA D 80 51.79 -78.95 -17.44
C ALA D 80 53.24 -79.36 -17.22
N VAL D 81 53.90 -78.76 -16.23
CA VAL D 81 55.27 -79.16 -15.90
C VAL D 81 55.32 -80.59 -15.40
N SER D 82 54.34 -80.99 -14.57
CA SER D 82 54.30 -82.37 -14.09
C SER D 82 54.23 -83.36 -15.25
N GLU D 83 53.25 -83.18 -16.16
CA GLU D 83 53.11 -84.08 -17.30
C GLU D 83 54.35 -84.07 -18.20
N GLY D 84 54.97 -82.91 -18.39
CA GLY D 84 56.15 -82.79 -19.22
C GLY D 84 57.34 -83.56 -18.68
N THR D 85 57.70 -83.28 -17.43
CA THR D 85 58.81 -83.95 -16.76
C THR D 85 58.55 -85.45 -16.62
N LYS D 86 57.30 -85.84 -16.43
CA LYS D 86 56.92 -87.25 -16.37
C LYS D 86 57.16 -87.96 -17.70
N ALA D 87 56.77 -87.35 -18.81
CA ALA D 87 56.95 -87.96 -20.12
C ALA D 87 58.43 -88.08 -20.50
N VAL D 88 59.23 -87.09 -20.14
CA VAL D 88 60.68 -87.13 -20.40
C VAL D 88 61.34 -88.26 -19.64
N THR D 89 60.97 -88.46 -18.37
CA THR D 89 61.51 -89.58 -17.61
C THR D 89 61.19 -90.92 -18.28
N LYS D 90 59.94 -91.09 -18.73
CA LYS D 90 59.55 -92.32 -19.40
C LYS D 90 60.30 -92.50 -20.73
N TYR D 91 60.58 -91.39 -21.44
CA TYR D 91 61.33 -91.51 -22.69
C TYR D 91 62.77 -91.93 -22.44
N THR D 92 63.41 -91.37 -21.41
CA THR D 92 64.79 -91.76 -21.16
C THR D 92 64.87 -93.14 -20.52
N SER D 93 63.73 -93.67 -20.09
CA SER D 93 63.65 -95.00 -19.46
C SER D 93 63.73 -96.12 -20.48
N SER D 94 63.20 -95.91 -21.70
CA SER D 94 63.19 -96.95 -22.72
C SER D 94 64.34 -96.77 -23.71
N PRO E 1 -4.40 -55.56 -32.62
CA PRO E 1 -3.70 -54.36 -32.15
C PRO E 1 -2.76 -54.66 -30.97
N HIS E 2 -1.74 -55.46 -31.22
CA HIS E 2 -0.77 -55.85 -30.21
C HIS E 2 0.56 -55.12 -30.37
N ARG E 3 1.03 -54.50 -29.28
CA ARG E 3 2.30 -53.78 -29.33
C ARG E 3 3.12 -54.08 -28.08
N TYR E 4 4.39 -54.43 -28.30
CA TYR E 4 5.38 -54.68 -27.26
C TYR E 4 5.93 -53.38 -26.69
N ARG E 5 6.27 -53.39 -25.40
CA ARG E 5 6.82 -52.21 -24.75
C ARG E 5 8.12 -51.81 -25.42
N PRO E 6 8.72 -50.65 -24.93
CA PRO E 6 9.98 -50.29 -25.59
C PRO E 6 11.18 -50.84 -24.81
N GLY E 7 11.74 -51.95 -25.30
CA GLY E 7 12.86 -52.56 -24.63
C GLY E 7 12.71 -54.05 -24.40
N THR E 8 12.03 -54.74 -25.31
CA THR E 8 11.83 -56.18 -25.17
C THR E 8 12.27 -56.95 -26.40
N VAL E 9 11.79 -56.54 -27.58
CA VAL E 9 12.25 -57.18 -28.80
C VAL E 9 13.77 -57.03 -28.97
N ALA E 10 14.33 -55.91 -28.53
CA ALA E 10 15.79 -55.76 -28.58
C ALA E 10 16.48 -56.82 -27.73
N LEU E 11 15.99 -57.03 -26.51
CA LEU E 11 16.58 -58.01 -25.60
C LEU E 11 16.45 -59.43 -26.13
N ARG E 12 15.30 -59.77 -26.70
CA ARG E 12 15.13 -61.07 -27.32
C ARG E 12 16.10 -61.27 -28.49
N GLU E 13 16.38 -60.20 -29.23
CA GLU E 13 17.38 -60.27 -30.28
C GLU E 13 18.78 -60.48 -29.71
N ILE E 14 19.06 -59.88 -28.55
CA ILE E 14 20.34 -60.06 -27.87
C ILE E 14 20.59 -61.53 -27.57
N ARG E 15 19.64 -62.16 -26.87
CA ARG E 15 19.75 -63.57 -26.54
C ARG E 15 19.82 -64.41 -27.80
N ARG E 16 18.97 -64.10 -28.78
CA ARG E 16 18.92 -64.83 -30.05
C ARG E 16 20.27 -64.83 -30.76
N TYR E 17 20.84 -63.64 -30.97
CA TYR E 17 22.07 -63.51 -31.75
C TYR E 17 23.34 -63.83 -30.97
N GLN E 18 23.27 -63.81 -29.64
CA GLN E 18 24.40 -64.26 -28.82
C GLN E 18 24.50 -65.78 -28.78
N LYS E 19 23.37 -66.49 -28.89
CA LYS E 19 23.35 -67.94 -28.94
C LYS E 19 23.79 -68.49 -30.30
N SER E 20 23.69 -67.68 -31.35
CA SER E 20 23.98 -68.11 -32.71
C SER E 20 25.36 -67.63 -33.14
N THR E 21 26.05 -68.48 -33.88
CA THR E 21 27.38 -68.22 -34.41
C THR E 21 27.38 -67.78 -35.86
N GLU E 22 26.20 -67.70 -36.48
CA GLU E 22 26.13 -67.36 -37.89
C GLU E 22 26.62 -65.95 -38.13
N LEU E 23 27.15 -65.71 -39.33
CA LEU E 23 27.67 -64.40 -39.66
C LEU E 23 26.52 -63.40 -39.79
N LEU E 24 26.65 -62.27 -39.09
CA LEU E 24 25.57 -61.30 -39.06
C LEU E 24 25.65 -60.28 -40.18
N ILE E 25 26.75 -60.24 -40.93
CA ILE E 25 26.91 -59.32 -42.05
C ILE E 25 26.68 -60.07 -43.35
N ARG E 26 25.95 -59.45 -44.26
CA ARG E 26 25.70 -60.04 -45.57
C ARG E 26 27.01 -60.22 -46.34
N LYS E 27 27.14 -61.37 -47.00
CA LYS E 27 28.42 -61.78 -47.61
C LYS E 27 28.78 -60.91 -48.81
N LEU E 28 27.86 -60.75 -49.76
CA LEU E 28 28.19 -60.08 -51.01
C LEU E 28 28.63 -58.63 -50.83
N PRO E 29 27.93 -57.78 -50.07
CA PRO E 29 28.41 -56.39 -49.92
C PRO E 29 29.77 -56.32 -49.26
N PHE E 30 30.05 -57.20 -48.29
CA PHE E 30 31.37 -57.21 -47.67
C PHE E 30 32.46 -57.53 -48.68
N GLN E 31 32.22 -58.48 -49.59
CA GLN E 31 33.23 -58.77 -50.60
C GLN E 31 33.52 -57.55 -51.47
N ARG E 32 32.46 -56.88 -51.94
CA ARG E 32 32.63 -55.68 -52.74
C ARG E 32 33.34 -54.58 -51.98
N LEU E 33 33.08 -54.46 -50.68
CA LEU E 33 33.83 -53.49 -49.87
C LEU E 33 35.31 -53.84 -49.82
N VAL E 34 35.62 -55.13 -49.65
CA VAL E 34 37.00 -55.58 -49.67
C VAL E 34 37.67 -55.29 -51.01
N ARG E 35 36.97 -55.57 -52.11
CA ARG E 35 37.52 -55.26 -53.44
C ARG E 35 37.84 -53.78 -53.60
N GLU E 36 36.88 -52.91 -53.29
CA GLU E 36 37.11 -51.48 -53.50
C GLU E 36 38.32 -51.00 -52.71
N ILE E 37 38.37 -51.31 -51.42
CA ILE E 37 39.49 -50.84 -50.61
C ILE E 37 40.78 -51.50 -51.06
N ALA E 38 40.74 -52.79 -51.40
CA ALA E 38 41.97 -53.45 -51.80
C ALA E 38 42.46 -52.88 -53.13
N GLN E 39 41.54 -52.36 -53.94
CA GLN E 39 41.90 -51.76 -55.22
C GLN E 39 42.78 -50.53 -55.00
N ASP E 40 42.73 -49.96 -53.79
CA ASP E 40 43.56 -48.79 -53.50
C ASP E 40 45.02 -49.20 -53.51
N PHE E 41 45.34 -50.32 -52.85
CA PHE E 41 46.74 -50.70 -52.70
C PHE E 41 47.24 -51.39 -53.97
N LYS E 42 46.38 -52.18 -54.62
CA LYS E 42 46.78 -52.88 -55.84
C LYS E 42 45.58 -53.07 -56.77
N THR E 43 45.86 -53.16 -58.06
CA THR E 43 44.84 -53.28 -59.08
C THR E 43 44.79 -54.72 -59.59
N ASP E 44 43.58 -55.17 -59.96
CA ASP E 44 43.38 -56.53 -60.49
C ASP E 44 43.85 -57.60 -59.52
N LEU E 45 43.40 -57.48 -58.28
CA LEU E 45 43.71 -58.43 -57.22
C LEU E 45 42.77 -59.64 -57.26
N ARG E 46 43.36 -60.82 -57.06
CA ARG E 46 42.60 -62.05 -56.90
C ARG E 46 42.51 -62.35 -55.41
N PHE E 47 41.37 -62.87 -54.98
CA PHE E 47 41.08 -63.17 -53.59
C PHE E 47 40.56 -64.60 -53.46
N GLN E 48 41.18 -65.41 -52.60
CA GLN E 48 40.62 -66.73 -52.33
C GLN E 48 39.27 -66.66 -51.63
N SER E 49 38.46 -67.70 -51.88
CA SER E 49 37.15 -67.82 -51.26
C SER E 49 37.30 -67.93 -49.74
N SER E 50 38.32 -68.65 -49.29
CA SER E 50 38.58 -68.82 -47.87
C SER E 50 39.14 -67.54 -47.27
N ALA E 51 39.76 -66.70 -48.12
CA ALA E 51 40.32 -65.43 -47.69
C ALA E 51 39.21 -64.45 -47.30
N VAL E 52 38.18 -64.33 -48.15
CA VAL E 52 37.05 -63.45 -47.84
C VAL E 52 36.33 -63.92 -46.58
N MET E 53 36.16 -65.23 -46.42
CA MET E 53 35.51 -65.74 -45.21
C MET E 53 36.28 -65.38 -43.96
N ALA E 54 37.61 -65.45 -44.01
CA ALA E 54 38.45 -65.05 -42.88
C ALA E 54 38.27 -63.59 -42.47
N LEU E 55 38.24 -62.67 -43.45
CA LEU E 55 38.00 -61.27 -43.15
C LEU E 55 36.68 -61.03 -42.41
N GLN E 56 35.61 -61.72 -42.79
CA GLN E 56 34.32 -61.49 -42.16
C GLN E 56 34.27 -61.98 -40.72
N GLU E 57 34.88 -63.14 -40.45
CA GLU E 57 34.94 -63.66 -39.10
C GLU E 57 35.73 -62.74 -38.18
N ALA E 58 36.92 -62.32 -38.62
CA ALA E 58 37.75 -61.42 -37.81
C ALA E 58 37.07 -60.08 -37.54
N SER E 59 36.45 -59.49 -38.57
CA SER E 59 35.76 -58.20 -38.41
C SER E 59 34.64 -58.26 -37.38
N GLU E 60 33.74 -59.23 -37.52
CA GLU E 60 32.61 -59.33 -36.59
C GLU E 60 33.09 -59.57 -35.16
N ALA E 61 34.11 -60.40 -34.99
CA ALA E 61 34.69 -60.61 -33.66
C ALA E 61 35.25 -59.32 -33.09
N TYR E 62 36.04 -58.59 -33.87
CA TYR E 62 36.58 -57.32 -33.41
C TYR E 62 35.45 -56.37 -33.02
N LEU E 63 34.43 -56.28 -33.88
CA LEU E 63 33.33 -55.37 -33.60
C LEU E 63 32.53 -55.80 -32.37
N VAL E 64 32.33 -57.11 -32.19
CA VAL E 64 31.56 -57.59 -31.04
C VAL E 64 32.30 -57.30 -29.74
N GLY E 65 33.59 -57.62 -29.70
CA GLY E 65 34.38 -57.29 -28.51
C GLY E 65 34.33 -55.80 -28.22
N LEU E 66 34.45 -54.99 -29.28
CA LEU E 66 34.33 -53.55 -29.18
C LEU E 66 32.96 -53.17 -28.65
N PHE E 67 31.90 -53.82 -29.14
CA PHE E 67 30.56 -53.51 -28.68
C PHE E 67 30.37 -53.83 -27.20
N GLU E 68 31.04 -54.85 -26.66
CA GLU E 68 30.99 -55.06 -25.22
C GLU E 68 31.68 -53.93 -24.48
N ASP E 69 32.89 -53.56 -24.91
CA ASP E 69 33.60 -52.44 -24.31
C ASP E 69 32.84 -51.12 -24.47
N THR E 70 32.19 -50.92 -25.61
CA THR E 70 31.40 -49.70 -25.78
C THR E 70 30.17 -49.71 -24.88
N ASN E 71 29.53 -50.88 -24.76
CA ASN E 71 28.37 -51.01 -23.89
C ASN E 71 28.73 -50.70 -22.45
N LEU E 72 29.87 -51.20 -21.99
CA LEU E 72 30.34 -50.90 -20.64
C LEU E 72 30.55 -49.41 -20.43
N CYS E 73 31.07 -48.72 -21.46
CA CYS E 73 31.25 -47.27 -21.35
C CYS E 73 29.93 -46.54 -21.23
N ALA E 74 28.92 -46.95 -22.00
CA ALA E 74 27.62 -46.30 -21.93
C ALA E 74 26.97 -46.54 -20.57
N ILE E 75 27.10 -47.76 -20.06
CA ILE E 75 26.55 -48.12 -18.75
C ILE E 75 27.27 -47.37 -17.64
N HIS E 76 28.59 -47.20 -17.78
CA HIS E 76 29.37 -46.45 -16.80
C HIS E 76 28.96 -44.98 -16.74
N ALA E 77 28.35 -44.46 -17.79
CA ALA E 77 27.86 -43.10 -17.84
C ALA E 77 26.42 -43.03 -17.34
N LYS E 78 25.93 -44.13 -16.77
CA LYS E 78 24.55 -44.27 -16.31
C LYS E 78 23.61 -44.07 -17.49
N ARG E 79 23.96 -44.75 -18.59
CA ARG E 79 23.21 -44.68 -19.82
C ARG E 79 22.96 -46.09 -20.37
N VAL E 80 21.76 -46.27 -20.92
CA VAL E 80 21.34 -47.54 -21.52
C VAL E 80 21.59 -47.53 -23.02
N THR E 81 21.99 -46.40 -23.57
CA THR E 81 22.23 -46.27 -25.00
C THR E 81 23.71 -46.03 -25.26
N ILE E 82 24.23 -46.67 -26.29
CA ILE E 82 25.61 -46.43 -26.71
C ILE E 82 25.64 -45.21 -27.60
N MET E 83 26.72 -44.44 -27.50
CA MET E 83 26.89 -43.20 -28.24
C MET E 83 28.32 -43.12 -28.76
N PRO E 84 28.57 -42.28 -29.78
CA PRO E 84 29.93 -42.13 -30.30
C PRO E 84 30.94 -41.78 -29.22
N LYS E 85 30.51 -41.08 -28.16
CA LYS E 85 31.42 -40.81 -27.05
C LYS E 85 31.97 -42.11 -26.48
N ASP E 86 31.12 -43.13 -26.32
CA ASP E 86 31.58 -44.41 -25.80
C ASP E 86 32.56 -45.07 -26.76
N ILE E 87 32.29 -44.98 -28.07
CA ILE E 87 33.17 -45.60 -29.05
C ILE E 87 34.53 -44.93 -29.04
N GLN E 88 34.56 -43.60 -29.09
CA GLN E 88 35.83 -42.89 -29.05
C GLN E 88 36.59 -43.17 -27.76
N LEU E 89 35.87 -43.27 -26.63
CA LEU E 89 36.50 -43.63 -25.37
C LEU E 89 37.10 -45.03 -25.39
N ALA E 90 36.31 -46.03 -25.80
CA ALA E 90 36.79 -47.40 -25.84
C ALA E 90 38.04 -47.56 -26.70
N ARG E 91 38.06 -46.96 -27.89
CA ARG E 91 39.23 -47.05 -28.75
C ARG E 91 40.43 -46.33 -28.15
N ARG E 92 40.20 -45.25 -27.41
CA ARG E 92 41.32 -44.53 -26.81
C ARG E 92 41.96 -45.35 -25.70
N ILE E 93 41.15 -46.05 -24.90
CA ILE E 93 41.77 -46.84 -23.84
C ILE E 93 42.41 -48.07 -24.44
N ARG E 94 41.84 -48.62 -25.51
CA ARG E 94 42.44 -49.77 -26.17
C ARG E 94 43.84 -49.47 -26.67
N GLY E 95 44.06 -48.26 -27.21
CA GLY E 95 45.32 -47.94 -27.82
C GLY E 95 45.30 -47.94 -29.34
N GLU E 96 44.13 -48.12 -29.96
CA GLU E 96 44.03 -48.13 -31.41
C GLU E 96 44.16 -46.74 -32.02
N ARG E 97 43.42 -45.76 -31.49
CA ARG E 97 43.43 -44.37 -31.97
C ARG E 97 43.45 -44.26 -33.50
N VAL F 1 37.48 -41.46 -57.68
CA VAL F 1 36.86 -42.58 -58.38
C VAL F 1 36.56 -43.69 -57.36
N LEU F 2 36.12 -43.27 -56.17
CA LEU F 2 35.70 -44.20 -55.14
C LEU F 2 34.24 -44.59 -55.37
N ARG F 3 34.00 -45.89 -55.62
CA ARG F 3 32.67 -46.46 -55.46
C ARG F 3 32.63 -46.99 -54.03
N ASP F 4 32.02 -46.20 -53.14
CA ASP F 4 31.96 -46.55 -51.72
C ASP F 4 30.99 -47.68 -51.44
N ASN F 5 31.54 -48.85 -51.12
CA ASN F 5 30.81 -50.09 -50.88
C ASN F 5 30.61 -50.27 -49.39
N ILE F 6 31.15 -49.33 -48.61
CA ILE F 6 31.01 -49.21 -47.17
C ILE F 6 29.58 -48.86 -46.78
N GLN F 7 28.81 -48.24 -47.67
CA GLN F 7 27.40 -48.03 -47.36
C GLN F 7 26.60 -49.31 -47.54
N GLY F 8 27.22 -50.35 -48.09
CA GLY F 8 26.58 -51.65 -48.23
C GLY F 8 26.31 -52.33 -46.90
N ILE F 9 26.91 -51.83 -45.82
CA ILE F 9 26.65 -52.30 -44.47
C ILE F 9 25.39 -51.62 -43.97
N THR F 10 24.31 -52.38 -43.84
CA THR F 10 22.99 -51.84 -43.56
C THR F 10 22.80 -51.51 -42.09
N LYS F 11 21.84 -50.62 -41.82
CA LYS F 11 21.44 -50.31 -40.45
C LYS F 11 21.04 -51.52 -39.62
N PRO F 12 20.17 -52.43 -40.08
CA PRO F 12 19.81 -53.59 -39.24
C PRO F 12 20.96 -54.56 -39.06
N ALA F 13 21.94 -54.55 -39.97
CA ALA F 13 23.13 -55.38 -39.81
C ALA F 13 23.95 -54.88 -38.63
N ILE F 14 24.22 -53.58 -38.61
CA ILE F 14 24.89 -52.96 -37.47
C ILE F 14 24.07 -53.17 -36.20
N ARG F 15 22.73 -53.15 -36.34
CA ARG F 15 21.87 -53.40 -35.18
C ARG F 15 22.07 -54.80 -34.61
N ARG F 16 22.19 -55.81 -35.48
CA ARG F 16 22.40 -57.18 -35.03
C ARG F 16 23.75 -57.39 -34.34
N LEU F 17 24.83 -56.85 -34.93
CA LEU F 17 26.15 -56.98 -34.32
C LEU F 17 26.18 -56.39 -32.92
N ALA F 18 25.53 -55.25 -32.72
CA ALA F 18 25.47 -54.65 -31.39
C ALA F 18 24.62 -55.47 -30.44
N ARG F 19 23.59 -56.15 -30.96
CA ARG F 19 22.80 -57.04 -30.13
C ARG F 19 23.62 -58.22 -29.64
N ARG F 20 24.49 -58.77 -30.50
CA ARG F 20 25.41 -59.81 -30.09
C ARG F 20 26.43 -59.29 -29.07
N GLY F 21 26.81 -58.02 -29.19
CA GLY F 21 27.65 -57.39 -28.19
C GLY F 21 26.97 -57.24 -26.85
N GLY F 22 25.64 -57.20 -26.83
CA GLY F 22 24.89 -57.13 -25.60
C GLY F 22 24.33 -55.77 -25.25
N VAL F 23 24.20 -54.87 -26.21
CA VAL F 23 23.67 -53.54 -25.96
C VAL F 23 22.15 -53.57 -26.17
N LYS F 24 21.45 -52.86 -25.30
CA LYS F 24 19.99 -52.77 -25.40
C LYS F 24 19.58 -51.71 -26.40
N ARG F 25 20.19 -50.52 -26.33
CA ARG F 25 19.82 -49.39 -27.17
C ARG F 25 21.04 -48.83 -27.90
N ILE F 26 20.79 -48.37 -29.12
CA ILE F 26 21.83 -47.90 -30.03
C ILE F 26 21.47 -46.48 -30.45
N SER F 27 22.47 -45.60 -30.43
CA SER F 27 22.30 -44.23 -30.90
C SER F 27 22.19 -44.19 -32.42
N GLY F 28 21.64 -43.09 -32.91
CA GLY F 28 21.43 -42.95 -34.34
C GLY F 28 22.73 -42.70 -35.07
N LEU F 29 23.67 -42.02 -34.41
CA LEU F 29 24.97 -41.67 -34.99
C LEU F 29 25.95 -42.83 -34.97
N ILE F 30 25.62 -43.94 -34.29
CA ILE F 30 26.57 -45.05 -34.21
C ILE F 30 26.80 -45.66 -35.58
N TYR F 31 25.76 -45.72 -36.41
CA TYR F 31 25.86 -46.46 -37.67
C TYR F 31 26.93 -45.90 -38.59
N GLU F 32 27.05 -44.57 -38.67
CA GLU F 32 28.12 -43.94 -39.46
C GLU F 32 29.48 -44.09 -38.81
N GLU F 33 29.56 -43.91 -37.49
CA GLU F 33 30.81 -44.10 -36.77
C GLU F 33 31.38 -45.50 -36.98
N THR F 34 30.53 -46.52 -36.94
CA THR F 34 30.99 -47.89 -37.16
C THR F 34 31.55 -48.09 -38.56
N ARG F 35 30.90 -47.52 -39.59
CA ARG F 35 31.43 -47.66 -40.94
C ARG F 35 32.84 -47.07 -41.05
N GLY F 36 33.09 -45.94 -40.38
CA GLY F 36 34.42 -45.38 -40.39
C GLY F 36 35.43 -46.29 -39.72
N VAL F 37 35.10 -46.76 -38.52
CA VAL F 37 35.99 -47.65 -37.78
C VAL F 37 36.27 -48.91 -38.60
N LEU F 38 35.22 -49.49 -39.17
CA LEU F 38 35.39 -50.69 -40.00
C LEU F 38 36.25 -50.42 -41.23
N LYS F 39 36.07 -49.27 -41.87
CA LYS F 39 36.90 -48.93 -43.03
C LYS F 39 38.37 -48.81 -42.65
N VAL F 40 38.67 -48.11 -41.55
CA VAL F 40 40.05 -47.98 -41.09
C VAL F 40 40.67 -49.34 -40.76
N PHE F 41 39.97 -50.15 -39.96
CA PHE F 41 40.47 -51.49 -39.64
C PHE F 41 40.80 -52.28 -40.90
N LEU F 42 39.81 -52.50 -41.77
CA LEU F 42 40.06 -53.21 -43.02
C LEU F 42 41.20 -52.57 -43.82
N GLU F 43 41.25 -51.24 -43.87
CA GLU F 43 42.33 -50.60 -44.63
C GLU F 43 43.67 -51.01 -44.07
N ASN F 44 43.84 -50.97 -42.75
CA ASN F 44 45.10 -51.36 -42.16
C ASN F 44 45.38 -52.83 -42.42
N VAL F 45 44.40 -53.69 -42.10
CA VAL F 45 44.57 -55.13 -42.24
C VAL F 45 44.84 -55.51 -43.71
N ILE F 46 44.05 -54.96 -44.63
CA ILE F 46 44.26 -55.28 -46.04
C ILE F 46 45.61 -54.76 -46.53
N ARG F 47 46.08 -53.63 -45.99
CA ARG F 47 47.39 -53.13 -46.36
C ARG F 47 48.49 -54.13 -46.03
N ASP F 48 48.45 -54.70 -44.83
CA ASP F 48 49.46 -55.68 -44.43
C ASP F 48 49.32 -57.00 -45.18
N ALA F 49 48.10 -57.49 -45.35
CA ALA F 49 47.92 -58.76 -46.07
C ALA F 49 48.44 -58.66 -47.50
N VAL F 50 48.12 -57.56 -48.19
CA VAL F 50 48.55 -57.35 -49.56
C VAL F 50 50.07 -57.21 -49.65
N THR F 51 50.69 -56.60 -48.64
CA THR F 51 52.15 -56.54 -48.61
C THR F 51 52.75 -57.95 -48.52
N TYR F 52 52.16 -58.82 -47.71
CA TYR F 52 52.58 -60.22 -47.71
C TYR F 52 52.39 -60.85 -49.07
N THR F 53 51.24 -60.56 -49.71
CA THR F 53 50.94 -61.09 -51.03
C THR F 53 51.92 -60.56 -52.08
N GLU F 54 52.27 -59.28 -52.02
CA GLU F 54 53.23 -58.73 -52.98
C GLU F 54 54.61 -59.31 -52.77
N HIS F 55 54.97 -59.61 -51.53
CA HIS F 55 56.26 -60.22 -51.21
C HIS F 55 56.38 -61.63 -51.78
N ALA F 56 55.26 -62.34 -51.89
CA ALA F 56 55.21 -63.68 -52.44
C ALA F 56 55.03 -63.69 -53.95
N LYS F 57 55.03 -62.50 -54.57
CA LYS F 57 54.91 -62.35 -56.03
C LYS F 57 53.65 -63.01 -56.56
N ARG F 58 52.58 -62.98 -55.77
CA ARG F 58 51.30 -63.48 -56.23
C ARG F 58 50.39 -62.30 -56.55
N LYS F 59 49.51 -62.51 -57.52
CA LYS F 59 48.48 -61.55 -57.82
C LYS F 59 47.19 -61.90 -57.09
N THR F 60 47.24 -62.99 -56.31
CA THR F 60 46.11 -63.48 -55.54
C THR F 60 46.43 -63.42 -54.05
N VAL F 61 45.48 -62.91 -53.27
CA VAL F 61 45.64 -62.77 -51.82
C VAL F 61 45.10 -64.04 -51.15
N THR F 62 46.00 -64.82 -50.54
CA THR F 62 45.56 -66.03 -49.85
C THR F 62 44.99 -65.70 -48.46
N ALA F 63 44.22 -66.65 -47.93
CA ALA F 63 43.73 -66.55 -46.55
C ALA F 63 44.89 -66.52 -45.55
N MET F 64 46.00 -67.17 -45.88
CA MET F 64 47.20 -67.18 -45.05
C MET F 64 47.77 -65.78 -44.89
N ASP F 65 47.61 -64.95 -45.92
CA ASP F 65 48.02 -63.54 -45.86
C ASP F 65 47.26 -62.78 -44.78
N VAL F 66 45.95 -63.01 -44.69
CA VAL F 66 45.12 -62.36 -43.67
C VAL F 66 45.50 -62.85 -42.28
N VAL F 67 45.77 -64.15 -42.14
CA VAL F 67 46.14 -64.72 -40.84
C VAL F 67 47.42 -64.09 -40.32
N TYR F 68 48.46 -64.02 -41.16
CA TYR F 68 49.72 -63.41 -40.74
C TYR F 68 49.53 -61.94 -40.40
N ALA F 69 48.78 -61.21 -41.22
CA ALA F 69 48.50 -59.80 -40.97
C ALA F 69 47.79 -59.58 -39.63
N LEU F 70 46.73 -60.35 -39.37
CA LEU F 70 46.03 -60.28 -38.10
C LEU F 70 46.93 -60.63 -36.90
N LYS F 71 47.80 -61.62 -37.05
CA LYS F 71 48.69 -61.98 -35.94
C LYS F 71 49.62 -60.82 -35.58
N ARG F 72 50.07 -60.08 -36.59
CA ARG F 72 50.94 -58.91 -36.36
C ARG F 72 50.15 -57.79 -35.72
N GLN F 73 48.87 -57.66 -36.09
CA GLN F 73 48.00 -56.64 -35.54
C GLN F 73 47.70 -56.91 -34.07
N GLY F 74 47.95 -58.13 -33.60
CA GLY F 74 47.68 -58.52 -32.22
C GLY F 74 46.49 -59.43 -32.07
N ARG F 75 45.64 -59.52 -33.08
CA ARG F 75 44.47 -60.37 -33.08
C ARG F 75 44.76 -61.65 -33.85
N THR F 76 44.93 -62.77 -33.16
CA THR F 76 45.32 -63.99 -33.85
C THR F 76 44.05 -64.76 -34.16
N LEU F 77 43.99 -65.35 -35.36
CA LEU F 77 42.80 -66.04 -35.83
C LEU F 77 43.04 -67.54 -35.98
N TYR F 78 42.16 -68.33 -35.39
CA TYR F 78 42.21 -69.79 -35.44
C TYR F 78 41.22 -70.31 -36.47
N GLY F 79 41.55 -71.43 -37.10
CA GLY F 79 40.63 -72.12 -37.98
C GLY F 79 40.89 -72.00 -39.46
N PHE F 80 41.61 -70.96 -39.91
CA PHE F 80 41.94 -70.82 -41.32
C PHE F 80 43.40 -71.15 -41.59
N GLY F 81 44.05 -71.84 -40.66
CA GLY F 81 45.42 -72.28 -40.83
C GLY F 81 46.32 -71.67 -39.77
N GLY F 82 47.61 -71.60 -40.06
CA GLY F 82 48.56 -71.06 -39.10
C GLY F 82 48.74 -71.91 -37.85
N SER G 2 86.68 -50.28 -45.99
CA SER G 2 85.69 -51.04 -45.23
C SER G 2 84.34 -51.04 -45.94
N ARG G 3 83.48 -51.99 -45.55
CA ARG G 3 82.15 -52.08 -46.15
C ARG G 3 81.19 -51.00 -45.66
N SER G 4 81.41 -50.44 -44.47
CA SER G 4 80.53 -49.36 -44.03
C SER G 4 80.70 -48.12 -44.92
N ASN G 5 81.95 -47.83 -45.32
CA ASN G 5 82.19 -46.71 -46.22
C ASN G 5 81.66 -47.00 -47.61
N ARG G 6 81.77 -48.26 -48.04
CA ARG G 6 81.27 -48.67 -49.35
C ARG G 6 79.75 -48.56 -49.45
N ALA G 7 79.03 -48.94 -48.40
CA ALA G 7 77.58 -48.81 -48.47
C ALA G 7 77.12 -47.37 -48.25
N GLY G 8 77.99 -46.53 -47.71
CA GLY G 8 77.67 -45.15 -47.39
C GLY G 8 76.80 -45.08 -46.15
N LEU G 9 77.09 -45.91 -45.16
CA LEU G 9 76.34 -45.96 -43.92
C LEU G 9 77.31 -45.88 -42.77
N GLN G 10 76.86 -45.27 -41.67
CA GLN G 10 77.70 -45.23 -40.49
C GLN G 10 77.59 -46.50 -39.67
N PHE G 11 76.42 -47.12 -39.63
CA PHE G 11 76.23 -48.34 -38.84
C PHE G 11 77.04 -49.49 -39.42
N PRO G 12 77.69 -50.31 -38.56
CA PRO G 12 78.59 -51.35 -39.06
C PRO G 12 77.84 -52.49 -39.75
N VAL G 13 77.94 -52.59 -41.07
CA VAL G 13 77.30 -53.71 -41.77
C VAL G 13 77.95 -55.03 -41.39
N GLY G 14 79.27 -55.03 -41.18
CA GLY G 14 79.95 -56.27 -40.79
C GLY G 14 79.49 -56.84 -39.46
N ARG G 15 79.32 -55.98 -38.46
CA ARG G 15 78.79 -56.43 -37.17
C ARG G 15 77.38 -56.99 -37.33
N ILE G 16 76.55 -56.32 -38.14
CA ILE G 16 75.18 -56.77 -38.37
C ILE G 16 75.17 -58.11 -39.09
N HIS G 17 76.11 -58.29 -40.03
CA HIS G 17 76.27 -59.55 -40.76
C HIS G 17 76.61 -60.72 -39.83
N ARG G 18 77.55 -60.52 -38.89
CA ARG G 18 77.90 -61.57 -37.94
C ARG G 18 76.71 -61.97 -37.06
N LEU G 19 75.96 -61.00 -36.54
CA LEU G 19 74.83 -61.30 -35.67
C LEU G 19 73.71 -62.02 -36.43
N LEU G 20 73.54 -61.72 -37.72
CA LEU G 20 72.53 -62.41 -38.52
C LEU G 20 72.91 -63.85 -38.78
N ARG G 21 74.20 -64.14 -38.95
CA ARG G 21 74.61 -65.53 -39.16
C ARG G 21 74.52 -66.31 -37.86
N LYS G 22 74.84 -65.68 -36.73
CA LYS G 22 74.90 -66.37 -35.45
C LYS G 22 73.59 -66.23 -34.65
N GLY G 23 72.62 -65.49 -35.17
CA GLY G 23 71.39 -65.22 -34.45
C GLY G 23 70.27 -66.22 -34.67
N ASN G 24 70.54 -67.32 -35.38
CA ASN G 24 69.56 -68.37 -35.67
C ASN G 24 68.33 -67.84 -36.41
N TYR G 25 68.50 -66.80 -37.23
CA TYR G 25 67.34 -66.31 -37.99
C TYR G 25 67.11 -67.13 -39.25
N ALA G 26 68.18 -67.59 -39.90
CA ALA G 26 68.08 -68.43 -41.09
C ALA G 26 69.38 -69.19 -41.25
N GLU G 27 69.38 -70.12 -42.21
CA GLU G 27 70.59 -70.89 -42.49
C GLU G 27 71.68 -70.01 -43.09
N ARG G 28 71.31 -69.17 -44.05
CA ARG G 28 72.26 -68.29 -44.72
C ARG G 28 71.70 -66.87 -44.71
N VAL G 29 72.62 -65.90 -44.69
CA VAL G 29 72.26 -64.49 -44.63
C VAL G 29 72.70 -63.86 -45.94
N GLY G 30 71.79 -63.13 -46.58
CA GLY G 30 72.11 -62.46 -47.82
C GLY G 30 73.17 -61.39 -47.67
N ALA G 31 73.73 -61.00 -48.83
CA ALA G 31 74.78 -60.00 -48.86
C ALA G 31 74.20 -58.59 -48.71
N GLY G 32 73.00 -58.36 -49.22
CA GLY G 32 72.41 -57.04 -49.13
C GLY G 32 71.53 -56.82 -47.93
N ALA G 33 71.18 -57.90 -47.22
CA ALA G 33 70.31 -57.74 -46.04
C ALA G 33 70.97 -56.90 -44.95
N PRO G 34 72.21 -57.18 -44.52
CA PRO G 34 72.78 -56.36 -43.44
C PRO G 34 73.00 -54.92 -43.86
N VAL G 35 73.19 -54.67 -45.16
CA VAL G 35 73.27 -53.32 -45.68
C VAL G 35 71.91 -52.63 -45.57
N TYR G 36 70.86 -53.30 -46.01
CA TYR G 36 69.49 -52.77 -45.90
C TYR G 36 69.17 -52.45 -44.44
N LEU G 37 69.43 -53.40 -43.54
CA LEU G 37 69.13 -53.20 -42.12
C LEU G 37 69.91 -52.03 -41.55
N ALA G 38 71.21 -51.92 -41.88
CA ALA G 38 71.98 -50.79 -41.38
C ALA G 38 71.37 -49.47 -41.84
N ALA G 39 70.91 -49.41 -43.09
CA ALA G 39 70.29 -48.19 -43.60
C ALA G 39 69.01 -47.89 -42.81
N VAL G 40 68.20 -48.91 -42.56
CA VAL G 40 66.95 -48.75 -41.82
C VAL G 40 67.23 -48.29 -40.40
N MET G 41 68.18 -48.96 -39.73
CA MET G 41 68.54 -48.59 -38.37
C MET G 41 69.05 -47.14 -38.32
N GLU G 42 69.93 -46.77 -39.25
CA GLU G 42 70.43 -45.39 -39.28
C GLU G 42 69.33 -44.37 -39.51
N TYR G 43 68.37 -44.66 -40.39
CA TYR G 43 67.29 -43.72 -40.67
C TYR G 43 66.41 -43.49 -39.44
N LEU G 44 65.94 -44.58 -38.82
CA LEU G 44 65.07 -44.45 -37.65
C LEU G 44 65.79 -43.75 -36.50
N ALA G 45 67.05 -44.10 -36.25
CA ALA G 45 67.83 -43.42 -35.23
C ALA G 45 67.95 -41.94 -35.54
N ALA G 46 68.14 -41.58 -36.82
CA ALA G 46 68.23 -40.18 -37.19
C ALA G 46 66.91 -39.45 -36.94
N GLU G 47 65.77 -40.09 -37.27
CA GLU G 47 64.48 -39.47 -37.02
C GLU G 47 64.29 -39.21 -35.52
N VAL G 48 64.53 -40.24 -34.70
CA VAL G 48 64.41 -40.09 -33.25
C VAL G 48 65.35 -38.99 -32.77
N LEU G 49 66.58 -39.00 -33.29
CA LEU G 49 67.61 -38.05 -32.87
C LEU G 49 67.27 -36.63 -33.30
N GLU G 50 66.59 -36.46 -34.44
CA GLU G 50 66.27 -35.11 -34.87
C GLU G 50 65.15 -34.51 -34.03
N LEU G 51 64.07 -35.26 -33.77
CA LEU G 51 63.01 -34.70 -32.93
C LEU G 51 63.52 -34.47 -31.51
N ALA G 52 64.37 -35.37 -31.03
CA ALA G 52 65.03 -35.19 -29.73
C ALA G 52 66.07 -34.08 -29.78
N GLY G 53 66.69 -33.88 -30.95
CA GLY G 53 67.60 -32.77 -31.11
C GLY G 53 66.88 -31.44 -31.06
N ASN G 54 65.72 -31.36 -31.73
CA ASN G 54 64.85 -30.20 -31.60
C ASN G 54 64.38 -30.03 -30.16
N ALA G 55 64.10 -31.13 -29.47
CA ALA G 55 63.74 -31.07 -28.05
C ALA G 55 64.87 -30.59 -27.14
N ALA G 56 66.14 -30.82 -27.50
CA ALA G 56 67.19 -30.30 -26.63
C ALA G 56 67.38 -28.80 -26.78
N ARG G 57 67.36 -28.27 -28.00
CA ARG G 57 67.50 -26.83 -28.18
C ARG G 57 66.27 -26.06 -27.68
N ASP G 58 65.09 -26.68 -27.73
CA ASP G 58 63.89 -26.07 -27.19
C ASP G 58 63.92 -25.92 -25.67
N ASN G 59 64.66 -26.78 -24.97
CA ASN G 59 64.79 -26.67 -23.51
C ASN G 59 65.99 -25.83 -23.09
N LYS G 60 66.71 -25.23 -24.04
CA LYS G 60 67.87 -24.40 -23.75
C LYS G 60 68.94 -25.20 -23.01
N LYS G 61 69.16 -26.43 -23.45
CA LYS G 61 70.16 -27.32 -22.88
C LYS G 61 71.05 -27.78 -24.02
N THR G 62 72.35 -27.87 -23.77
CA THR G 62 73.24 -28.30 -24.84
C THR G 62 73.34 -29.82 -24.92
N ARG G 63 72.82 -30.54 -23.93
CA ARG G 63 72.97 -31.99 -23.83
C ARG G 63 71.59 -32.63 -23.72
N ILE G 64 71.34 -33.67 -24.53
CA ILE G 64 70.04 -34.35 -24.60
C ILE G 64 69.88 -35.31 -23.42
N ILE G 65 68.73 -35.22 -22.76
CA ILE G 65 68.34 -36.08 -21.65
C ILE G 65 67.08 -36.85 -22.03
N PRO G 66 66.81 -37.96 -21.31
CA PRO G 66 65.61 -38.79 -21.56
C PRO G 66 64.28 -38.05 -21.63
N ARG G 67 64.14 -36.94 -20.93
CA ARG G 67 62.91 -36.14 -21.02
C ARG G 67 62.66 -35.71 -22.46
N HIS G 68 63.71 -35.31 -23.18
CA HIS G 68 63.59 -34.94 -24.59
C HIS G 68 63.17 -36.13 -25.45
N LEU G 69 63.66 -37.34 -25.14
CA LEU G 69 63.27 -38.55 -25.87
C LEU G 69 61.77 -38.86 -25.78
N GLN G 70 61.18 -38.81 -24.58
CA GLN G 70 59.74 -39.06 -24.43
C GLN G 70 58.88 -38.08 -25.22
N LEU G 71 59.19 -36.78 -25.09
CA LEU G 71 58.48 -35.72 -25.80
C LEU G 71 58.47 -35.90 -27.33
N ALA G 72 59.60 -36.30 -27.91
CA ALA G 72 59.68 -36.49 -29.35
C ALA G 72 58.72 -37.57 -29.87
N ILE G 73 58.65 -38.72 -29.20
CA ILE G 73 57.86 -39.83 -29.74
C ILE G 73 56.37 -39.57 -29.62
N ARG G 74 55.90 -39.13 -28.44
CA ARG G 74 54.46 -39.00 -28.25
C ARG G 74 53.87 -37.84 -29.02
N ASN G 75 54.67 -36.80 -29.30
CA ASN G 75 54.17 -35.68 -30.08
C ASN G 75 54.18 -35.96 -31.57
N ASP G 76 54.92 -36.98 -32.00
CA ASP G 76 54.96 -37.40 -33.40
C ASP G 76 53.98 -38.54 -33.59
N GLU G 77 53.01 -38.34 -34.48
CA GLU G 77 51.97 -39.35 -34.71
C GLU G 77 52.57 -40.67 -35.18
N GLU G 78 53.48 -40.60 -36.15
CA GLU G 78 54.14 -41.80 -36.68
C GLU G 78 54.96 -42.53 -35.61
N LEU G 79 55.77 -41.79 -34.85
CA LEU G 79 56.62 -42.36 -33.80
C LEU G 79 55.84 -42.95 -32.62
N ASN G 80 54.73 -42.34 -32.24
CA ASN G 80 53.90 -42.85 -31.14
C ASN G 80 53.25 -44.19 -31.48
N LYS G 81 52.79 -44.36 -32.72
CA LYS G 81 52.21 -45.65 -33.14
C LYS G 81 53.21 -46.79 -33.08
N LEU G 82 54.45 -46.56 -33.51
CA LEU G 82 55.45 -47.62 -33.49
C LEU G 82 55.85 -48.05 -32.08
N LEU G 83 56.08 -47.09 -31.19
CA LEU G 83 56.54 -47.30 -29.81
C LEU G 83 55.43 -47.34 -28.75
N SER G 84 54.16 -47.45 -29.17
CA SER G 84 53.03 -47.47 -28.24
C SER G 84 53.17 -48.52 -27.13
N GLY G 85 53.84 -49.62 -27.40
CA GLY G 85 54.04 -50.66 -26.40
C GLY G 85 55.26 -50.54 -25.50
N VAL G 86 56.00 -49.43 -25.58
CA VAL G 86 57.26 -49.26 -24.84
C VAL G 86 57.14 -48.04 -23.92
N THR G 87 57.53 -48.22 -22.66
CA THR G 87 57.62 -47.16 -21.65
C THR G 87 59.06 -46.69 -21.47
N ILE G 88 59.27 -45.38 -21.59
CA ILE G 88 60.60 -44.77 -21.49
C ILE G 88 60.91 -44.39 -20.04
N ALA G 89 62.03 -44.92 -19.54
CA ALA G 89 62.47 -44.68 -18.17
C ALA G 89 62.86 -43.23 -17.95
N GLN G 90 62.42 -42.68 -16.81
CA GLN G 90 62.62 -41.29 -16.42
C GLN G 90 62.03 -40.35 -17.47
N GLY G 91 61.02 -40.84 -18.20
CA GLY G 91 60.39 -40.07 -19.25
C GLY G 91 59.23 -39.19 -18.84
N GLY G 92 58.55 -39.55 -17.75
CA GLY G 92 57.40 -38.78 -17.37
C GLY G 92 56.29 -39.00 -18.40
N VAL G 93 55.31 -38.13 -18.34
CA VAL G 93 54.14 -38.16 -19.21
C VAL G 93 54.08 -36.83 -19.94
N LEU G 94 53.48 -36.84 -21.12
CA LEU G 94 53.25 -35.60 -21.83
C LEU G 94 52.29 -34.73 -21.01
N PRO G 95 52.61 -33.45 -20.82
CA PRO G 95 51.74 -32.57 -20.03
C PRO G 95 50.40 -32.29 -20.70
N ASN G 96 49.39 -33.03 -20.27
CA ASN G 96 48.03 -32.94 -20.78
C ASN G 96 47.09 -32.81 -19.59
N ILE G 97 46.15 -31.87 -19.67
CA ILE G 97 45.15 -31.68 -18.64
C ILE G 97 43.81 -31.53 -19.35
N GLN G 98 42.86 -32.38 -18.96
CA GLN G 98 41.53 -32.35 -19.56
C GLN G 98 40.81 -31.06 -19.21
N ALA G 99 40.04 -30.55 -20.19
CA ALA G 99 39.40 -29.24 -20.06
C ALA G 99 38.32 -29.22 -19.00
N VAL G 100 37.80 -30.38 -18.60
CA VAL G 100 36.74 -30.43 -17.59
C VAL G 100 37.23 -30.08 -16.20
N LEU G 101 38.53 -30.19 -15.93
CA LEU G 101 39.03 -29.88 -14.59
C LEU G 101 39.20 -28.37 -14.38
N LEU G 102 39.41 -27.60 -15.43
CA LEU G 102 39.67 -26.17 -15.25
C LEU G 102 38.39 -25.43 -14.89
N PRO G 103 38.42 -24.56 -13.89
CA PRO G 103 37.20 -23.83 -13.51
C PRO G 103 36.86 -22.73 -14.50
N LYS G 104 35.59 -22.34 -14.47
CA LYS G 104 35.05 -21.23 -15.24
C LYS G 104 35.89 -19.96 -15.09
N LYS H 2 85.15 -59.84 -20.25
CA LYS H 2 85.19 -58.54 -19.60
C LYS H 2 84.84 -57.47 -20.63
N ARG H 3 85.30 -57.72 -21.86
CA ARG H 3 85.03 -56.86 -23.01
C ARG H 3 83.57 -56.90 -23.42
N LYS H 4 82.91 -55.74 -23.54
CA LYS H 4 81.50 -55.75 -23.89
C LYS H 4 81.14 -54.65 -24.91
N GLU H 5 80.71 -55.11 -26.10
CA GLU H 5 80.36 -54.29 -27.25
C GLU H 5 79.04 -53.54 -27.10
N SER H 6 78.94 -52.38 -27.74
CA SER H 6 77.71 -51.58 -27.71
C SER H 6 77.63 -50.73 -28.97
N TYR H 7 76.49 -50.04 -29.14
CA TYR H 7 76.25 -49.13 -30.25
C TYR H 7 76.52 -47.67 -29.90
N ALA H 8 77.04 -47.41 -28.70
CA ALA H 8 77.18 -46.03 -28.21
C ALA H 8 77.93 -45.12 -29.16
N ILE H 9 79.05 -45.59 -29.72
CA ILE H 9 79.87 -44.77 -30.61
C ILE H 9 79.11 -44.38 -31.88
N TYR H 10 78.44 -45.36 -32.49
CA TYR H 10 77.71 -45.14 -33.73
C TYR H 10 76.49 -44.24 -33.56
N ILE H 11 75.78 -44.40 -32.44
CA ILE H 11 74.65 -43.51 -32.13
C ILE H 11 75.12 -42.07 -31.96
N TYR H 12 76.27 -41.86 -31.32
CA TYR H 12 76.80 -40.51 -31.14
C TYR H 12 77.19 -39.85 -32.46
N LYS H 13 77.80 -40.60 -33.37
CA LYS H 13 78.12 -40.07 -34.70
C LYS H 13 76.87 -39.56 -35.43
N VAL H 14 75.81 -40.37 -35.48
CA VAL H 14 74.59 -39.93 -36.15
C VAL H 14 74.01 -38.69 -35.46
N LEU H 15 74.14 -38.62 -34.14
CA LEU H 15 73.71 -37.45 -33.37
C LEU H 15 74.43 -36.17 -33.82
N LYS H 16 75.75 -36.24 -33.97
CA LYS H 16 76.56 -35.12 -34.47
C LYS H 16 76.27 -34.76 -35.93
N GLN H 17 75.78 -35.69 -36.73
CA GLN H 17 75.38 -35.36 -38.11
C GLN H 17 74.18 -34.43 -38.16
N VAL H 18 73.10 -34.75 -37.45
CA VAL H 18 71.91 -33.91 -37.49
C VAL H 18 72.12 -32.60 -36.72
N HIS H 19 72.48 -32.71 -35.44
CA HIS H 19 72.75 -31.53 -34.61
C HIS H 19 74.18 -31.50 -34.07
N PRO H 20 75.04 -30.63 -34.57
CA PRO H 20 76.43 -30.63 -34.07
C PRO H 20 76.49 -30.15 -32.63
N ASP H 21 75.62 -29.22 -32.26
CA ASP H 21 75.67 -28.55 -30.96
C ASP H 21 74.75 -29.20 -29.95
N THR H 22 74.86 -30.52 -29.79
CA THR H 22 73.95 -31.26 -28.92
C THR H 22 74.74 -32.43 -28.34
N GLY H 23 74.85 -32.47 -27.02
CA GLY H 23 75.49 -33.56 -26.32
C GLY H 23 74.49 -34.68 -26.14
N ILE H 24 74.70 -35.47 -25.09
CA ILE H 24 73.87 -36.63 -24.79
C ILE H 24 74.27 -37.14 -23.42
N SER H 25 73.33 -37.13 -22.48
CA SER H 25 73.60 -37.68 -21.17
C SER H 25 73.77 -39.20 -21.25
N SER H 26 74.41 -39.75 -20.23
CA SER H 26 74.69 -41.19 -20.20
C SER H 26 73.41 -42.00 -20.20
N LYS H 27 72.40 -41.55 -19.45
CA LYS H 27 71.13 -42.27 -19.38
C LYS H 27 70.44 -42.32 -20.75
N ALA H 28 70.36 -41.18 -21.42
CA ALA H 28 69.74 -41.15 -22.75
C ALA H 28 70.50 -41.98 -23.78
N MET H 29 71.82 -42.10 -23.67
CA MET H 29 72.56 -42.99 -24.56
C MET H 29 72.18 -44.45 -24.34
N SER H 30 71.99 -44.86 -23.07
CA SER H 30 71.52 -46.21 -22.78
C SER H 30 70.13 -46.45 -23.37
N ILE H 31 69.26 -45.45 -23.30
CA ILE H 31 67.92 -45.53 -23.90
C ILE H 31 68.02 -45.77 -25.39
N MET H 32 68.89 -45.01 -26.06
CA MET H 32 69.09 -45.17 -27.49
C MET H 32 69.59 -46.59 -27.82
N ASN H 33 70.47 -47.12 -26.97
CA ASN H 33 71.00 -48.48 -27.17
C ASN H 33 69.90 -49.52 -27.01
N SER H 34 69.04 -49.38 -25.99
CA SER H 34 67.90 -50.29 -25.81
C SER H 34 66.95 -50.22 -26.99
N PHE H 35 66.76 -49.02 -27.53
CA PHE H 35 65.90 -48.78 -28.69
C PHE H 35 66.41 -49.52 -29.92
N VAL H 36 67.72 -49.41 -30.17
CA VAL H 36 68.37 -50.07 -31.31
C VAL H 36 68.26 -51.59 -31.25
N ASN H 37 68.53 -52.19 -30.08
CA ASN H 37 68.38 -53.66 -29.98
C ASN H 37 66.96 -54.13 -30.30
N ASP H 38 65.93 -53.41 -29.85
CA ASP H 38 64.55 -53.79 -30.15
C ASP H 38 64.23 -53.79 -31.66
N ILE H 39 64.60 -52.72 -32.35
CA ILE H 39 64.37 -52.63 -33.81
C ILE H 39 65.01 -53.79 -34.55
N PHE H 40 66.26 -54.13 -34.23
CA PHE H 40 66.90 -55.26 -34.89
C PHE H 40 66.05 -56.51 -34.71
N GLU H 41 65.86 -56.91 -33.45
CA GLU H 41 65.07 -58.10 -33.11
C GLU H 41 63.67 -58.12 -33.72
N ARG H 42 62.98 -56.97 -33.79
CA ARG H 42 61.63 -56.96 -34.35
C ARG H 42 61.66 -57.34 -35.83
N ILE H 43 62.39 -56.57 -36.63
CA ILE H 43 62.39 -56.76 -38.08
C ILE H 43 63.01 -58.10 -38.44
N ALA H 44 64.09 -58.48 -37.76
CA ALA H 44 64.74 -59.73 -38.08
C ALA H 44 63.84 -60.92 -37.77
N ALA H 45 63.11 -60.89 -36.66
CA ALA H 45 62.21 -62.00 -36.39
C ALA H 45 61.15 -62.07 -37.48
N GLU H 46 60.54 -60.92 -37.79
CA GLU H 46 59.51 -60.90 -38.84
C GLU H 46 60.10 -61.34 -40.16
N ALA H 47 61.36 -60.93 -40.42
CA ALA H 47 62.04 -61.34 -41.65
C ALA H 47 62.31 -62.83 -41.61
N SER H 48 62.64 -63.35 -40.43
CA SER H 48 62.84 -64.78 -40.26
C SER H 48 61.54 -65.51 -40.54
N ARG H 49 60.44 -65.02 -39.97
CA ARG H 49 59.14 -65.62 -40.25
C ARG H 49 58.78 -65.44 -41.71
N LEU H 50 59.16 -64.29 -42.30
CA LEU H 50 58.94 -64.10 -43.73
C LEU H 50 59.71 -65.12 -44.56
N ALA H 51 60.96 -65.40 -44.18
CA ALA H 51 61.71 -66.42 -44.91
C ALA H 51 61.12 -67.81 -44.64
N HIS H 52 60.62 -68.03 -43.43
CA HIS H 52 60.01 -69.30 -43.05
C HIS H 52 58.63 -69.52 -43.68
N TYR H 53 57.87 -68.45 -43.89
CA TYR H 53 56.55 -68.57 -44.52
C TYR H 53 56.64 -68.93 -45.99
N ASN H 54 57.60 -68.39 -46.72
CA ASN H 54 57.73 -68.64 -48.15
C ASN H 54 58.66 -69.80 -48.48
N LYS H 55 59.13 -70.53 -47.47
CA LYS H 55 59.96 -71.71 -47.66
C LYS H 55 61.24 -71.38 -48.43
N ARG H 56 61.90 -70.33 -47.97
CA ARG H 56 63.17 -69.87 -48.49
C ARG H 56 64.20 -70.07 -47.39
N SER H 57 65.39 -70.50 -47.77
CA SER H 57 66.44 -70.79 -46.81
C SER H 57 67.39 -69.63 -46.60
N THR H 58 67.16 -68.50 -47.26
CA THR H 58 68.05 -67.36 -47.15
C THR H 58 67.22 -66.11 -46.86
N ILE H 59 67.76 -65.25 -45.99
CA ILE H 59 67.19 -63.95 -45.71
C ILE H 59 67.91 -62.95 -46.61
N THR H 60 67.15 -62.37 -47.54
CA THR H 60 67.65 -61.43 -48.54
C THR H 60 67.27 -59.99 -48.19
N SER H 61 67.70 -59.07 -49.05
CA SER H 61 67.39 -57.65 -48.89
C SER H 61 65.91 -57.42 -49.14
N ARG H 62 65.31 -58.31 -49.93
CA ARG H 62 63.90 -58.28 -50.29
C ARG H 62 63.02 -58.61 -49.10
N GLU H 63 63.48 -59.51 -48.23
CA GLU H 63 62.80 -59.85 -46.99
C GLU H 63 62.76 -58.68 -46.01
N ILE H 64 63.82 -57.88 -45.94
CA ILE H 64 63.86 -56.71 -45.07
C ILE H 64 62.86 -55.63 -45.48
N GLN H 65 62.72 -55.37 -46.77
CA GLN H 65 61.74 -54.39 -47.27
C GLN H 65 60.30 -54.74 -46.91
N THR H 66 59.89 -56.00 -47.10
CA THR H 66 58.51 -56.35 -46.74
C THR H 66 58.26 -56.21 -45.23
N ALA H 67 59.20 -56.64 -44.40
CA ALA H 67 59.04 -56.50 -42.95
C ALA H 67 58.87 -55.03 -42.52
N VAL H 68 59.64 -54.12 -43.11
CA VAL H 68 59.53 -52.69 -42.80
C VAL H 68 58.15 -52.11 -43.15
N ARG H 69 57.60 -52.49 -44.30
CA ARG H 69 56.29 -52.00 -44.73
C ARG H 69 55.17 -52.43 -43.80
N LEU H 70 55.33 -53.57 -43.11
CA LEU H 70 54.33 -54.06 -42.18
C LEU H 70 54.38 -53.32 -40.83
N LEU H 71 55.57 -53.12 -40.27
CA LEU H 71 55.68 -52.61 -38.91
C LEU H 71 55.49 -51.10 -38.84
N LEU H 72 56.15 -50.33 -39.72
CA LEU H 72 56.17 -48.89 -39.61
C LEU H 72 54.94 -48.26 -40.25
N PRO H 73 54.48 -47.12 -39.72
CA PRO H 73 53.38 -46.38 -40.36
C PRO H 73 53.72 -45.94 -41.78
N GLY H 74 52.66 -45.63 -42.53
CA GLY H 74 52.78 -45.42 -43.98
C GLY H 74 53.88 -44.44 -44.37
N GLU H 75 53.87 -43.25 -43.78
CA GLU H 75 54.85 -42.23 -44.12
C GLU H 75 56.24 -42.67 -43.73
N LEU H 76 56.39 -43.11 -42.47
CA LEU H 76 57.69 -43.57 -41.99
C LEU H 76 58.17 -44.78 -42.77
N ALA H 77 57.25 -45.66 -43.16
CA ALA H 77 57.60 -46.82 -43.98
C ALA H 77 58.06 -46.40 -45.37
N LYS H 78 57.38 -45.42 -45.97
CA LYS H 78 57.76 -44.90 -47.29
C LYS H 78 59.18 -44.35 -47.28
N HIS H 79 59.48 -43.46 -46.34
CA HIS H 79 60.81 -42.86 -46.24
C HIS H 79 61.88 -43.90 -45.92
N ALA H 80 61.61 -44.82 -44.99
CA ALA H 80 62.60 -45.82 -44.61
C ALA H 80 62.96 -46.74 -45.78
N VAL H 81 61.98 -47.11 -46.60
CA VAL H 81 62.26 -47.92 -47.78
C VAL H 81 63.14 -47.17 -48.78
N SER H 82 62.89 -45.88 -48.99
CA SER H 82 63.72 -45.09 -49.89
C SER H 82 65.18 -45.08 -49.47
N GLU H 83 65.46 -44.73 -48.21
CA GLU H 83 66.85 -44.70 -47.74
C GLU H 83 67.51 -46.07 -47.81
N GLY H 84 66.77 -47.13 -47.51
CA GLY H 84 67.31 -48.48 -47.54
C GLY H 84 67.74 -48.92 -48.93
N THR H 85 66.79 -48.84 -49.87
CA THR H 85 67.04 -49.20 -51.27
C THR H 85 68.11 -48.31 -51.90
N LYS H 86 68.16 -47.04 -51.50
CA LYS H 86 69.20 -46.13 -51.99
C LYS H 86 70.58 -46.56 -51.51
N ALA H 87 70.70 -46.92 -50.24
CA ALA H 87 71.98 -47.35 -49.67
C ALA H 87 72.46 -48.67 -50.27
N VAL H 88 71.54 -49.60 -50.53
CA VAL H 88 71.92 -50.88 -51.15
C VAL H 88 72.48 -50.69 -52.55
N THR H 89 71.87 -49.82 -53.36
CA THR H 89 72.42 -49.55 -54.69
C THR H 89 73.85 -49.00 -54.62
N LYS H 90 74.09 -48.04 -53.71
CA LYS H 90 75.42 -47.47 -53.55
C LYS H 90 76.43 -48.51 -53.03
N TYR H 91 76.01 -49.44 -52.18
CA TYR H 91 76.93 -50.46 -51.70
C TYR H 91 77.35 -51.42 -52.81
N THR H 92 76.40 -51.85 -53.65
CA THR H 92 76.75 -52.78 -54.71
C THR H 92 77.51 -52.10 -55.85
N SER H 93 77.56 -50.77 -55.85
CA SER H 93 78.27 -50.03 -56.89
C SER H 93 79.76 -50.34 -56.87
N SER H 94 80.53 -49.57 -56.10
CA SER H 94 81.98 -49.77 -56.04
C SER H 94 82.34 -50.91 -55.10
N PRO K 1 -17.16 15.68 43.20
CA PRO K 1 -18.07 16.73 43.68
C PRO K 1 -19.17 17.04 42.68
N HIS K 2 -20.32 17.50 43.14
CA HIS K 2 -21.44 17.80 42.26
C HIS K 2 -21.55 19.31 42.09
N ARG K 3 -21.59 19.75 40.84
CA ARG K 3 -21.69 21.16 40.46
C ARG K 3 -22.69 21.27 39.32
N TYR K 4 -23.63 22.20 39.44
CA TYR K 4 -24.60 22.43 38.38
C TYR K 4 -23.93 23.24 37.26
N ARG K 5 -24.34 22.97 36.03
CA ARG K 5 -23.81 23.71 34.90
C ARG K 5 -24.23 25.18 34.93
N PRO K 6 -23.37 26.09 34.50
CA PRO K 6 -23.72 27.52 34.56
C PRO K 6 -24.99 27.80 33.77
N GLY K 7 -25.91 28.51 34.40
CA GLY K 7 -27.17 28.86 33.77
C GLY K 7 -28.34 28.02 34.23
N THR K 8 -28.06 26.83 34.75
CA THR K 8 -29.13 25.95 35.23
C THR K 8 -29.73 26.50 36.52
N VAL K 9 -28.87 26.81 37.49
CA VAL K 9 -29.31 27.44 38.73
C VAL K 9 -30.01 28.76 38.43
N ALA K 10 -29.54 29.48 37.41
CA ALA K 10 -30.21 30.70 36.99
C ALA K 10 -31.65 30.42 36.56
N LEU K 11 -31.85 29.38 35.76
CA LEU K 11 -33.19 29.05 35.29
C LEU K 11 -34.11 28.65 36.45
N ARG K 12 -33.61 27.87 37.41
CA ARG K 12 -34.43 27.57 38.58
C ARG K 12 -34.78 28.82 39.36
N GLU K 13 -33.86 29.79 39.40
CA GLU K 13 -34.15 31.07 40.03
C GLU K 13 -35.20 31.83 39.22
N ILE K 14 -35.17 31.70 37.89
CA ILE K 14 -36.17 32.34 37.04
C ILE K 14 -37.55 31.84 37.42
N ARG K 15 -37.73 30.51 37.40
CA ARG K 15 -39.01 29.92 37.78
C ARG K 15 -39.40 30.26 39.21
N ARG K 16 -38.43 30.16 40.14
CA ARG K 16 -38.71 30.44 41.54
C ARG K 16 -39.25 31.86 41.71
N TYR K 17 -38.53 32.84 41.19
CA TYR K 17 -38.85 34.25 41.39
C TYR K 17 -39.94 34.74 40.45
N GLN K 18 -40.21 34.01 39.36
CA GLN K 18 -41.38 34.38 38.56
C GLN K 18 -42.65 33.93 39.24
N LYS K 19 -42.59 32.82 39.98
CA LYS K 19 -43.73 32.32 40.75
C LYS K 19 -44.00 33.11 42.03
N SER K 20 -43.00 33.80 42.57
CA SER K 20 -43.15 34.48 43.86
C SER K 20 -43.37 35.98 43.70
N THR K 21 -44.24 36.51 44.56
CA THR K 21 -44.57 37.94 44.59
C THR K 21 -43.84 38.72 45.68
N GLU K 22 -43.00 38.06 46.48
CA GLU K 22 -42.36 38.75 47.59
C GLU K 22 -41.40 39.80 47.06
N LEU K 23 -41.18 40.85 47.85
CA LEU K 23 -40.28 41.91 47.42
C LEU K 23 -38.84 41.44 47.40
N LEU K 24 -38.17 41.67 46.27
CA LEU K 24 -36.80 41.18 46.09
C LEU K 24 -35.74 42.15 46.56
N ILE K 25 -36.11 43.39 46.90
CA ILE K 25 -35.16 44.38 47.39
C ILE K 25 -35.29 44.49 48.90
N ARG K 26 -34.16 44.57 49.59
CA ARG K 26 -34.19 44.72 51.04
C ARG K 26 -34.86 46.05 51.43
N LYS K 27 -35.70 45.98 52.45
CA LYS K 27 -36.56 47.10 52.82
C LYS K 27 -35.76 48.27 53.41
N LEU K 28 -34.92 47.98 54.40
CA LEU K 28 -34.23 49.03 55.16
C LEU K 28 -33.30 49.88 54.31
N PRO K 29 -32.42 49.33 53.46
CA PRO K 29 -31.54 50.21 52.65
C PRO K 29 -32.33 51.11 51.71
N PHE K 30 -33.44 50.59 51.17
CA PHE K 30 -34.32 51.36 50.30
C PHE K 30 -34.93 52.56 51.03
N GLN K 31 -35.32 52.39 52.29
CA GLN K 31 -35.88 53.51 53.05
C GLN K 31 -34.88 54.66 53.18
N ARG K 32 -33.64 54.36 53.55
CA ARG K 32 -32.63 55.41 53.66
C ARG K 32 -32.39 56.11 52.32
N LEU K 33 -32.45 55.36 51.22
CA LEU K 33 -32.34 55.98 49.90
C LEU K 33 -33.49 56.95 49.64
N VAL K 34 -34.71 56.57 50.01
CA VAL K 34 -35.85 57.48 49.86
C VAL K 34 -35.62 58.74 50.68
N ARG K 35 -35.17 58.59 51.93
CA ARG K 35 -34.85 59.77 52.74
C ARG K 35 -33.82 60.66 52.07
N GLU K 36 -32.71 60.07 51.63
CA GLU K 36 -31.66 60.88 51.02
C GLU K 36 -32.17 61.66 49.83
N ILE K 37 -32.84 61.00 48.89
CA ILE K 37 -33.31 61.74 47.73
C ILE K 37 -34.36 62.75 48.15
N ALA K 38 -35.25 62.36 49.07
CA ALA K 38 -36.30 63.29 49.49
C ALA K 38 -35.71 64.46 50.25
N GLN K 39 -34.55 64.26 50.90
CA GLN K 39 -33.90 65.35 51.62
C GLN K 39 -33.47 66.48 50.71
N ASP K 40 -33.35 66.19 49.41
CA ASP K 40 -32.97 67.22 48.45
C ASP K 40 -34.07 68.27 48.30
N PHE K 41 -35.31 67.81 48.17
CA PHE K 41 -36.44 68.70 47.89
C PHE K 41 -36.96 69.39 49.15
N LYS K 42 -36.94 68.69 50.29
CA LYS K 42 -37.43 69.28 51.53
C LYS K 42 -36.66 68.67 52.70
N THR K 43 -36.55 69.43 53.77
CA THR K 43 -35.79 69.02 54.95
C THR K 43 -36.70 68.58 56.09
N ASP K 44 -36.24 67.61 56.87
CA ASP K 44 -36.99 67.10 58.02
C ASP K 44 -38.37 66.60 57.64
N LEU K 45 -38.40 65.74 56.63
CA LEU K 45 -39.64 65.13 56.15
C LEU K 45 -39.99 63.90 56.98
N ARG K 46 -41.29 63.78 57.29
CA ARG K 46 -41.82 62.60 57.94
C ARG K 46 -42.45 61.77 56.82
N PHE K 47 -42.33 60.45 56.94
CA PHE K 47 -42.83 59.51 55.94
C PHE K 47 -43.67 58.40 56.56
N GLN K 48 -44.89 58.23 56.05
CA GLN K 48 -45.70 57.09 56.47
C GLN K 48 -45.07 55.78 56.01
N SER K 49 -45.36 54.73 56.78
CA SER K 49 -44.88 53.38 56.47
C SER K 49 -45.44 52.86 55.15
N SER K 50 -46.70 53.17 54.85
CA SER K 50 -47.32 52.73 53.61
C SER K 50 -46.82 53.51 52.40
N ALA K 51 -46.31 54.71 52.59
CA ALA K 51 -45.77 55.50 51.49
C ALA K 51 -44.50 54.88 50.93
N VAL K 52 -43.56 54.50 51.81
CA VAL K 52 -42.34 53.86 51.34
C VAL K 52 -42.63 52.53 50.67
N MET K 53 -43.58 51.75 51.22
CA MET K 53 -43.92 50.48 50.59
C MET K 53 -44.47 50.70 49.19
N ALA K 54 -45.29 51.73 49.01
CA ALA K 54 -45.81 52.05 47.68
C ALA K 54 -44.68 52.36 46.70
N LEU K 55 -43.70 53.17 47.13
CA LEU K 55 -42.55 53.46 46.29
C LEU K 55 -41.80 52.18 45.88
N GLN K 56 -41.68 51.23 46.81
CA GLN K 56 -40.94 50.01 46.54
C GLN K 56 -41.68 49.09 45.57
N GLU K 57 -43.00 49.00 45.72
CA GLU K 57 -43.81 48.20 44.79
C GLU K 57 -43.73 48.75 43.38
N ALA K 58 -43.93 50.06 43.23
CA ALA K 58 -43.86 50.70 41.91
C ALA K 58 -42.49 50.54 41.28
N SER K 59 -41.43 50.77 42.06
CA SER K 59 -40.06 50.66 41.55
C SER K 59 -39.76 49.26 41.04
N GLU K 60 -40.02 48.23 41.85
CA GLU K 60 -39.71 46.87 41.40
C GLU K 60 -40.50 46.50 40.16
N ALA K 61 -41.78 46.91 40.11
CA ALA K 61 -42.60 46.70 38.93
C ALA K 61 -42.02 47.40 37.70
N TYR K 62 -41.67 48.68 37.84
CA TYR K 62 -41.08 49.40 36.72
C TYR K 62 -39.81 48.73 36.23
N LEU K 63 -38.95 48.33 37.16
CA LEU K 63 -37.69 47.70 36.76
C LEU K 63 -37.93 46.34 36.12
N VAL K 64 -38.89 45.57 36.64
CA VAL K 64 -39.17 44.25 36.10
C VAL K 64 -39.73 44.35 34.69
N GLY K 65 -40.71 45.22 34.47
CA GLY K 65 -41.23 45.42 33.13
C GLY K 65 -40.14 45.84 32.16
N LEU K 66 -39.27 46.74 32.62
CA LEU K 66 -38.10 47.17 31.85
C LEU K 66 -37.19 45.98 31.55
N PHE K 67 -36.95 45.12 32.55
CA PHE K 67 -36.09 43.97 32.35
C PHE K 67 -36.63 42.98 31.32
N GLU K 68 -37.95 42.82 31.23
CA GLU K 68 -38.49 42.00 30.15
C GLU K 68 -38.25 42.62 28.78
N ASP K 69 -38.53 43.92 28.64
CA ASP K 69 -38.26 44.62 27.38
C ASP K 69 -36.77 44.63 27.06
N THR K 70 -35.92 44.75 28.08
CA THR K 70 -34.48 44.71 27.86
C THR K 70 -34.04 43.30 27.46
N ASN K 71 -34.61 42.28 28.10
CA ASN K 71 -34.29 40.90 27.76
C ASN K 71 -34.63 40.61 26.31
N LEU K 72 -35.79 41.08 25.85
CA LEU K 72 -36.17 40.91 24.45
C LEU K 72 -35.15 41.54 23.52
N CYS K 73 -34.62 42.70 23.88
CA CYS K 73 -33.62 43.34 23.03
C CYS K 73 -32.34 42.51 22.94
N ALA K 74 -31.90 41.95 24.07
CA ALA K 74 -30.69 41.13 24.07
C ALA K 74 -30.89 39.85 23.27
N ILE K 75 -32.07 39.22 23.39
CA ILE K 75 -32.37 38.00 22.65
C ILE K 75 -32.46 38.30 21.17
N HIS K 76 -33.04 39.44 20.81
CA HIS K 76 -33.13 39.86 19.42
C HIS K 76 -31.76 40.07 18.79
N ALA K 77 -30.75 40.33 19.60
CA ALA K 77 -29.37 40.49 19.13
C ALA K 77 -28.61 39.18 19.09
N LYS K 78 -29.28 38.05 19.30
CA LYS K 78 -28.65 36.72 19.35
C LYS K 78 -27.62 36.66 20.49
N ARG K 79 -28.03 37.13 21.66
CA ARG K 79 -27.17 37.16 22.83
C ARG K 79 -27.93 36.59 24.02
N VAL K 80 -27.22 35.82 24.86
CA VAL K 80 -27.86 35.24 26.05
C VAL K 80 -27.67 36.12 27.27
N THR K 81 -26.85 37.16 27.16
CA THR K 81 -26.53 38.07 28.26
C THR K 81 -27.09 39.46 27.94
N ILE K 82 -27.63 40.10 28.94
CA ILE K 82 -28.10 41.49 28.81
C ILE K 82 -26.93 42.43 29.01
N MET K 83 -26.94 43.54 28.29
CA MET K 83 -25.86 44.53 28.32
C MET K 83 -26.47 45.92 28.35
N PRO K 84 -25.71 46.93 28.78
CA PRO K 84 -26.22 48.31 28.77
C PRO K 84 -26.75 48.78 27.43
N LYS K 85 -26.21 48.28 26.33
CA LYS K 85 -26.76 48.63 25.02
C LYS K 85 -28.24 48.27 24.94
N ASP K 86 -28.62 47.09 25.46
CA ASP K 86 -30.02 46.69 25.44
C ASP K 86 -30.85 47.61 26.33
N ILE K 87 -30.30 47.98 27.49
CA ILE K 87 -31.02 48.86 28.42
C ILE K 87 -31.24 50.24 27.79
N GLN K 88 -30.17 50.82 27.25
CA GLN K 88 -30.30 52.12 26.61
C GLN K 88 -31.26 52.08 25.43
N LEU K 89 -31.25 50.98 24.67
CA LEU K 89 -32.21 50.81 23.59
C LEU K 89 -33.63 50.75 24.14
N ALA K 90 -33.85 49.88 25.13
CA ALA K 90 -35.17 49.72 25.73
C ALA K 90 -35.69 51.05 26.27
N ARG K 91 -34.84 51.81 26.97
CA ARG K 91 -35.28 53.11 27.46
C ARG K 91 -35.58 54.06 26.32
N ARG K 92 -34.83 53.93 25.23
CA ARG K 92 -35.04 54.79 24.06
C ARG K 92 -36.35 54.45 23.36
N ILE K 93 -36.71 53.17 23.27
CA ILE K 93 -37.96 52.80 22.61
C ILE K 93 -39.17 53.11 23.47
N ARG K 94 -39.05 53.02 24.80
CA ARG K 94 -40.17 53.35 25.66
C ARG K 94 -40.63 54.80 25.48
N GLY K 95 -39.69 55.72 25.30
CA GLY K 95 -40.01 57.13 25.24
C GLY K 95 -39.67 57.88 26.51
N GLU K 96 -39.02 57.23 27.47
CA GLU K 96 -38.62 57.85 28.71
C GLU K 96 -37.44 58.79 28.50
N ARG K 97 -36.41 58.32 27.81
CA ARG K 97 -35.20 59.09 27.53
C ARG K 97 -35.01 59.20 26.03
N ALA K 98 -34.80 60.43 25.56
CA ALA K 98 -34.73 60.74 24.14
C ALA K 98 -33.48 60.16 23.49
N ARG L 3 -26.49 59.45 46.72
CA ARG L 3 -25.05 59.14 46.74
C ARG L 3 -24.70 58.21 47.91
N ASP L 4 -25.15 58.56 49.12
CA ASP L 4 -24.80 57.75 50.28
C ASP L 4 -25.55 56.43 50.31
N ASN L 5 -26.87 56.46 50.16
CA ASN L 5 -27.68 55.25 50.27
C ASN L 5 -28.01 54.63 48.91
N ILE L 6 -27.58 55.25 47.81
CA ILE L 6 -27.75 54.67 46.48
C ILE L 6 -26.89 53.43 46.31
N GLN L 7 -25.80 53.33 47.09
CA GLN L 7 -24.98 52.13 47.14
C GLN L 7 -25.62 51.02 47.94
N GLY L 8 -26.73 51.31 48.62
CA GLY L 8 -27.53 50.38 49.38
C GLY L 8 -28.23 49.32 48.54
N ILE L 9 -28.29 49.50 47.23
CA ILE L 9 -28.83 48.48 46.33
C ILE L 9 -27.74 47.45 46.06
N THR L 10 -27.93 46.25 46.62
CA THR L 10 -26.92 45.19 46.64
C THR L 10 -26.85 44.44 45.32
N LYS L 11 -25.70 43.79 45.10
CA LYS L 11 -25.55 42.90 43.94
C LYS L 11 -26.59 41.79 43.86
N PRO L 12 -26.89 41.03 44.92
CA PRO L 12 -27.92 39.97 44.79
C PRO L 12 -29.33 40.47 44.60
N ALA L 13 -29.64 41.71 45.00
CA ALA L 13 -30.97 42.25 44.75
C ALA L 13 -31.22 42.52 43.27
N ILE L 14 -30.29 43.21 42.60
CA ILE L 14 -30.39 43.40 41.16
C ILE L 14 -30.39 42.08 40.39
N ARG L 15 -29.62 41.09 40.86
CA ARG L 15 -29.66 39.80 40.17
C ARG L 15 -31.05 39.17 40.22
N ARG L 16 -31.71 39.23 41.37
CA ARG L 16 -33.06 38.65 41.50
C ARG L 16 -34.08 39.39 40.65
N LEU L 17 -34.06 40.73 40.68
CA LEU L 17 -35.00 41.51 39.85
C LEU L 17 -34.86 41.15 38.38
N ALA L 18 -33.61 41.00 37.92
CA ALA L 18 -33.39 40.61 36.55
C ALA L 18 -33.86 39.18 36.33
N ARG L 19 -33.75 38.35 37.37
CA ARG L 19 -34.28 36.98 37.29
C ARG L 19 -35.79 37.02 37.15
N ARG L 20 -36.45 37.93 37.87
CA ARG L 20 -37.89 38.09 37.67
C ARG L 20 -38.17 38.60 36.27
N GLY L 21 -37.27 39.43 35.73
CA GLY L 21 -37.38 39.83 34.34
C GLY L 21 -37.18 38.68 33.38
N GLY L 22 -36.44 37.65 33.82
CA GLY L 22 -36.23 36.46 33.02
C GLY L 22 -34.88 36.33 32.34
N VAL L 23 -33.86 37.05 32.78
CA VAL L 23 -32.54 36.97 32.17
C VAL L 23 -31.70 35.89 32.86
N LYS L 24 -30.94 35.13 32.06
CA LYS L 24 -30.07 34.09 32.59
C LYS L 24 -28.75 34.67 33.06
N ARG L 25 -28.15 35.53 32.23
CA ARG L 25 -26.84 36.09 32.48
C ARG L 25 -26.91 37.61 32.40
N ILE L 26 -26.10 38.25 33.22
CA ILE L 26 -26.09 39.70 33.40
C ILE L 26 -24.68 40.19 33.15
N SER L 27 -24.55 41.27 32.39
CA SER L 27 -23.25 41.88 32.17
C SER L 27 -22.80 42.58 33.45
N GLY L 28 -21.49 42.80 33.53
CA GLY L 28 -20.92 43.40 34.73
C GLY L 28 -21.20 44.87 34.87
N LEU L 29 -21.33 45.60 33.76
CA LEU L 29 -21.58 47.02 33.89
C LEU L 29 -23.03 47.35 34.20
N ILE L 30 -23.93 46.36 34.14
CA ILE L 30 -25.35 46.62 34.37
C ILE L 30 -25.63 47.05 35.82
N TYR L 31 -24.91 46.49 36.79
CA TYR L 31 -25.27 46.75 38.20
C TYR L 31 -25.19 48.23 38.55
N GLU L 32 -24.17 48.92 38.06
CA GLU L 32 -24.02 50.36 38.25
C GLU L 32 -25.03 51.15 37.43
N GLU L 33 -25.24 50.74 36.18
CA GLU L 33 -26.23 51.38 35.31
C GLU L 33 -27.62 51.37 35.93
N THR L 34 -28.03 50.25 36.54
CA THR L 34 -29.34 50.17 37.17
C THR L 34 -29.49 51.14 38.33
N ARG L 35 -28.44 51.29 39.16
CA ARG L 35 -28.50 52.23 40.28
C ARG L 35 -28.75 53.66 39.81
N GLY L 36 -28.17 54.07 38.69
CA GLY L 36 -28.43 55.40 38.16
C GLY L 36 -29.88 55.58 37.76
N VAL L 37 -30.42 54.62 37.00
CA VAL L 37 -31.80 54.69 36.55
C VAL L 37 -32.76 54.75 37.73
N LEU L 38 -32.54 53.91 38.74
CA LEU L 38 -33.41 53.95 39.92
C LEU L 38 -33.34 55.29 40.65
N LYS L 39 -32.15 55.88 40.76
CA LYS L 39 -32.08 57.19 41.40
C LYS L 39 -32.88 58.21 40.61
N VAL L 40 -32.70 58.22 39.27
CA VAL L 40 -33.47 59.12 38.42
C VAL L 40 -34.96 58.85 38.54
N PHE L 41 -35.36 57.58 38.42
CA PHE L 41 -36.75 57.20 38.59
C PHE L 41 -37.30 57.73 39.91
N LEU L 42 -36.69 57.31 41.01
CA LEU L 42 -37.10 57.81 42.32
C LEU L 42 -37.09 59.33 42.38
N GLU L 43 -36.07 59.95 41.79
CA GLU L 43 -35.98 61.42 41.82
C GLU L 43 -37.21 62.08 41.17
N ASN L 44 -37.63 61.58 40.00
CA ASN L 44 -38.80 62.20 39.38
C ASN L 44 -40.03 61.98 40.25
N VAL L 45 -40.28 60.74 40.66
CA VAL L 45 -41.48 60.46 41.46
C VAL L 45 -41.43 61.25 42.76
N ILE L 46 -40.28 61.22 43.45
CA ILE L 46 -40.15 61.97 44.70
C ILE L 46 -40.28 63.47 44.45
N ARG L 47 -39.80 63.96 43.30
CA ARG L 47 -39.96 65.39 43.02
C ARG L 47 -41.43 65.76 43.01
N ASP L 48 -42.24 64.95 42.31
CA ASP L 48 -43.67 65.20 42.21
C ASP L 48 -44.36 64.94 43.55
N ALA L 49 -44.00 63.85 44.24
CA ALA L 49 -44.63 63.54 45.51
C ALA L 49 -44.40 64.65 46.54
N VAL L 50 -43.16 65.15 46.63
CA VAL L 50 -42.85 66.20 47.60
C VAL L 50 -43.60 67.49 47.26
N THR L 51 -43.77 67.76 45.96
CA THR L 51 -44.57 68.91 45.53
C THR L 51 -46.02 68.76 45.98
N TYR L 52 -46.56 67.54 45.89
CA TYR L 52 -47.89 67.27 46.42
C TYR L 52 -47.93 67.52 47.93
N THR L 53 -46.89 67.08 48.65
CA THR L 53 -46.81 67.26 50.10
C THR L 53 -46.71 68.74 50.50
N GLU L 54 -45.92 69.53 49.77
CA GLU L 54 -45.77 70.96 50.06
C GLU L 54 -47.06 71.74 49.79
N HIS L 55 -47.84 71.33 48.79
CA HIS L 55 -49.10 72.01 48.52
C HIS L 55 -50.09 71.86 49.67
N ALA L 56 -50.06 70.75 50.41
CA ALA L 56 -50.98 70.60 51.52
C ALA L 56 -50.43 71.19 52.83
N LYS L 57 -49.25 71.82 52.77
CA LYS L 57 -48.59 72.48 53.89
C LYS L 57 -48.37 71.55 55.08
N ARG L 58 -48.13 70.29 54.79
CA ARG L 58 -47.79 69.26 55.76
C ARG L 58 -46.30 68.95 55.69
N LYS L 59 -45.74 68.54 56.84
CA LYS L 59 -44.38 68.07 56.94
C LYS L 59 -44.24 66.55 56.84
N THR L 60 -45.34 65.82 56.66
CA THR L 60 -45.30 64.36 56.57
C THR L 60 -45.77 63.98 55.17
N VAL L 61 -45.04 63.06 54.54
CA VAL L 61 -45.34 62.58 53.19
C VAL L 61 -46.25 61.35 53.27
N THR L 62 -47.49 61.49 52.81
CA THR L 62 -48.46 60.41 52.78
C THR L 62 -48.26 59.48 51.59
N ALA L 63 -48.84 58.28 51.71
CA ALA L 63 -48.88 57.30 50.63
C ALA L 63 -49.66 57.85 49.42
N MET L 64 -50.63 58.72 49.68
CA MET L 64 -51.42 59.37 48.63
C MET L 64 -50.56 60.24 47.72
N ASP L 65 -49.50 60.82 48.26
CA ASP L 65 -48.55 61.58 47.46
C ASP L 65 -47.89 60.70 46.41
N VAL L 66 -47.48 59.48 46.80
CA VAL L 66 -46.86 58.56 45.86
C VAL L 66 -47.88 58.10 44.81
N VAL L 67 -49.12 57.82 45.23
CA VAL L 67 -50.14 57.36 44.29
C VAL L 67 -50.41 58.41 43.22
N TYR L 68 -50.63 59.65 43.64
CA TYR L 68 -50.87 60.74 42.68
C TYR L 68 -49.66 60.96 41.78
N ALA L 69 -48.46 60.96 42.35
CA ALA L 69 -47.24 61.13 41.57
C ALA L 69 -47.12 60.05 40.50
N LEU L 70 -47.30 58.79 40.90
CA LEU L 70 -47.27 57.69 39.93
C LEU L 70 -48.37 57.85 38.88
N LYS L 71 -49.55 58.31 39.31
CA LYS L 71 -50.65 58.51 38.36
C LYS L 71 -50.32 59.56 37.31
N ARG L 72 -49.60 60.62 37.70
CA ARG L 72 -49.23 61.65 36.73
C ARG L 72 -48.17 61.16 35.74
N GLN L 73 -47.24 60.33 36.20
CA GLN L 73 -46.22 59.80 35.31
C GLN L 73 -46.77 58.83 34.26
N GLY L 74 -47.96 58.29 34.47
CA GLY L 74 -48.55 57.34 33.55
C GLY L 74 -48.55 55.92 34.07
N ARG L 75 -47.76 55.63 35.10
CA ARG L 75 -47.70 54.30 35.68
C ARG L 75 -48.55 54.31 36.95
N THR L 76 -49.73 53.69 36.88
CA THR L 76 -50.68 53.72 37.97
C THR L 76 -50.51 52.51 38.88
N LEU L 77 -50.61 52.73 40.19
CA LEU L 77 -50.40 51.68 41.17
C LEU L 77 -51.70 51.39 41.90
N TYR L 78 -52.09 50.12 41.95
CA TYR L 78 -53.31 49.70 42.63
C TYR L 78 -53.01 49.12 44.00
N GLY L 79 -53.97 49.31 44.91
CA GLY L 79 -53.95 48.72 46.23
C GLY L 79 -53.59 49.67 47.34
N PHE L 80 -52.89 50.77 47.05
CA PHE L 80 -52.57 51.78 48.05
C PHE L 80 -53.48 52.97 47.79
N GLY L 81 -54.59 53.06 48.53
CA GLY L 81 -55.50 54.19 48.42
C GLY L 81 -55.76 54.69 47.01
N GLY L 82 -56.07 53.80 46.09
CA GLY L 82 -56.31 54.19 44.70
C GLY L 82 -57.54 55.04 44.47
N LYS M 1 -57.86 100.14 32.13
CA LYS M 1 -59.24 99.84 32.49
C LYS M 1 -59.46 98.33 32.58
N SER M 2 -59.04 97.61 31.53
CA SER M 2 -59.20 96.17 31.53
C SER M 2 -58.24 95.53 32.53
N ARG M 3 -58.55 94.28 32.89
CA ARG M 3 -57.74 93.50 33.83
C ARG M 3 -56.42 92.99 33.22
N SER M 4 -56.35 92.80 31.91
CA SER M 4 -55.09 92.36 31.28
C SER M 4 -53.98 93.41 31.38
N ASN M 5 -54.31 94.69 31.23
CA ASN M 5 -53.33 95.76 31.36
C ASN M 5 -52.85 95.95 32.80
N ARG M 6 -53.73 95.78 33.79
CA ARG M 6 -53.33 95.92 35.18
C ARG M 6 -52.32 94.85 35.58
N ALA M 7 -52.53 93.61 35.13
CA ALA M 7 -51.56 92.57 35.46
C ALA M 7 -50.31 92.64 34.59
N GLY M 8 -50.35 93.38 33.49
CA GLY M 8 -49.25 93.49 32.55
C GLY M 8 -49.04 92.27 31.67
N LEU M 9 -50.13 91.68 31.19
CA LEU M 9 -50.10 90.51 30.34
C LEU M 9 -50.95 90.76 29.11
N GLN M 10 -50.54 90.16 28.00
CA GLN M 10 -51.30 90.22 26.75
C GLN M 10 -52.43 89.21 26.71
N PHE M 11 -52.23 88.03 27.31
CA PHE M 11 -53.27 87.01 27.28
C PHE M 11 -54.50 87.46 28.08
N PRO M 12 -55.71 87.19 27.56
CA PRO M 12 -56.94 87.71 28.19
C PRO M 12 -57.29 87.07 29.53
N VAL M 13 -57.13 87.82 30.61
CA VAL M 13 -57.52 87.32 31.92
C VAL M 13 -59.03 87.13 32.00
N GLY M 14 -59.79 88.01 31.34
CA GLY M 14 -61.24 87.89 31.33
C GLY M 14 -61.76 86.61 30.69
N ARG M 15 -61.20 86.24 29.55
CA ARG M 15 -61.57 84.98 28.90
C ARG M 15 -61.27 83.78 29.79
N ILE M 16 -60.12 83.80 30.47
CA ILE M 16 -59.75 82.70 31.34
C ILE M 16 -60.72 82.60 32.52
N HIS M 17 -61.17 83.74 33.06
CA HIS M 17 -62.16 83.72 34.14
C HIS M 17 -63.49 83.08 33.72
N ARG M 18 -64.01 83.44 32.53
CA ARG M 18 -65.25 82.84 32.07
C ARG M 18 -65.11 81.33 31.86
N LEU M 19 -64.02 80.90 31.23
CA LEU M 19 -63.82 79.47 30.95
C LEU M 19 -63.63 78.66 32.23
N LEU M 20 -63.04 79.27 33.26
CA LEU M 20 -62.89 78.55 34.53
C LEU M 20 -64.23 78.38 35.22
N ARG M 21 -65.13 79.36 35.10
CA ARG M 21 -66.44 79.19 35.72
C ARG M 21 -67.30 78.21 34.93
N LYS M 22 -67.18 78.23 33.59
CA LYS M 22 -68.03 77.41 32.75
C LYS M 22 -67.38 76.09 32.36
N GLY M 23 -66.14 75.86 32.76
CA GLY M 23 -65.47 74.66 32.32
C GLY M 23 -65.66 73.47 33.23
N ASN M 24 -66.53 73.58 34.24
CA ASN M 24 -66.81 72.50 35.19
C ASN M 24 -65.55 72.03 35.91
N TYR M 25 -64.58 72.91 36.16
CA TYR M 25 -63.44 72.43 36.90
C TYR M 25 -63.67 72.42 38.40
N ALA M 26 -64.40 73.42 38.90
CA ALA M 26 -64.76 73.51 40.31
C ALA M 26 -65.98 74.40 40.46
N GLU M 27 -66.50 74.43 41.68
CA GLU M 27 -67.64 75.30 41.97
C GLU M 27 -67.23 76.77 41.91
N ARG M 28 -66.09 77.11 42.51
CA ARG M 28 -65.58 78.48 42.57
C ARG M 28 -64.13 78.55 42.09
N VAL M 29 -63.77 79.70 41.52
CA VAL M 29 -62.42 79.92 40.97
C VAL M 29 -61.58 80.69 41.98
N GLY M 30 -60.31 80.94 41.67
CA GLY M 30 -59.44 81.68 42.56
C GLY M 30 -59.39 83.18 42.36
N ALA M 31 -58.86 83.85 43.39
CA ALA M 31 -58.73 85.30 43.42
C ALA M 31 -57.56 85.80 42.59
N GLY M 32 -56.72 84.90 42.09
CA GLY M 32 -55.54 85.24 41.32
C GLY M 32 -55.15 84.08 40.43
N ALA M 33 -55.98 83.05 40.42
CA ALA M 33 -55.72 81.86 39.62
C ALA M 33 -55.69 82.16 38.12
N PRO M 34 -56.69 82.84 37.53
CA PRO M 34 -56.64 83.07 36.07
C PRO M 34 -55.48 83.97 35.65
N VAL M 35 -55.01 84.84 36.55
CA VAL M 35 -53.83 85.64 36.27
C VAL M 35 -52.58 84.77 36.20
N TYR M 36 -52.40 83.88 37.17
CA TYR M 36 -51.26 82.95 37.17
C TYR M 36 -51.25 82.11 35.90
N LEU M 37 -52.39 81.52 35.54
CA LEU M 37 -52.45 80.67 34.34
C LEU M 37 -52.13 81.47 33.08
N ALA M 38 -52.67 82.69 32.96
CA ALA M 38 -52.37 83.53 31.80
C ALA M 38 -50.87 83.79 31.71
N ALA M 39 -50.22 84.05 32.84
CA ALA M 39 -48.78 84.30 32.83
C ALA M 39 -48.03 83.06 32.33
N VAL M 40 -48.42 81.89 32.82
CA VAL M 40 -47.76 80.64 32.43
C VAL M 40 -47.96 80.38 30.93
N MET M 41 -49.20 80.52 30.46
CA MET M 41 -49.48 80.33 29.03
C MET M 41 -48.67 81.31 28.19
N GLU M 42 -48.64 82.58 28.59
CA GLU M 42 -47.87 83.57 27.82
C GLU M 42 -46.39 83.20 27.83
N TYR M 43 -45.88 82.74 28.96
CA TYR M 43 -44.46 82.37 29.04
C TYR M 43 -44.15 81.20 28.12
N LEU M 44 -44.95 80.14 28.22
CA LEU M 44 -44.73 78.96 27.38
C LEU M 44 -44.88 79.31 25.91
N ALA M 45 -45.91 80.09 25.57
CA ALA M 45 -46.11 80.59 24.22
C ALA M 45 -44.92 81.41 23.74
N ALA M 46 -44.35 82.23 24.62
CA ALA M 46 -43.19 83.04 24.27
C ALA M 46 -41.97 82.18 23.95
N GLU M 47 -41.74 81.13 24.72
CA GLU M 47 -40.60 80.25 24.44
C GLU M 47 -40.73 79.61 23.05
N VAL M 48 -41.89 79.02 22.75
CA VAL M 48 -42.08 78.41 21.44
C VAL M 48 -41.92 79.42 20.31
N LEU M 49 -42.50 80.62 20.46
CA LEU M 49 -42.42 81.60 19.39
C LEU M 49 -41.01 82.12 19.16
N GLU M 50 -40.20 82.24 20.22
CA GLU M 50 -38.84 82.75 20.04
C GLU M 50 -37.94 81.70 19.40
N LEU M 51 -38.02 80.45 19.85
CA LEU M 51 -37.20 79.39 19.25
C LEU M 51 -37.61 79.14 17.81
N ALA M 52 -38.92 79.25 17.53
CA ALA M 52 -39.41 79.16 16.16
C ALA M 52 -39.03 80.39 15.35
N GLY M 53 -38.93 81.55 16.01
CA GLY M 53 -38.45 82.74 15.32
C GLY M 53 -37.00 82.64 14.91
N ASN M 54 -36.14 82.13 15.79
CA ASN M 54 -34.77 81.83 15.39
C ASN M 54 -34.75 80.79 14.28
N ALA M 55 -35.65 79.81 14.35
CA ALA M 55 -35.77 78.83 13.28
C ALA M 55 -36.26 79.44 11.97
N ALA M 56 -37.06 80.51 12.02
CA ALA M 56 -37.48 81.11 10.77
C ALA M 56 -36.35 81.92 10.13
N ARG M 57 -35.60 82.67 10.93
CA ARG M 57 -34.48 83.42 10.40
C ARG M 57 -33.34 82.49 9.97
N ASP M 58 -33.22 81.33 10.64
CA ASP M 58 -32.23 80.34 10.21
C ASP M 58 -32.55 79.75 8.85
N ASN M 59 -33.82 79.71 8.47
CA ASN M 59 -34.20 79.23 7.15
C ASN M 59 -34.28 80.35 6.13
N LYS M 60 -33.92 81.57 6.54
CA LYS M 60 -33.92 82.75 5.69
C LYS M 60 -35.31 83.02 5.15
N LYS M 61 -36.30 82.89 6.03
CA LYS M 61 -37.70 83.12 5.74
C LYS M 61 -38.26 84.11 6.74
N THR M 62 -39.09 85.01 6.26
CA THR M 62 -39.71 86.04 7.10
C THR M 62 -40.98 85.53 7.76
N ARG M 63 -41.48 84.35 7.35
CA ARG M 63 -42.74 83.81 7.81
C ARG M 63 -42.53 82.42 8.40
N ILE M 64 -43.10 82.20 9.58
CA ILE M 64 -42.94 80.94 10.32
C ILE M 64 -43.86 79.88 9.73
N ILE M 65 -43.31 78.70 9.46
CA ILE M 65 -44.09 77.57 8.96
C ILE M 65 -43.99 76.44 9.97
N PRO M 66 -44.94 75.49 9.93
CA PRO M 66 -44.91 74.34 10.85
C PRO M 66 -43.57 73.60 10.93
N ARG M 67 -42.80 73.58 9.85
CA ARG M 67 -41.48 72.96 9.87
C ARG M 67 -40.59 73.61 10.93
N HIS M 68 -40.61 74.93 11.03
CA HIS M 68 -39.85 75.65 12.04
C HIS M 68 -40.32 75.32 13.46
N LEU M 69 -41.63 75.14 13.64
CA LEU M 69 -42.21 74.77 14.93
C LEU M 69 -41.72 73.40 15.44
N GLN M 70 -41.72 72.38 14.57
CA GLN M 70 -41.23 71.05 14.95
C GLN M 70 -39.76 71.06 15.37
N LEU M 71 -38.92 71.71 14.57
CA LEU M 71 -37.49 71.83 14.85
C LEU M 71 -37.18 72.45 16.23
N ALA M 72 -37.91 73.50 16.61
CA ALA M 72 -37.69 74.17 17.90
C ALA M 72 -37.92 73.25 19.11
N ILE M 73 -39.00 72.48 19.13
CA ILE M 73 -39.38 71.72 20.32
C ILE M 73 -38.45 70.52 20.56
N ARG M 74 -38.15 69.74 19.52
CA ARG M 74 -37.39 68.50 19.70
C ARG M 74 -35.92 68.73 20.02
N ASN M 75 -35.34 69.85 19.62
CA ASN M 75 -33.94 70.10 19.94
C ASN M 75 -33.74 70.62 21.37
N ASP M 76 -34.80 71.11 22.01
CA ASP M 76 -34.75 71.59 23.38
C ASP M 76 -35.20 70.45 24.29
N GLU M 77 -34.31 70.04 25.21
CA GLU M 77 -34.60 68.91 26.11
C GLU M 77 -35.84 69.14 26.97
N GLU M 78 -35.95 70.30 27.60
CA GLU M 78 -37.11 70.59 28.45
C GLU M 78 -38.42 70.58 27.65
N LEU M 79 -38.43 71.24 26.49
CA LEU M 79 -39.61 71.32 25.63
C LEU M 79 -40.00 69.97 25.03
N ASN M 80 -39.02 69.14 24.68
CA ASN M 80 -39.32 67.81 24.12
C ASN M 80 -39.98 66.88 25.13
N LYS M 81 -39.56 66.92 26.40
CA LYS M 81 -40.20 66.10 27.43
C LYS M 81 -41.67 66.45 27.63
N LEU M 82 -42.00 67.75 27.64
CA LEU M 82 -43.40 68.14 27.85
C LEU M 82 -44.31 67.73 26.70
N LEU M 83 -43.88 67.95 25.46
CA LEU M 83 -44.66 67.67 24.25
C LEU M 83 -44.39 66.30 23.61
N SER M 84 -43.70 65.40 24.32
CA SER M 84 -43.37 64.08 23.78
C SER M 84 -44.59 63.34 23.26
N GLY M 85 -45.76 63.58 23.84
CA GLY M 85 -47.00 62.95 23.44
C GLY M 85 -47.80 63.66 22.36
N VAL M 86 -47.25 64.71 21.74
CA VAL M 86 -47.95 65.54 20.76
C VAL M 86 -47.19 65.49 19.44
N THR M 87 -47.92 65.23 18.35
CA THR M 87 -47.39 65.28 16.98
C THR M 87 -47.76 66.59 16.28
N ILE M 88 -46.74 67.26 15.74
CA ILE M 88 -46.89 68.55 15.06
C ILE M 88 -47.16 68.35 13.58
N ALA M 89 -48.29 68.88 13.10
CA ALA M 89 -48.67 68.76 11.71
C ALA M 89 -47.72 69.50 10.78
N GLN M 90 -47.35 68.86 9.66
CA GLN M 90 -46.40 69.41 8.69
C GLN M 90 -45.05 69.75 9.31
N GLY M 91 -44.68 69.06 10.39
CA GLY M 91 -43.43 69.35 11.05
C GLY M 91 -42.21 68.61 10.54
N GLY M 92 -42.43 67.43 9.97
CA GLY M 92 -41.33 66.61 9.51
C GLY M 92 -40.53 66.05 10.68
N VAL M 93 -39.35 65.54 10.35
CA VAL M 93 -38.45 64.94 11.33
C VAL M 93 -37.10 65.66 11.30
N LEU M 94 -36.42 65.63 12.44
CA LEU M 94 -35.07 66.17 12.50
C LEU M 94 -34.17 65.34 11.59
N PRO M 95 -33.36 65.96 10.74
CA PRO M 95 -32.49 65.18 9.84
C PRO M 95 -31.43 64.44 10.62
N ASN M 96 -31.67 63.16 10.86
CA ASN M 96 -30.75 62.31 11.60
C ASN M 96 -30.51 61.02 10.83
N ILE M 97 -29.24 60.64 10.71
CA ILE M 97 -28.81 59.42 10.06
C ILE M 97 -27.78 58.76 10.96
N GLN M 98 -28.02 57.51 11.33
CA GLN M 98 -27.06 56.81 12.18
C GLN M 98 -25.75 56.61 11.42
N ALA M 99 -24.63 56.75 12.14
CA ALA M 99 -23.32 56.74 11.50
C ALA M 99 -22.96 55.39 10.89
N VAL M 100 -23.60 54.31 11.32
CA VAL M 100 -23.30 52.99 10.80
C VAL M 100 -23.78 52.82 9.37
N LEU M 101 -24.74 53.64 8.93
CA LEU M 101 -25.25 53.51 7.56
C LEU M 101 -24.34 54.15 6.53
N LEU M 102 -23.54 55.15 6.91
CA LEU M 102 -22.73 55.86 5.92
C LEU M 102 -21.55 54.98 5.52
N PRO M 103 -21.26 54.84 4.23
CA PRO M 103 -20.12 54.01 3.81
C PRO M 103 -18.78 54.65 4.07
N LYS M 104 -17.76 53.80 4.13
CA LYS M 104 -16.37 54.20 4.25
C LYS M 104 -15.44 53.07 3.82
N ARG N 1 -73.52 83.25 9.59
CA ARG N 1 -72.46 82.61 10.36
C ARG N 1 -72.35 83.20 11.77
N LYS N 2 -72.27 82.31 12.76
CA LYS N 2 -72.03 82.73 14.13
C LYS N 2 -70.57 83.07 14.35
N ARG N 3 -70.33 84.11 15.15
CA ARG N 3 -68.97 84.50 15.49
C ARG N 3 -68.34 83.42 16.37
N LYS N 4 -67.16 82.93 15.98
CA LYS N 4 -66.48 81.86 16.70
C LYS N 4 -65.14 82.35 17.25
N GLU N 5 -64.93 82.09 18.54
CA GLU N 5 -63.74 82.52 19.27
C GLU N 5 -62.50 81.71 18.89
N SER N 6 -61.35 82.37 18.98
CA SER N 6 -60.06 81.74 18.70
C SER N 6 -58.98 82.47 19.48
N TYR N 7 -57.76 81.93 19.43
CA TYR N 7 -56.59 82.53 20.08
C TYR N 7 -55.53 82.93 19.05
N ALA N 8 -55.83 83.94 18.24
CA ALA N 8 -55.01 84.31 17.11
C ALA N 8 -54.32 85.66 17.34
N ILE N 9 -55.11 86.62 17.81
CA ILE N 9 -54.64 87.99 18.04
C ILE N 9 -53.55 88.05 19.11
N TYR N 10 -53.76 87.34 20.22
CA TYR N 10 -52.79 87.39 21.32
C TYR N 10 -51.46 86.75 20.96
N ILE N 11 -51.51 85.63 20.23
CA ILE N 11 -50.28 84.99 19.74
C ILE N 11 -49.51 85.91 18.79
N TYR N 12 -50.23 86.64 17.92
CA TYR N 12 -49.57 87.55 17.00
C TYR N 12 -48.86 88.71 17.72
N LYS N 13 -49.51 89.29 18.73
CA LYS N 13 -48.86 90.33 19.53
C LYS N 13 -47.56 89.81 20.16
N VAL N 14 -47.61 88.63 20.77
CA VAL N 14 -46.42 88.03 21.37
C VAL N 14 -45.36 87.77 20.30
N LEU N 15 -45.78 87.41 19.08
CA LEU N 15 -44.85 87.25 17.98
C LEU N 15 -44.06 88.54 17.73
N LYS N 16 -44.75 89.69 17.66
CA LYS N 16 -44.03 90.95 17.52
C LYS N 16 -43.18 91.28 18.74
N GLN N 17 -43.53 90.76 19.92
CA GLN N 17 -42.67 90.97 21.07
C GLN N 17 -41.33 90.27 20.89
N VAL N 18 -41.34 88.98 20.56
CA VAL N 18 -40.07 88.27 20.40
C VAL N 18 -39.39 88.69 19.11
N HIS N 19 -40.05 88.54 17.96
CA HIS N 19 -39.50 88.96 16.68
C HIS N 19 -40.36 90.03 16.00
N PRO N 20 -39.94 91.29 15.94
CA PRO N 20 -40.80 92.30 15.32
C PRO N 20 -40.96 92.12 13.82
N ASP N 21 -39.92 91.65 13.13
CA ASP N 21 -39.92 91.60 11.68
C ASP N 21 -40.33 90.24 11.11
N THR N 22 -40.68 89.27 11.94
CA THR N 22 -40.98 87.93 11.46
C THR N 22 -42.48 87.69 11.53
N GLY N 23 -43.03 87.06 10.49
CA GLY N 23 -44.42 86.68 10.46
C GLY N 23 -44.63 85.19 10.67
N ILE N 24 -45.87 84.77 10.44
CA ILE N 24 -46.25 83.37 10.64
C ILE N 24 -47.36 83.02 9.65
N SER N 25 -47.33 81.78 9.16
CA SER N 25 -48.37 81.24 8.28
C SER N 25 -49.62 80.86 9.06
N SER N 26 -50.74 80.75 8.34
CA SER N 26 -52.02 80.43 8.96
C SER N 26 -51.97 79.05 9.61
N LYS N 27 -51.33 78.09 8.92
CA LYS N 27 -51.22 76.74 9.45
C LYS N 27 -50.45 76.74 10.76
N ALA N 28 -49.29 77.41 10.78
CA ALA N 28 -48.51 77.49 12.00
C ALA N 28 -49.28 78.23 13.09
N MET N 29 -50.12 79.20 12.71
CA MET N 29 -50.99 79.85 13.68
C MET N 29 -52.00 78.87 14.27
N SER N 30 -52.53 77.98 13.42
CA SER N 30 -53.43 76.92 13.90
C SER N 30 -52.71 76.01 14.89
N ILE N 31 -51.44 75.70 14.60
CA ILE N 31 -50.62 74.90 15.51
C ILE N 31 -50.51 75.57 16.88
N MET N 32 -50.24 76.88 16.88
CA MET N 32 -50.14 77.64 18.12
C MET N 32 -51.45 77.62 18.90
N ASN N 33 -52.59 77.72 18.20
CA ASN N 33 -53.90 77.70 18.86
C ASN N 33 -54.19 76.36 19.52
N SER N 34 -53.89 75.25 18.85
CA SER N 34 -54.05 73.91 19.43
C SER N 34 -53.16 73.74 20.66
N PHE N 35 -51.95 74.29 20.61
CA PHE N 35 -51.02 74.23 21.73
C PHE N 35 -51.56 74.94 22.97
N VAL N 36 -52.08 76.15 22.81
CA VAL N 36 -52.64 76.90 23.93
C VAL N 36 -53.82 76.19 24.58
N ASN N 37 -54.77 75.70 23.76
CA ASN N 37 -55.90 74.96 24.32
C ASN N 37 -55.47 73.72 25.10
N ASP N 38 -54.47 73.00 24.60
CA ASP N 38 -53.97 71.82 25.31
C ASP N 38 -53.40 72.18 26.68
N ILE N 39 -52.56 73.22 26.74
CA ILE N 39 -51.99 73.65 28.00
C ILE N 39 -53.08 74.00 29.01
N PHE N 40 -54.10 74.75 28.58
CA PHE N 40 -55.19 75.07 29.50
C PHE N 40 -55.81 73.79 30.08
N GLU N 41 -56.37 72.94 29.21
CA GLU N 41 -56.99 71.69 29.64
C GLU N 41 -56.07 70.83 30.50
N ARG N 42 -54.77 70.77 30.17
CA ARG N 42 -53.87 69.93 30.95
C ARG N 42 -53.75 70.47 32.37
N ILE N 43 -53.34 71.73 32.51
CA ILE N 43 -53.10 72.28 33.84
C ILE N 43 -54.40 72.37 34.61
N ALA N 44 -55.48 72.76 33.93
CA ALA N 44 -56.77 72.91 34.59
C ALA N 44 -57.31 71.57 35.06
N ALA N 45 -57.15 70.49 34.28
CA ALA N 45 -57.63 69.21 34.77
C ALA N 45 -56.86 68.81 36.02
N GLU N 46 -55.53 68.91 35.98
CA GLU N 46 -54.75 68.55 37.15
C GLU N 46 -55.13 69.44 38.32
N ALA N 47 -55.41 70.71 38.04
CA ALA N 47 -55.84 71.65 39.07
C ALA N 47 -57.21 71.28 39.60
N SER N 48 -58.09 70.79 38.71
CA SER N 48 -59.40 70.35 39.16
C SER N 48 -59.26 69.14 40.10
N ARG N 49 -58.44 68.17 39.72
CA ARG N 49 -58.22 67.04 40.62
C ARG N 49 -57.50 67.50 41.89
N LEU N 50 -56.60 68.47 41.76
CA LEU N 50 -55.95 69.02 42.95
C LEU N 50 -56.95 69.68 43.88
N ALA N 51 -57.92 70.42 43.35
CA ALA N 51 -58.91 70.98 44.26
C ALA N 51 -59.79 69.88 44.84
N HIS N 52 -60.06 68.84 44.04
CA HIS N 52 -60.86 67.71 44.49
C HIS N 52 -60.10 66.81 45.47
N TYR N 53 -58.78 66.68 45.29
CA TYR N 53 -57.97 65.88 46.20
C TYR N 53 -57.86 66.52 47.58
N ASN N 54 -57.74 67.84 47.63
CA ASN N 54 -57.58 68.56 48.89
C ASN N 54 -58.91 69.03 49.45
N LYS N 55 -60.02 68.61 48.84
CA LYS N 55 -61.37 68.91 49.32
C LYS N 55 -61.62 70.41 49.40
N ARG N 56 -61.28 71.10 48.32
CA ARG N 56 -61.53 72.54 48.25
C ARG N 56 -62.56 72.78 47.17
N SER N 57 -63.49 73.68 47.43
CA SER N 57 -64.58 73.97 46.50
C SER N 57 -64.22 75.16 45.63
N THR N 58 -63.03 75.70 45.83
CA THR N 58 -62.52 76.87 45.13
C THR N 58 -61.12 76.62 44.59
N ILE N 59 -60.99 76.54 43.27
CA ILE N 59 -59.68 76.45 42.63
C ILE N 59 -58.96 77.78 42.83
N THR N 60 -57.87 77.77 43.59
CA THR N 60 -57.12 78.98 43.91
C THR N 60 -55.83 79.07 43.09
N SER N 61 -55.11 80.18 43.32
CA SER N 61 -53.83 80.46 42.66
C SER N 61 -52.73 79.52 43.12
N ARG N 62 -52.84 78.97 44.33
CA ARG N 62 -51.82 78.07 44.86
C ARG N 62 -51.82 76.72 44.13
N GLU N 63 -52.99 76.24 43.74
CA GLU N 63 -53.10 75.01 42.93
C GLU N 63 -52.50 75.17 41.53
N ILE N 64 -52.63 76.34 40.91
CA ILE N 64 -52.03 76.55 39.59
C ILE N 64 -50.51 76.50 39.69
N GLN N 65 -49.94 77.11 40.74
CA GLN N 65 -48.49 77.03 40.95
C GLN N 65 -48.04 75.58 41.14
N THR N 66 -48.77 74.82 41.96
CA THR N 66 -48.44 73.41 42.18
C THR N 66 -48.58 72.60 40.89
N ALA N 67 -49.66 72.85 40.12
CA ALA N 67 -49.85 72.13 38.87
C ALA N 67 -48.67 72.36 37.92
N VAL N 68 -48.16 73.59 37.85
CA VAL N 68 -47.00 73.87 36.99
C VAL N 68 -45.78 73.07 37.45
N ARG N 69 -45.56 73.00 38.77
CA ARG N 69 -44.43 72.26 39.32
C ARG N 69 -44.51 70.76 39.01
N LEU N 70 -45.73 70.25 38.87
CA LEU N 70 -45.95 68.85 38.54
C LEU N 70 -45.72 68.57 37.06
N LEU N 71 -46.25 69.41 36.17
CA LEU N 71 -46.26 69.10 34.74
C LEU N 71 -44.91 69.40 34.08
N LEU N 72 -44.31 70.60 34.34
CA LEU N 72 -43.13 71.02 33.59
C LEU N 72 -41.83 70.48 34.16
N PRO N 73 -40.85 70.24 33.29
CA PRO N 73 -39.51 69.86 33.74
C PRO N 73 -38.90 70.93 34.62
N GLY N 74 -37.88 70.52 35.38
CA GLY N 74 -37.35 71.36 36.47
C GLY N 74 -37.02 72.79 36.07
N GLU N 75 -36.22 72.96 35.01
CA GLU N 75 -35.81 74.31 34.63
C GLU N 75 -37.00 75.14 34.16
N LEU N 76 -37.79 74.61 33.22
CA LEU N 76 -38.96 75.29 32.69
C LEU N 76 -40.03 75.56 33.76
N ALA N 77 -40.20 74.64 34.70
CA ALA N 77 -41.16 74.84 35.80
C ALA N 77 -40.72 75.98 36.70
N LYS N 78 -39.42 76.07 37.00
CA LYS N 78 -38.90 77.17 37.81
C LYS N 78 -39.21 78.52 37.18
N HIS N 79 -38.86 78.68 35.89
CA HIS N 79 -39.13 79.95 35.20
C HIS N 79 -40.63 80.23 35.09
N ALA N 80 -41.43 79.22 34.75
CA ALA N 80 -42.88 79.44 34.61
C ALA N 80 -43.50 79.88 35.93
N VAL N 81 -43.04 79.30 37.04
CA VAL N 81 -43.49 79.69 38.37
C VAL N 81 -43.10 81.14 38.65
N SER N 82 -41.88 81.52 38.26
CA SER N 82 -41.40 82.89 38.42
C SER N 82 -42.32 83.90 37.73
N GLU N 83 -42.62 83.69 36.44
CA GLU N 83 -43.48 84.62 35.73
C GLU N 83 -44.88 84.70 36.34
N GLY N 84 -45.41 83.58 36.82
CA GLY N 84 -46.73 83.56 37.43
C GLY N 84 -46.95 84.36 38.70
N THR N 85 -46.14 84.10 39.74
CA THR N 85 -46.27 84.85 40.99
C THR N 85 -46.02 86.33 40.83
N LYS N 86 -45.11 86.71 39.93
CA LYS N 86 -44.86 88.12 39.64
C LYS N 86 -46.08 88.78 39.00
N ALA N 87 -46.70 88.11 38.04
CA ALA N 87 -47.87 88.66 37.36
C ALA N 87 -49.06 88.78 38.31
N VAL N 88 -49.23 87.82 39.21
CA VAL N 88 -50.32 87.90 40.19
C VAL N 88 -50.11 89.10 41.11
N THR N 89 -48.86 89.31 41.54
CA THR N 89 -48.53 90.47 42.37
C THR N 89 -48.85 91.77 41.63
N LYS N 90 -48.48 91.85 40.36
CA LYS N 90 -48.76 93.04 39.56
C LYS N 90 -50.26 93.26 39.34
N TYR N 91 -51.03 92.18 39.23
CA TYR N 91 -52.48 92.34 39.07
C TYR N 91 -53.14 92.86 40.34
N THR N 92 -52.72 92.36 41.50
CA THR N 92 -53.31 92.80 42.77
C THR N 92 -52.85 94.18 43.20
N SER N 93 -51.83 94.76 42.57
CA SER N 93 -51.38 96.09 42.96
C SER N 93 -52.31 97.18 42.45
N SER N 94 -52.92 96.98 41.28
CA SER N 94 -53.81 97.99 40.71
C SER N 94 -55.26 97.67 41.00
N PRO O 1 -22.34 54.34 -19.09
CA PRO O 1 -22.56 53.24 -18.14
C PRO O 1 -22.13 53.62 -16.72
N HIS O 2 -22.82 54.57 -16.11
CA HIS O 2 -22.51 55.03 -14.76
C HIS O 2 -23.52 54.45 -13.79
N ARG O 3 -23.04 53.80 -12.73
CA ARG O 3 -23.90 53.21 -11.71
C ARG O 3 -23.35 53.50 -10.32
N TYR O 4 -24.21 53.97 -9.42
CA TYR O 4 -23.83 54.21 -8.04
C TYR O 4 -23.79 52.93 -7.21
N ARG O 5 -22.87 52.89 -6.25
CA ARG O 5 -22.74 51.74 -5.36
C ARG O 5 -23.96 51.63 -4.46
N PRO O 6 -24.37 50.40 -4.12
CA PRO O 6 -25.58 50.23 -3.31
C PRO O 6 -25.56 50.93 -1.96
N GLY O 7 -26.63 51.66 -1.69
CA GLY O 7 -26.83 52.41 -0.47
C GLY O 7 -26.63 53.90 -0.56
N THR O 8 -25.88 54.40 -1.54
CA THR O 8 -25.67 55.84 -1.64
C THR O 8 -26.93 56.57 -2.10
N VAL O 9 -27.55 56.12 -3.19
CA VAL O 9 -28.82 56.71 -3.62
C VAL O 9 -29.87 56.58 -2.53
N ALA O 10 -29.85 55.47 -1.79
CA ALA O 10 -30.77 55.34 -0.67
C ALA O 10 -30.54 56.45 0.34
N LEU O 11 -29.26 56.70 0.67
CA LEU O 11 -28.92 57.73 1.63
C LEU O 11 -29.30 59.12 1.13
N ARG O 12 -29.08 59.39 -0.15
CA ARG O 12 -29.52 60.68 -0.71
C ARG O 12 -31.03 60.82 -0.63
N GLU O 13 -31.78 59.73 -0.79
CA GLU O 13 -33.23 59.78 -0.60
C GLU O 13 -33.55 60.04 0.86
N ILE O 14 -32.73 59.50 1.76
CA ILE O 14 -32.88 59.72 3.21
C ILE O 14 -32.77 61.22 3.48
N ARG O 15 -31.67 61.82 3.02
CA ARG O 15 -31.43 63.25 3.20
C ARG O 15 -32.53 64.06 2.51
N ARG O 16 -32.93 63.68 1.31
CA ARG O 16 -33.96 64.38 0.56
C ARG O 16 -35.29 64.47 1.31
N TYR O 17 -35.81 63.34 1.76
CA TYR O 17 -37.14 63.27 2.37
C TYR O 17 -37.19 63.68 3.84
N GLN O 18 -36.06 63.70 4.55
CA GLN O 18 -36.04 64.24 5.90
C GLN O 18 -36.08 65.76 5.97
N LYS O 19 -35.54 66.46 4.97
CA LYS O 19 -35.62 67.92 4.96
C LYS O 19 -37.00 68.42 4.55
N SER O 20 -37.78 67.60 3.85
CA SER O 20 -39.08 68.00 3.31
C SER O 20 -40.20 67.45 4.20
N THR O 21 -41.24 68.27 4.37
CA THR O 21 -42.42 67.93 5.15
C THR O 21 -43.61 67.46 4.30
N GLU O 22 -43.45 67.41 2.99
CA GLU O 22 -44.58 67.06 2.13
C GLU O 22 -45.01 65.63 2.37
N LEU O 23 -46.29 65.36 2.12
CA LEU O 23 -46.82 64.02 2.32
C LEU O 23 -46.26 63.06 1.29
N LEU O 24 -45.73 61.93 1.75
CA LEU O 24 -45.06 60.98 0.89
C LEU O 24 -46.02 59.93 0.32
N ILE O 25 -47.25 59.89 0.81
CA ILE O 25 -48.28 58.96 0.34
C ILE O 25 -49.25 59.69 -0.59
N ARG O 26 -49.62 59.02 -1.68
CA ARG O 26 -50.58 59.59 -2.61
C ARG O 26 -51.92 59.80 -1.91
N LYS O 27 -52.55 60.94 -2.18
CA LYS O 27 -53.74 61.37 -1.43
C LYS O 27 -54.96 60.51 -1.73
N LEU O 28 -55.29 60.29 -3.00
CA LEU O 28 -56.55 59.63 -3.34
C LEU O 28 -56.64 58.20 -2.81
N PRO O 29 -55.65 57.31 -2.98
CA PRO O 29 -55.80 55.95 -2.44
C PRO O 29 -55.95 55.88 -0.93
N PHE O 30 -55.27 56.72 -0.17
CA PHE O 30 -55.45 56.72 1.28
C PHE O 30 -56.89 57.06 1.66
N GLN O 31 -57.50 58.01 0.97
CA GLN O 31 -58.89 58.34 1.26
C GLN O 31 -59.78 57.13 1.02
N ARG O 32 -59.59 56.44 -0.11
CA ARG O 32 -60.37 55.24 -0.39
C ARG O 32 -60.12 54.17 0.67
N LEU O 33 -58.88 54.07 1.17
CA LEU O 33 -58.60 53.15 2.27
C LEU O 33 -59.38 53.54 3.51
N VAL O 34 -59.43 54.85 3.81
CA VAL O 34 -60.20 55.35 4.94
C VAL O 34 -61.67 55.02 4.76
N ARG O 35 -62.19 55.23 3.53
CA ARG O 35 -63.58 54.89 3.24
C ARG O 35 -63.84 53.41 3.47
N GLU O 36 -62.98 52.55 2.92
CA GLU O 36 -63.18 51.12 3.05
C GLU O 36 -63.23 50.67 4.51
N ILE O 37 -62.23 51.09 5.30
CA ILE O 37 -62.22 50.67 6.70
C ILE O 37 -63.38 51.27 7.48
N ALA O 38 -63.72 52.53 7.22
CA ALA O 38 -64.80 53.17 7.97
C ALA O 38 -66.16 52.55 7.66
N GLN O 39 -66.30 51.97 6.46
CA GLN O 39 -67.55 51.32 6.07
C GLN O 39 -67.88 50.10 6.93
N ASP O 40 -66.89 49.54 7.63
CA ASP O 40 -67.17 48.39 8.48
C ASP O 40 -68.05 48.80 9.66
N PHE O 41 -67.72 49.92 10.31
CA PHE O 41 -68.45 50.30 11.51
C PHE O 41 -69.76 50.99 11.16
N LYS O 42 -69.80 51.78 10.09
CA LYS O 42 -71.02 52.47 9.72
C LYS O 42 -71.06 52.65 8.20
N THR O 43 -72.28 52.72 7.66
CA THR O 43 -72.56 52.82 6.24
C THR O 43 -72.98 54.23 5.82
N ASP O 44 -72.61 54.60 4.59
CA ASP O 44 -72.95 55.92 4.01
C ASP O 44 -72.41 57.06 4.86
N LEU O 45 -71.14 56.97 5.19
CA LEU O 45 -70.42 57.96 5.97
C LEU O 45 -69.94 59.11 5.09
N ARG O 46 -70.10 60.34 5.60
CA ARG O 46 -69.55 61.55 5.00
C ARG O 46 -68.27 61.91 5.73
N PHE O 47 -67.28 62.41 5.00
CA PHE O 47 -65.98 62.76 5.54
C PHE O 47 -65.58 64.17 5.14
N GLN O 48 -65.24 65.00 6.12
CA GLN O 48 -64.70 66.32 5.78
C GLN O 48 -63.36 66.20 5.09
N SER O 49 -63.05 67.19 4.25
CA SER O 49 -61.76 67.21 3.57
C SER O 49 -60.63 67.32 4.58
N SER O 50 -60.83 68.12 5.63
CA SER O 50 -59.83 68.29 6.66
C SER O 50 -59.74 67.05 7.55
N ALA O 51 -60.82 66.28 7.63
CA ALA O 51 -60.84 65.05 8.41
C ALA O 51 -59.92 64.01 7.78
N VAL O 52 -60.05 63.82 6.47
CA VAL O 52 -59.20 62.89 5.75
C VAL O 52 -57.75 63.34 5.81
N MET O 53 -57.52 64.65 5.70
CA MET O 53 -56.16 65.18 5.80
C MET O 53 -55.54 64.89 7.16
N ALA O 54 -56.33 65.00 8.23
CA ALA O 54 -55.85 64.68 9.56
C ALA O 54 -55.40 63.22 9.68
N LEU O 55 -56.20 62.28 9.16
CA LEU O 55 -55.81 60.87 9.16
C LEU O 55 -54.48 60.60 8.46
N GLN O 56 -54.22 61.28 7.33
CA GLN O 56 -52.98 61.00 6.61
C GLN O 56 -51.76 61.53 7.36
N GLU O 57 -51.87 62.71 7.96
CA GLU O 57 -50.78 63.25 8.77
C GLU O 57 -50.48 62.35 9.96
N ALA O 58 -51.52 61.96 10.69
CA ALA O 58 -51.37 61.09 11.87
C ALA O 58 -50.77 59.73 11.48
N SER O 59 -51.26 59.14 10.39
CA SER O 59 -50.76 57.84 9.94
C SER O 59 -49.27 57.88 9.62
N GLU O 60 -48.86 58.84 8.79
CA GLU O 60 -47.45 58.94 8.41
C GLU O 60 -46.55 59.18 9.62
N ALA O 61 -47.00 60.03 10.55
CA ALA O 61 -46.25 60.26 11.79
C ALA O 61 -46.09 58.98 12.62
N TYR O 62 -47.17 58.24 12.84
CA TYR O 62 -47.09 56.98 13.59
C TYR O 62 -46.11 56.01 12.94
N LEU O 63 -46.20 55.85 11.63
CA LEU O 63 -45.33 54.90 10.93
C LEU O 63 -43.87 55.32 10.97
N VAL O 64 -43.60 56.62 10.83
CA VAL O 64 -42.21 57.12 10.83
C VAL O 64 -41.54 56.91 12.20
N GLY O 65 -42.23 57.26 13.28
CA GLY O 65 -41.66 57.01 14.61
C GLY O 65 -41.34 55.55 14.85
N LEU O 66 -42.24 54.65 14.44
CA LEU O 66 -42.00 53.21 14.52
C LEU O 66 -40.77 52.82 13.71
N PHE O 67 -40.63 53.38 12.51
CA PHE O 67 -39.50 53.08 11.64
C PHE O 67 -38.18 53.54 12.25
N GLU O 68 -38.18 54.62 13.00
CA GLU O 68 -36.98 55.01 13.73
C GLU O 68 -36.63 53.99 14.81
N ASP O 69 -37.63 53.58 15.60
CA ASP O 69 -37.40 52.56 16.61
C ASP O 69 -36.98 51.22 16.00
N THR O 70 -37.55 50.88 14.83
CA THR O 70 -37.15 49.65 14.15
C THR O 70 -35.73 49.74 13.62
N ASN O 71 -35.35 50.89 13.06
CA ASN O 71 -33.98 51.03 12.57
C ASN O 71 -32.99 50.82 13.71
N LEU O 72 -33.28 51.41 14.87
CA LEU O 72 -32.41 51.20 16.02
C LEU O 72 -32.36 49.71 16.36
N CYS O 73 -33.50 49.03 16.26
CA CYS O 73 -33.52 47.59 16.53
C CYS O 73 -32.65 46.85 15.52
N ALA O 74 -32.75 47.23 14.24
CA ALA O 74 -31.95 46.56 13.21
C ALA O 74 -30.47 46.85 13.45
N ILE O 75 -30.16 48.09 13.82
CA ILE O 75 -28.79 48.50 14.11
C ILE O 75 -28.31 47.79 15.37
N HIS O 76 -29.21 47.62 16.35
CA HIS O 76 -28.84 46.90 17.56
C HIS O 76 -28.50 45.45 17.26
N ALA O 77 -29.00 44.92 16.15
CA ALA O 77 -28.68 43.56 15.75
C ALA O 77 -27.45 43.52 14.86
N LYS O 78 -26.74 44.66 14.72
CA LYS O 78 -25.59 44.77 13.83
C LYS O 78 -26.03 44.45 12.40
N ARG O 79 -27.14 45.07 12.01
CA ARG O 79 -27.74 44.88 10.70
C ARG O 79 -28.08 46.21 10.05
N VAL O 80 -27.86 46.25 8.73
CA VAL O 80 -28.14 47.43 7.91
C VAL O 80 -29.52 47.35 7.28
N THR O 81 -30.21 46.22 7.42
CA THR O 81 -31.52 46.02 6.84
C THR O 81 -32.53 45.89 7.97
N ILE O 82 -33.70 46.49 7.80
CA ILE O 82 -34.78 46.35 8.75
C ILE O 82 -35.55 45.07 8.46
N MET O 83 -36.05 44.42 9.49
CA MET O 83 -36.75 43.16 9.33
C MET O 83 -37.99 43.12 10.22
N PRO O 84 -38.95 42.26 9.91
CA PRO O 84 -40.15 42.13 10.75
C PRO O 84 -39.86 41.86 12.21
N LYS O 85 -38.75 41.18 12.52
CA LYS O 85 -38.35 40.97 13.90
C LYS O 85 -38.19 42.29 14.64
N ASP O 86 -37.58 43.28 13.99
CA ASP O 86 -37.41 44.59 14.63
C ASP O 86 -38.75 45.26 14.85
N ILE O 87 -39.67 45.14 13.89
CA ILE O 87 -40.99 45.75 14.03
C ILE O 87 -41.75 45.14 15.19
N GLN O 88 -41.81 43.80 15.22
CA GLN O 88 -42.49 43.10 16.30
C GLN O 88 -41.89 43.40 17.67
N LEU O 89 -40.56 43.52 17.74
CA LEU O 89 -39.91 43.90 19.00
C LEU O 89 -40.31 45.31 19.47
N ALA O 90 -40.19 46.29 18.57
CA ALA O 90 -40.52 47.68 18.88
C ALA O 90 -41.95 47.86 19.38
N ARG O 91 -42.91 47.22 18.73
CA ARG O 91 -44.31 47.31 19.14
C ARG O 91 -44.55 46.69 20.52
N ARG O 92 -43.82 45.63 20.86
CA ARG O 92 -44.00 45.01 22.17
C ARG O 92 -43.53 45.91 23.30
N ILE O 93 -42.43 46.63 23.10
CA ILE O 93 -41.94 47.51 24.16
C ILE O 93 -42.85 48.73 24.26
N ARG O 94 -43.40 49.17 23.13
CA ARG O 94 -44.33 50.30 23.15
C ARG O 94 -45.53 49.98 24.04
N GLY O 95 -45.99 48.73 23.98
CA GLY O 95 -47.19 48.28 24.64
C GLY O 95 -48.38 48.12 23.72
N GLU O 96 -48.18 48.29 22.41
CA GLU O 96 -49.27 48.14 21.44
C GLU O 96 -49.64 46.69 21.21
N ARG O 97 -48.63 45.84 20.97
CA ARG O 97 -48.79 44.41 20.71
C ARG O 97 -49.67 44.21 19.49
N VAL P 1 -67.41 40.50 0.69
CA VAL P 1 -67.53 41.67 -0.18
C VAL P 1 -66.62 42.79 0.33
N LEU P 2 -65.31 42.55 0.29
CA LEU P 2 -64.30 43.54 0.63
C LEU P 2 -63.46 43.83 -0.60
N ARG P 3 -63.23 45.10 -0.89
CA ARG P 3 -62.30 45.51 -1.92
C ARG P 3 -61.02 45.98 -1.25
N ASP P 4 -59.90 45.38 -1.65
CA ASP P 4 -58.62 45.70 -1.04
C ASP P 4 -58.02 47.05 -1.39
N ASN P 5 -58.32 48.09 -0.61
CA ASN P 5 -57.83 49.42 -0.96
C ASN P 5 -56.55 49.67 -0.19
N ILE P 6 -56.18 48.70 0.65
CA ILE P 6 -54.94 48.67 1.41
C ILE P 6 -53.76 48.48 0.47
N GLN P 7 -54.02 47.90 -0.71
CA GLN P 7 -53.00 47.80 -1.75
C GLN P 7 -52.79 49.10 -2.50
N GLY P 8 -53.62 50.11 -2.25
CA GLY P 8 -53.40 51.40 -2.87
C GLY P 8 -52.14 52.06 -2.39
N ILE P 9 -51.59 51.58 -1.28
CA ILE P 9 -50.31 52.04 -0.74
C ILE P 9 -49.21 51.32 -1.50
N THR P 10 -48.47 52.05 -2.33
CA THR P 10 -47.53 51.45 -3.25
C THR P 10 -46.21 51.09 -2.55
N LYS P 11 -45.47 50.15 -3.16
CA LYS P 11 -44.13 49.81 -2.69
C LYS P 11 -43.18 51.00 -2.60
N PRO P 12 -43.04 51.86 -3.61
CA PRO P 12 -42.10 53.00 -3.49
C PRO P 12 -42.56 54.03 -2.47
N ALA P 13 -43.84 54.07 -2.14
CA ALA P 13 -44.36 54.96 -1.11
C ALA P 13 -43.86 54.52 0.27
N ILE P 14 -44.02 53.25 0.59
CA ILE P 14 -43.46 52.71 1.84
C ILE P 14 -41.95 52.89 1.89
N ARG P 15 -41.28 52.77 0.73
CA ARG P 15 -39.84 52.98 0.69
C ARG P 15 -39.46 54.41 1.08
N ARG P 16 -40.22 55.40 0.60
CA ARG P 16 -39.95 56.80 0.92
C ARG P 16 -40.17 57.09 2.40
N LEU P 17 -41.26 56.59 2.97
CA LEU P 17 -41.53 56.79 4.39
C LEU P 17 -40.41 56.23 5.24
N ALA P 18 -39.88 55.06 4.86
CA ALA P 18 -38.76 54.46 5.57
C ALA P 18 -37.49 55.26 5.38
N ARG P 19 -37.33 55.92 4.22
CA ARG P 19 -36.17 56.79 4.03
C ARG P 19 -36.23 57.97 4.99
N ARG P 20 -37.42 58.53 5.19
CA ARG P 20 -37.60 59.58 6.18
C ARG P 20 -37.36 59.05 7.59
N GLY P 21 -37.70 57.78 7.83
CA GLY P 21 -37.38 57.14 9.09
C GLY P 21 -35.89 56.96 9.31
N GLY P 22 -35.10 56.89 8.23
CA GLY P 22 -33.68 56.78 8.35
C GLY P 22 -33.05 55.42 8.11
N VAL P 23 -33.74 54.50 7.45
CA VAL P 23 -33.17 53.18 7.20
C VAL P 23 -32.42 53.18 5.87
N LYS P 24 -31.27 52.50 5.86
CA LYS P 24 -30.47 52.40 4.64
C LYS P 24 -30.96 51.28 3.74
N ARG P 25 -31.24 50.12 4.30
CA ARG P 25 -31.61 48.93 3.54
C ARG P 25 -32.92 48.39 4.09
N ILE P 26 -33.75 47.85 3.19
CA ILE P 26 -35.09 47.40 3.55
C ILE P 26 -35.32 45.95 3.14
N SER P 27 -35.89 45.15 4.05
CA SER P 27 -36.25 43.77 3.76
C SER P 27 -37.47 43.73 2.84
N GLY P 28 -37.65 42.59 2.17
CA GLY P 28 -38.75 42.44 1.22
C GLY P 28 -40.10 42.29 1.88
N LEU P 29 -40.15 41.69 3.06
CA LEU P 29 -41.37 41.44 3.84
C LEU P 29 -41.91 42.64 4.60
N ILE P 30 -41.17 43.75 4.69
CA ILE P 30 -41.66 44.87 5.48
C ILE P 30 -42.92 45.47 4.88
N TYR P 31 -43.03 45.50 3.55
CA TYR P 31 -44.12 46.21 2.90
C TYR P 31 -45.50 45.65 3.27
N GLU P 32 -45.62 44.32 3.35
CA GLU P 32 -46.86 43.69 3.78
C GLU P 32 -47.12 43.86 5.26
N GLU P 33 -46.08 43.72 6.09
CA GLU P 33 -46.21 43.93 7.53
C GLU P 33 -46.74 45.33 7.85
N THR P 34 -46.22 46.36 7.16
CA THR P 34 -46.69 47.72 7.41
C THR P 34 -48.16 47.89 7.07
N ARG P 35 -48.64 47.30 5.97
CA ARG P 35 -50.06 47.42 5.64
C ARG P 35 -50.96 46.85 6.73
N GLY P 36 -50.54 45.73 7.33
CA GLY P 36 -51.33 45.18 8.44
C GLY P 36 -51.39 46.11 9.64
N VAL P 37 -50.23 46.60 10.08
CA VAL P 37 -50.20 47.49 11.24
C VAL P 37 -51.05 48.73 10.99
N LEU P 38 -50.90 49.33 9.80
CA LEU P 38 -51.70 50.50 9.46
C LEU P 38 -53.18 50.18 9.44
N LYS P 39 -53.55 49.01 8.90
CA LYS P 39 -54.96 48.63 8.91
C LYS P 39 -55.48 48.51 10.34
N VAL P 40 -54.71 47.84 11.20
CA VAL P 40 -55.11 47.75 12.60
C VAL P 40 -55.18 49.14 13.21
N PHE P 41 -54.11 49.94 13.00
CA PHE P 41 -54.08 51.32 13.46
C PHE P 41 -55.29 52.13 13.00
N LEU P 42 -55.47 52.24 11.68
CA LEU P 42 -56.64 52.96 11.18
C LEU P 42 -57.93 52.40 11.75
N GLU P 43 -58.04 51.08 11.85
CA GLU P 43 -59.26 50.48 12.37
C GLU P 43 -59.53 50.93 13.80
N ASN P 44 -58.51 50.93 14.65
CA ASN P 44 -58.72 51.36 16.03
C ASN P 44 -59.09 52.84 16.09
N VAL P 45 -58.30 53.69 15.43
CA VAL P 45 -58.57 55.13 15.48
C VAL P 45 -59.95 55.44 14.90
N ILE P 46 -60.26 54.87 13.74
CA ILE P 46 -61.55 55.09 13.12
C ILE P 46 -62.69 54.52 13.96
N ARG P 47 -62.45 53.42 14.68
CA ARG P 47 -63.48 52.86 15.55
C ARG P 47 -63.89 53.88 16.60
N ASP P 48 -62.91 54.52 17.24
CA ASP P 48 -63.20 55.51 18.26
C ASP P 48 -63.80 56.77 17.66
N ALA P 49 -63.25 57.23 16.53
CA ALA P 49 -63.79 58.43 15.90
C ALA P 49 -65.25 58.26 15.50
N VAL P 50 -65.59 57.11 14.90
CA VAL P 50 -66.97 56.87 14.48
C VAL P 50 -67.89 56.80 15.69
N THR P 51 -67.41 56.25 16.80
CA THR P 51 -68.20 56.26 18.03
C THR P 51 -68.44 57.69 18.49
N TYR P 52 -67.41 58.53 18.38
CA TYR P 52 -67.56 59.96 18.64
C TYR P 52 -68.56 60.57 17.68
N THR P 53 -68.47 60.18 16.40
CA THR P 53 -69.37 60.69 15.38
C THR P 53 -70.81 60.26 15.61
N GLU P 54 -71.06 59.01 16.00
CA GLU P 54 -72.43 58.57 16.25
C GLU P 54 -73.03 59.25 17.47
N HIS P 55 -72.21 59.54 18.48
CA HIS P 55 -72.67 60.25 19.67
C HIS P 55 -73.13 61.66 19.40
N ALA P 56 -72.53 62.33 18.42
CA ALA P 56 -72.91 63.70 18.08
C ALA P 56 -74.05 63.78 17.07
N LYS P 57 -74.63 62.65 16.67
CA LYS P 57 -75.76 62.62 15.75
C LYS P 57 -75.41 63.34 14.44
N ARG P 58 -74.30 62.92 13.84
CA ARG P 58 -73.88 63.42 12.54
C ARG P 58 -73.44 62.24 11.69
N LYS P 59 -74.06 62.04 10.53
CA LYS P 59 -73.57 61.03 9.62
C LYS P 59 -72.17 61.37 9.14
N THR P 60 -71.88 62.67 8.96
CA THR P 60 -70.56 63.08 8.50
C THR P 60 -69.55 62.93 9.63
N VAL P 61 -68.27 63.02 9.27
CA VAL P 61 -67.18 62.89 10.23
C VAL P 61 -66.34 64.16 10.17
N THR P 62 -66.36 64.94 11.24
CA THR P 62 -65.57 66.16 11.31
C THR P 62 -64.11 65.86 11.66
N ALA P 63 -63.24 66.82 11.36
CA ALA P 63 -61.85 66.72 11.78
C ALA P 63 -61.71 66.67 13.30
N MET P 64 -62.65 67.30 14.02
CA MET P 64 -62.67 67.27 15.47
C MET P 64 -62.87 65.86 16.01
N ASP P 65 -63.60 65.03 15.27
CA ASP P 65 -63.78 63.62 15.62
C ASP P 65 -62.45 62.87 15.60
N VAL P 66 -61.63 63.10 14.58
CA VAL P 66 -60.32 62.45 14.48
C VAL P 66 -59.40 62.94 15.59
N VAL P 67 -59.44 64.23 15.89
CA VAL P 67 -58.60 64.82 16.93
C VAL P 67 -58.92 64.19 18.28
N TYR P 68 -60.21 64.12 18.63
CA TYR P 68 -60.61 63.51 19.89
C TYR P 68 -60.23 62.03 19.97
N ALA P 69 -60.45 61.29 18.88
CA ALA P 69 -60.10 59.87 18.80
C ALA P 69 -58.61 59.62 19.03
N LEU P 70 -57.76 60.36 18.34
CA LEU P 70 -56.32 60.26 18.53
C LEU P 70 -55.88 60.59 19.96
N LYS P 71 -56.51 61.57 20.59
CA LYS P 71 -56.17 61.94 21.95
C LYS P 71 -56.44 60.78 22.92
N ARG P 72 -57.50 60.02 22.68
CA ARG P 72 -57.81 58.89 23.56
C ARG P 72 -56.80 57.76 23.35
N GLN P 73 -56.34 57.58 22.12
CA GLN P 73 -55.34 56.57 21.83
C GLN P 73 -54.00 56.93 22.46
N GLY P 74 -53.81 58.20 22.84
CA GLY P 74 -52.59 58.69 23.43
C GLY P 74 -51.74 59.56 22.51
N ARG P 75 -51.99 59.54 21.21
CA ARG P 75 -51.25 60.34 20.25
C ARG P 75 -52.10 61.56 19.92
N THR P 76 -51.71 62.74 20.43
CA THR P 76 -52.52 63.94 20.25
C THR P 76 -52.03 64.72 19.03
N LEU P 77 -52.99 65.26 18.27
CA LEU P 77 -52.72 65.97 17.03
C LEU P 77 -53.06 67.45 17.11
N TYR P 78 -52.10 68.29 16.72
CA TYR P 78 -52.21 69.74 16.71
C TYR P 78 -52.49 70.22 15.28
N GLY P 79 -53.24 71.32 15.18
CA GLY P 79 -53.46 71.98 13.90
C GLY P 79 -54.83 71.78 13.28
N PHE P 80 -55.56 70.72 13.66
CA PHE P 80 -56.91 70.50 13.15
C PHE P 80 -57.99 70.83 14.18
N GLY P 81 -57.65 71.62 15.17
CA GLY P 81 -58.59 72.06 16.18
C GLY P 81 -58.24 71.51 17.55
N GLY P 82 -59.29 71.53 18.42
CA GLY P 82 -59.14 71.08 19.79
C GLY P 82 -58.26 71.96 20.64
N SER Q 2 -85.27 50.74 47.65
CA SER Q 2 -84.11 51.54 47.27
C SER Q 2 -83.97 51.57 45.76
N ARG Q 3 -83.21 52.55 45.25
CA ARG Q 3 -83.00 52.64 43.81
C ARG Q 3 -82.04 51.57 43.31
N SER Q 4 -81.15 51.07 44.17
CA SER Q 4 -80.27 49.98 43.73
C SER Q 4 -81.12 48.75 43.46
N ASN Q 5 -82.13 48.56 44.32
CA ASN Q 5 -83.09 47.46 44.19
C ASN Q 5 -84.01 47.70 43.00
N ARG Q 6 -84.37 48.97 42.74
CA ARG Q 6 -85.22 49.29 41.61
C ARG Q 6 -84.53 48.96 40.29
N ALA Q 7 -83.24 49.26 40.19
CA ALA Q 7 -82.51 48.94 38.97
C ALA Q 7 -82.15 47.46 38.90
N GLY Q 8 -82.24 46.76 40.04
CA GLY Q 8 -81.86 45.36 40.13
C GLY Q 8 -80.36 45.20 40.13
N LEU Q 9 -79.67 46.10 40.82
CA LEU Q 9 -78.22 46.12 40.93
C LEU Q 9 -77.84 46.21 42.40
N GLN Q 10 -76.69 45.61 42.72
CA GLN Q 10 -76.19 45.71 44.08
C GLN Q 10 -75.44 47.01 44.31
N PHE Q 11 -74.73 47.52 43.31
CA PHE Q 11 -73.98 48.75 43.49
C PHE Q 11 -74.92 49.93 43.72
N PRO Q 12 -74.60 50.82 44.66
CA PRO Q 12 -75.52 51.90 45.03
C PRO Q 12 -75.71 52.98 43.96
N VAL Q 13 -76.86 53.02 43.31
CA VAL Q 13 -77.10 54.08 42.34
C VAL Q 13 -77.17 55.44 43.04
N GLY Q 14 -77.73 55.47 44.24
CA GLY Q 14 -77.82 56.72 44.99
C GLY Q 14 -76.46 57.31 45.33
N ARG Q 15 -75.52 56.47 45.78
CA ARG Q 15 -74.17 56.95 46.06
C ARG Q 15 -73.51 57.47 44.79
N ILE Q 16 -73.70 56.77 43.67
CA ILE Q 16 -73.12 57.20 42.40
C ILE Q 16 -73.73 58.52 41.94
N HIS Q 17 -75.04 58.69 42.18
CA HIS Q 17 -75.71 59.95 41.86
C HIS Q 17 -75.14 61.12 42.65
N ARG Q 18 -74.92 60.92 43.95
CA ARG Q 18 -74.32 61.97 44.78
C ARG Q 18 -72.91 62.31 44.30
N LEU Q 19 -72.09 61.31 44.00
CA LEU Q 19 -70.71 61.53 43.56
C LEU Q 19 -70.66 62.21 42.20
N LEU Q 20 -71.64 61.94 41.33
CA LEU Q 20 -71.74 62.57 40.02
C LEU Q 20 -72.13 64.05 40.12
N ARG Q 21 -72.96 64.37 41.11
CA ARG Q 21 -73.37 65.76 41.34
C ARG Q 21 -72.24 66.57 41.97
N LYS Q 22 -71.44 65.96 42.83
CA LYS Q 22 -70.41 66.67 43.56
C LYS Q 22 -69.05 66.60 42.86
N GLY Q 23 -68.95 65.87 41.75
CA GLY Q 23 -67.65 65.70 41.12
C GLY Q 23 -67.31 66.76 40.09
N ASN Q 24 -68.14 67.82 39.97
CA ASN Q 24 -67.90 68.90 39.01
C ASN Q 24 -67.82 68.42 37.57
N TYR Q 25 -68.52 67.36 37.21
CA TYR Q 25 -68.48 66.91 35.82
C TYR Q 25 -69.43 67.70 34.92
N ALA Q 26 -70.60 68.09 35.43
CA ALA Q 26 -71.53 68.88 34.64
C ALA Q 26 -72.48 69.62 35.59
N GLU Q 27 -73.28 70.52 35.00
CA GLU Q 27 -74.26 71.24 35.79
C GLU Q 27 -75.35 70.30 36.29
N ARG Q 28 -75.85 69.43 35.41
CA ARG Q 28 -76.92 68.52 35.78
C ARG Q 28 -76.54 67.10 35.38
N VAL Q 29 -77.03 66.15 36.17
CA VAL Q 29 -76.77 64.72 36.00
C VAL Q 29 -78.09 64.06 35.62
N GLY Q 30 -78.07 63.27 34.56
CA GLY Q 30 -79.28 62.58 34.16
C GLY Q 30 -79.76 61.59 35.20
N ALA Q 31 -81.02 61.18 35.04
CA ALA Q 31 -81.63 60.24 35.97
C ALA Q 31 -81.17 58.82 35.68
N GLY Q 32 -80.91 58.51 34.42
CA GLY Q 32 -80.51 57.17 34.04
C GLY Q 32 -79.02 56.97 33.98
N ALA Q 33 -78.25 58.05 34.04
CA ALA Q 33 -76.78 57.93 33.98
C ALA Q 33 -76.22 57.15 35.16
N PRO Q 34 -76.56 57.46 36.42
CA PRO Q 34 -75.96 56.69 37.53
C PRO Q 34 -76.40 55.24 37.53
N VAL Q 35 -77.58 54.96 36.97
CA VAL Q 35 -78.03 53.58 36.80
C VAL Q 35 -77.16 52.85 35.78
N TYR Q 36 -76.93 53.48 34.63
CA TYR Q 36 -76.06 52.91 33.60
C TYR Q 36 -74.67 52.62 34.15
N LEU Q 37 -74.07 53.59 34.84
CA LEU Q 37 -72.73 53.42 35.40
C LEU Q 37 -72.66 52.29 36.42
N ALA Q 38 -73.65 52.19 37.32
CA ALA Q 38 -73.62 51.09 38.29
C ALA Q 38 -73.63 49.73 37.59
N ALA Q 39 -74.41 49.57 36.53
CA ALA Q 39 -74.43 48.29 35.84
C ALA Q 39 -73.07 47.97 35.23
N VAL Q 40 -72.45 48.97 34.59
CA VAL Q 40 -71.14 48.79 33.98
C VAL Q 40 -70.08 48.46 35.02
N MET Q 41 -70.04 49.23 36.11
CA MET Q 41 -69.07 48.96 37.17
C MET Q 41 -69.25 47.57 37.77
N GLU Q 42 -70.49 47.17 38.06
CA GLU Q 42 -70.72 45.83 38.63
C GLU Q 42 -70.31 44.73 37.67
N TYR Q 43 -70.58 44.90 36.38
CA TYR Q 43 -70.23 43.88 35.39
C TYR Q 43 -68.73 43.69 35.27
N LEU Q 44 -67.98 44.78 35.11
CA LEU Q 44 -66.53 44.68 34.99
C LEU Q 44 -65.93 44.09 36.26
N ALA Q 45 -66.39 44.55 37.43
CA ALA Q 45 -65.95 43.98 38.69
C ALA Q 45 -66.26 42.49 38.75
N ALA Q 46 -67.44 42.10 38.25
CA ALA Q 46 -67.82 40.68 38.23
C ALA Q 46 -66.89 39.89 37.32
N GLU Q 47 -66.54 40.45 36.15
CA GLU Q 47 -65.62 39.78 35.25
C GLU Q 47 -64.27 39.56 35.92
N VAL Q 48 -63.71 40.61 36.52
CA VAL Q 48 -62.44 40.47 37.21
C VAL Q 48 -62.58 39.44 38.32
N LEU Q 49 -63.68 39.51 39.07
CA LEU Q 49 -63.91 38.62 40.20
C LEU Q 49 -64.12 37.18 39.72
N GLU Q 50 -64.71 37.00 38.54
CA GLU Q 50 -64.92 35.63 38.08
C GLU Q 50 -63.61 35.00 37.62
N LEU Q 51 -62.80 35.73 36.86
CA LEU Q 51 -61.52 35.15 36.44
C LEU Q 51 -60.60 34.94 37.64
N ALA Q 52 -60.64 35.88 38.61
CA ALA Q 52 -59.91 35.71 39.85
C ALA Q 52 -60.48 34.63 40.76
N GLY Q 53 -61.79 34.41 40.74
CA GLY Q 53 -62.35 33.30 41.51
C GLY Q 53 -61.92 31.96 40.96
N ASN Q 54 -61.96 31.81 39.64
CA ASN Q 54 -61.40 30.63 38.99
C ASN Q 54 -59.90 30.52 39.24
N ALA Q 55 -59.21 31.66 39.25
CA ALA Q 55 -57.78 31.70 39.58
C ALA Q 55 -57.49 31.31 41.02
N ALA Q 56 -58.41 31.56 41.94
CA ALA Q 56 -58.19 31.15 43.33
C ALA Q 56 -58.36 29.65 43.52
N ARG Q 57 -59.38 29.08 42.90
CA ARG Q 57 -59.61 27.63 42.99
C ARG Q 57 -58.53 26.84 42.24
N ASP Q 58 -57.94 27.42 41.19
CA ASP Q 58 -56.85 26.76 40.49
C ASP Q 58 -55.61 26.66 41.38
N ASN Q 59 -55.44 27.57 42.33
CA ASN Q 59 -54.33 27.54 43.28
C ASN Q 59 -54.69 26.78 44.56
N LYS Q 60 -55.89 26.19 44.59
CA LYS Q 60 -56.37 25.41 45.74
C LYS Q 60 -56.45 26.24 47.01
N LYS Q 61 -56.95 27.46 46.88
CA LYS Q 61 -57.11 28.36 48.01
C LYS Q 61 -58.55 28.84 48.03
N THR Q 62 -59.14 28.92 49.22
CA THR Q 62 -60.52 29.35 49.33
C THR Q 62 -60.63 30.87 49.39
N ARG Q 63 -59.50 31.56 49.56
CA ARG Q 63 -59.47 33.00 49.75
C ARG Q 63 -58.56 33.64 48.70
N ILE Q 64 -59.06 34.72 48.08
CA ILE Q 64 -58.38 35.41 46.99
C ILE Q 64 -57.30 36.34 47.53
N ILE Q 65 -56.11 36.26 46.94
CA ILE Q 65 -54.97 37.11 47.25
C ILE Q 65 -54.61 37.89 46.00
N PRO Q 66 -53.86 39.00 46.15
CA PRO Q 66 -53.44 39.81 44.98
C PRO Q 66 -52.77 39.05 43.84
N ARG Q 67 -52.07 37.95 44.12
CA ARG Q 67 -51.47 37.12 43.08
C ARG Q 67 -52.52 36.61 42.08
N HIS Q 68 -53.67 36.17 42.58
CA HIS Q 68 -54.74 35.71 41.73
C HIS Q 68 -55.31 36.82 40.82
N LEU Q 69 -55.38 38.05 41.32
CA LEU Q 69 -55.84 39.17 40.50
C LEU Q 69 -54.93 39.44 39.29
N GLN Q 70 -53.60 39.49 39.49
CA GLN Q 70 -52.68 39.70 38.37
C GLN Q 70 -52.79 38.62 37.29
N LEU Q 71 -52.77 37.36 37.68
CA LEU Q 71 -52.89 36.26 36.72
C LEU Q 71 -54.16 36.38 35.87
N ALA Q 72 -55.30 36.71 36.47
CA ALA Q 72 -56.55 36.84 35.72
C ALA Q 72 -56.47 37.93 34.65
N ILE Q 73 -55.94 39.10 34.99
CA ILE Q 73 -55.98 40.23 34.06
C ILE Q 73 -55.00 40.04 32.91
N ARG Q 74 -53.76 39.65 33.21
CA ARG Q 74 -52.73 39.58 32.18
C ARG Q 74 -52.95 38.42 31.22
N ASN Q 75 -53.63 37.36 31.67
CA ASN Q 75 -53.91 36.23 30.80
C ASN Q 75 -55.11 36.49 29.91
N ASP Q 76 -55.92 37.49 30.25
CA ASP Q 76 -57.08 37.90 29.46
C ASP Q 76 -56.65 39.06 28.56
N GLU Q 77 -56.78 38.86 27.24
CA GLU Q 77 -56.37 39.86 26.26
C GLU Q 77 -57.12 41.17 26.47
N GLU Q 78 -58.44 41.09 26.64
CA GLU Q 78 -59.25 42.29 26.86
C GLU Q 78 -58.83 43.02 28.13
N LEU Q 79 -58.67 42.28 29.23
CA LEU Q 79 -58.29 42.88 30.50
C LEU Q 79 -56.87 43.46 30.48
N ASN Q 80 -55.94 42.81 29.78
CA ASN Q 80 -54.58 43.34 29.69
C ASN Q 80 -54.54 44.64 28.90
N LYS Q 81 -55.31 44.74 27.82
CA LYS Q 81 -55.38 45.98 27.05
C LYS Q 81 -55.94 47.12 27.90
N LEU Q 82 -56.96 46.85 28.69
CA LEU Q 82 -57.57 47.87 29.54
C LEU Q 82 -56.61 48.34 30.63
N LEU Q 83 -55.96 47.39 31.30
CA LEU Q 83 -55.06 47.64 32.42
C LEU Q 83 -53.58 47.74 32.05
N SER Q 84 -53.26 47.85 30.76
CA SER Q 84 -51.85 47.91 30.35
C SER Q 84 -51.09 49.01 31.10
N GLY Q 85 -51.78 50.08 31.48
CA GLY Q 85 -51.19 51.19 32.20
C GLY Q 85 -51.23 51.08 33.71
N VAL Q 86 -51.65 49.95 34.27
CA VAL Q 86 -51.83 49.78 35.71
C VAL Q 86 -50.94 48.65 36.24
N THR Q 87 -50.21 48.94 37.31
CA THR Q 87 -49.41 47.95 38.03
C THR Q 87 -50.11 47.47 39.30
N ILE Q 88 -50.23 46.15 39.44
CA ILE Q 88 -50.91 45.53 40.58
C ILE Q 88 -49.91 45.25 41.70
N ALA Q 89 -50.17 45.80 42.89
CA ALA Q 89 -49.28 45.62 44.02
C ALA Q 89 -49.29 44.17 44.49
N GLN Q 90 -48.09 43.63 44.77
CA GLN Q 90 -47.92 42.23 45.18
C GLN Q 90 -48.46 41.27 44.11
N GLY Q 91 -48.48 41.72 42.85
CA GLY Q 91 -49.00 40.89 41.78
C GLY Q 91 -48.02 39.95 41.12
N GLY Q 92 -46.73 40.29 41.14
CA GLY Q 92 -45.77 39.47 40.46
C GLY Q 92 -45.95 39.58 38.95
N VAL Q 93 -45.31 38.64 38.25
CA VAL Q 93 -45.35 38.60 36.79
C VAL Q 93 -45.89 37.25 36.35
N LEU Q 94 -46.50 37.24 35.17
CA LEU Q 94 -46.95 35.99 34.58
C LEU Q 94 -45.71 35.13 34.31
N PRO Q 95 -45.72 33.86 34.69
CA PRO Q 95 -44.52 33.03 34.45
C PRO Q 95 -44.25 32.73 32.99
N ASN Q 96 -43.33 33.50 32.43
CA ASN Q 96 -42.91 33.38 31.04
C ASN Q 96 -41.39 33.33 31.01
N ILE Q 97 -40.85 32.38 30.25
CA ILE Q 97 -39.41 32.24 30.08
C ILE Q 97 -39.17 32.05 28.58
N GLN Q 98 -38.35 32.91 28.00
CA GLN Q 98 -38.05 32.80 26.58
C GLN Q 98 -37.30 31.51 26.27
N ALA Q 99 -37.64 30.92 25.12
CA ALA Q 99 -37.13 29.61 24.73
C ALA Q 99 -35.63 29.63 24.45
N VAL Q 100 -35.06 30.81 24.17
CA VAL Q 100 -33.63 30.92 23.87
C VAL Q 100 -32.76 30.68 25.10
N LEU Q 101 -33.32 30.83 26.30
CA LEU Q 101 -32.55 30.61 27.52
C LEU Q 101 -32.43 29.12 27.81
N LEU Q 102 -33.39 28.35 27.33
CA LEU Q 102 -33.47 26.92 27.62
C LEU Q 102 -32.41 26.20 26.80
N PRO Q 103 -31.64 25.30 27.40
CA PRO Q 103 -30.61 24.60 26.63
C PRO Q 103 -31.19 23.55 25.69
N LYS Q 104 -30.38 23.22 24.69
CA LYS Q 104 -30.67 22.16 23.73
C LYS Q 104 -31.00 20.84 24.42
N LYS R 2 -64.40 61.08 60.80
CA LYS R 2 -63.74 59.87 61.27
C LYS R 2 -64.28 58.67 60.48
N ARG R 3 -65.55 58.76 60.11
CA ARG R 3 -66.21 57.73 59.31
C ARG R 3 -65.67 57.67 57.88
N LYS R 4 -65.25 56.48 57.44
CA LYS R 4 -64.69 56.30 56.11
C LYS R 4 -65.57 55.34 55.30
N GLU R 5 -66.13 55.86 54.20
CA GLU R 5 -67.06 55.11 53.36
C GLU R 5 -66.24 54.35 52.31
N SER R 6 -66.73 53.19 51.88
CA SER R 6 -66.01 52.44 50.86
C SER R 6 -66.98 51.55 50.06
N TYR R 7 -66.43 50.93 49.01
CA TYR R 7 -67.17 50.00 48.17
C TYR R 7 -66.97 48.55 48.60
N ALA R 8 -66.24 48.34 49.72
CA ALA R 8 -65.84 47.00 50.13
C ALA R 8 -67.05 46.07 50.21
N ILE R 9 -68.13 46.56 50.81
CA ILE R 9 -69.34 45.77 51.01
C ILE R 9 -69.96 45.39 49.68
N TYR R 10 -70.06 46.36 48.77
CA TYR R 10 -70.68 46.12 47.47
C TYR R 10 -69.84 45.17 46.61
N ILE R 11 -68.51 45.31 46.68
CA ILE R 11 -67.60 44.39 46.01
C ILE R 11 -67.76 42.98 46.57
N TYR R 12 -67.94 42.88 47.89
CA TYR R 12 -68.13 41.59 48.55
C TYR R 12 -69.43 40.91 48.13
N LYS R 13 -70.53 41.65 48.02
CA LYS R 13 -71.77 41.04 47.52
C LYS R 13 -71.58 40.43 46.13
N VAL R 14 -70.99 41.19 45.21
CA VAL R 14 -70.74 40.68 43.85
C VAL R 14 -69.79 39.48 43.88
N LEU R 15 -68.82 39.50 44.79
CA LEU R 15 -67.91 38.37 44.98
C LEU R 15 -68.66 37.09 45.32
N LYS R 16 -69.58 37.17 46.29
CA LYS R 16 -70.44 36.05 46.68
C LYS R 16 -71.39 35.64 45.55
N GLN R 17 -71.72 36.57 44.64
CA GLN R 17 -72.54 36.22 43.48
C GLN R 17 -71.83 35.26 42.53
N VAL R 18 -70.61 35.60 42.12
CA VAL R 18 -69.87 34.76 41.19
C VAL R 18 -69.37 33.48 41.85
N HIS R 19 -68.61 33.61 42.92
CA HIS R 19 -68.11 32.45 43.67
C HIS R 19 -68.55 32.38 45.12
N PRO R 20 -69.45 31.45 45.45
CA PRO R 20 -69.97 31.35 46.81
C PRO R 20 -68.92 30.90 47.79
N ASP R 21 -68.00 30.03 47.38
CA ASP R 21 -67.05 29.39 48.28
C ASP R 21 -65.71 30.13 48.36
N THR R 22 -65.53 31.25 47.67
CA THR R 22 -64.25 31.93 47.63
C THR R 22 -64.29 33.19 48.48
N GLY R 23 -63.20 33.41 49.23
CA GLY R 23 -63.02 34.60 50.01
C GLY R 23 -62.00 35.50 49.34
N ILE R 24 -61.59 36.53 50.07
CA ILE R 24 -60.65 37.50 49.51
C ILE R 24 -59.79 38.04 50.65
N SER R 25 -58.52 38.29 50.35
CA SER R 25 -57.62 38.89 51.33
C SER R 25 -57.88 40.40 51.45
N SER R 26 -57.43 40.96 52.58
CA SER R 26 -57.64 42.38 52.82
C SER R 26 -56.95 43.24 51.77
N LYS R 27 -55.73 42.85 51.38
CA LYS R 27 -54.99 43.60 50.38
C LYS R 27 -55.72 43.60 49.04
N ALA R 28 -56.15 42.41 48.61
CA ALA R 28 -56.89 42.28 47.36
C ALA R 28 -58.23 43.01 47.37
N MET R 29 -58.89 43.12 48.53
CA MET R 29 -60.11 43.93 48.58
C MET R 29 -59.80 45.40 48.32
N SER R 30 -58.69 45.91 48.86
CA SER R 30 -58.27 47.27 48.56
C SER R 30 -57.97 47.44 47.07
N ILE R 31 -57.34 46.44 46.47
CA ILE R 31 -57.06 46.42 45.03
C ILE R 31 -58.34 46.51 44.22
N MET R 32 -59.34 45.70 44.58
CA MET R 32 -60.62 45.75 43.88
C MET R 32 -61.25 47.13 44.01
N ASN R 33 -61.13 47.73 45.20
CA ASN R 33 -61.67 49.07 45.46
C ASN R 33 -60.96 50.14 44.63
N SER R 34 -59.62 50.04 44.55
CA SER R 34 -58.83 50.96 43.72
C SER R 34 -59.22 50.83 42.25
N PHE R 35 -59.49 49.60 41.82
CA PHE R 35 -59.92 49.32 40.44
C PHE R 35 -61.24 50.02 40.14
N VAL R 36 -62.20 49.91 41.05
CA VAL R 36 -63.52 50.54 40.90
C VAL R 36 -63.41 52.05 40.82
N ASN R 37 -62.63 52.69 41.71
CA ASN R 37 -62.48 54.15 41.62
C ASN R 37 -61.90 54.57 40.27
N ASP R 38 -60.94 53.82 39.74
CA ASP R 38 -60.36 54.14 38.43
C ASP R 38 -61.41 54.07 37.32
N ILE R 39 -62.20 53.00 37.29
CA ILE R 39 -63.25 52.87 36.27
C ILE R 39 -64.22 54.05 36.34
N PHE R 40 -64.64 54.42 37.55
CA PHE R 40 -65.52 55.56 37.72
C PHE R 40 -64.89 56.81 37.10
N GLU R 41 -63.73 57.20 37.62
CA GLU R 41 -62.99 58.37 37.15
C GLU R 41 -62.73 58.36 35.64
N ARG R 42 -62.43 57.18 35.06
CA ARG R 42 -62.15 57.12 33.63
C ARG R 42 -63.39 57.48 32.81
N ILE R 43 -64.49 56.75 33.01
CA ILE R 43 -65.67 56.95 32.19
C ILE R 43 -66.29 58.32 32.42
N ALA R 44 -66.33 58.78 33.68
CA ALA R 44 -66.95 60.06 33.96
C ALA R 44 -66.17 61.22 33.34
N ALA R 45 -64.84 61.18 33.37
CA ALA R 45 -64.09 62.25 32.73
C ALA R 45 -64.39 62.26 31.23
N GLU R 46 -64.31 61.09 30.60
CA GLU R 46 -64.58 61.00 29.17
C GLU R 46 -66.00 61.44 28.84
N ALA R 47 -66.95 61.11 29.71
CA ALA R 47 -68.34 61.52 29.53
C ALA R 47 -68.49 63.03 29.68
N SER R 48 -67.72 63.60 30.61
CA SER R 48 -67.73 65.06 30.80
C SER R 48 -67.20 65.77 29.56
N ARG R 49 -66.08 65.29 29.02
CA ARG R 49 -65.56 65.89 27.79
C ARG R 49 -66.53 65.66 26.64
N LEU R 50 -67.20 64.51 26.60
CA LEU R 50 -68.22 64.27 25.58
C LEU R 50 -69.36 65.28 25.69
N ALA R 51 -69.81 65.57 26.91
CA ALA R 51 -70.85 66.58 27.09
C ALA R 51 -70.36 67.98 26.76
N HIS R 52 -69.08 68.25 27.04
CA HIS R 52 -68.47 69.54 26.74
C HIS R 52 -68.22 69.73 25.25
N TYR R 53 -67.92 68.64 24.53
CA TYR R 53 -67.70 68.71 23.09
C TYR R 53 -68.98 69.01 22.33
N ASN R 54 -70.11 68.47 22.76
CA ASN R 54 -71.38 68.66 22.07
C ASN R 54 -72.18 69.83 22.62
N LYS R 55 -71.59 70.61 23.54
CA LYS R 55 -72.21 71.82 24.09
C LYS R 55 -73.54 71.48 24.76
N ARG R 56 -73.49 70.46 25.61
CA ARG R 56 -74.64 70.03 26.39
C ARG R 56 -74.31 70.27 27.84
N SER R 57 -75.29 70.74 28.59
CA SER R 57 -75.11 71.08 30.00
C SER R 57 -75.50 69.94 30.93
N THR R 58 -75.90 68.80 30.38
CA THR R 58 -76.32 67.67 31.20
C THR R 58 -75.61 66.42 30.71
N ILE R 59 -75.22 65.58 31.67
CA ILE R 59 -74.65 64.27 31.42
C ILE R 59 -75.77 63.23 31.50
N THR R 60 -76.07 62.60 30.38
CA THR R 60 -77.13 61.62 30.25
C THR R 60 -76.57 60.20 30.22
N SER R 61 -77.47 59.23 30.12
CA SER R 61 -77.10 57.82 30.02
C SER R 61 -76.43 57.56 28.69
N ARG R 62 -76.75 58.40 27.71
CA ARG R 62 -76.22 58.32 26.36
C ARG R 62 -74.74 58.70 26.33
N GLU R 63 -74.36 59.66 27.17
CA GLU R 63 -72.95 60.03 27.32
C GLU R 63 -72.11 58.91 27.92
N ILE R 64 -72.68 58.16 28.87
CA ILE R 64 -72.00 57.02 29.50
C ILE R 64 -71.75 55.87 28.52
N GLN R 65 -72.74 55.56 27.67
CA GLN R 65 -72.59 54.51 26.65
C GLN R 65 -71.47 54.79 25.66
N THR R 66 -71.38 56.02 25.14
CA THR R 66 -70.31 56.33 24.21
C THR R 66 -68.94 56.22 24.88
N ALA R 67 -68.82 56.71 26.12
CA ALA R 67 -67.56 56.61 26.84
C ALA R 67 -67.11 55.16 27.03
N VAL R 68 -68.04 54.24 27.32
CA VAL R 68 -67.69 52.82 27.47
C VAL R 68 -67.14 52.23 26.17
N ARG R 69 -67.77 52.56 25.04
CA ARG R 69 -67.32 52.05 23.74
C ARG R 69 -65.91 52.53 23.40
N LEU R 70 -65.52 53.70 23.89
CA LEU R 70 -64.18 54.22 23.64
C LEU R 70 -63.12 53.53 24.50
N LEU R 71 -63.38 53.36 25.80
CA LEU R 71 -62.31 52.88 26.68
C LEU R 71 -62.12 51.37 26.57
N LEU R 72 -63.27 50.56 26.61
CA LEU R 72 -63.16 49.11 26.71
C LEU R 72 -62.99 48.48 25.33
N PRO R 73 -62.27 47.35 25.25
CA PRO R 73 -62.17 46.61 23.99
C PRO R 73 -63.53 46.13 23.46
N GLY R 74 -63.53 45.81 22.17
CA GLY R 74 -64.78 45.57 21.45
C GLY R 74 -65.72 44.58 22.11
N GLU R 75 -65.20 43.40 22.44
CA GLU R 75 -66.04 42.36 23.05
C GLU R 75 -66.53 42.79 24.42
N LEU R 76 -65.61 43.23 25.27
CA LEU R 76 -65.96 43.69 26.61
C LEU R 76 -66.89 44.90 26.55
N ALA R 77 -66.68 45.78 25.57
CA ALA R 77 -67.56 46.94 25.39
C ALA R 77 -68.97 46.52 24.96
N LYS R 78 -69.08 45.54 24.07
CA LYS R 78 -70.40 45.06 23.65
C LYS R 78 -71.20 44.54 24.85
N HIS R 79 -70.61 43.64 25.63
CA HIS R 79 -71.30 43.10 26.80
C HIS R 79 -71.58 44.17 27.84
N ALA R 80 -70.61 45.05 28.10
CA ALA R 80 -70.80 46.10 29.10
C ALA R 80 -71.93 47.05 28.69
N VAL R 81 -72.04 47.35 27.41
CA VAL R 81 -73.14 48.18 26.91
C VAL R 81 -74.48 47.47 27.13
N SER R 82 -74.51 46.17 26.87
CA SER R 82 -75.72 45.37 27.10
C SER R 82 -76.20 45.45 28.55
N GLU R 83 -75.32 45.17 29.50
CA GLU R 83 -75.71 45.23 30.92
C GLU R 83 -76.17 46.63 31.32
N GLY R 84 -75.52 47.67 30.80
CA GLY R 84 -75.89 49.04 31.13
C GLY R 84 -77.29 49.38 30.66
N THR R 85 -77.54 49.18 29.36
CA THR R 85 -78.85 49.45 28.78
C THR R 85 -79.95 48.57 29.40
N LYS R 86 -79.62 47.33 29.76
CA LYS R 86 -80.58 46.46 30.43
C LYS R 86 -80.97 47.00 31.80
N ALA R 87 -79.99 47.45 32.58
CA ALA R 87 -80.25 47.98 33.92
C ALA R 87 -81.04 49.29 33.86
N VAL R 88 -80.76 50.14 32.88
CA VAL R 88 -81.53 51.39 32.74
C VAL R 88 -82.99 51.09 32.43
N THR R 89 -83.26 50.14 31.55
CA THR R 89 -84.65 49.77 31.28
C THR R 89 -85.35 49.28 32.55
N LYS R 90 -84.68 48.41 33.32
CA LYS R 90 -85.26 47.91 34.57
C LYS R 90 -85.45 49.00 35.62
N TYR R 91 -84.55 49.99 35.69
CA TYR R 91 -84.74 51.06 36.66
C TYR R 91 -85.94 51.92 36.29
N THR R 92 -86.08 52.23 35.01
CA THR R 92 -87.17 53.06 34.52
C THR R 92 -88.48 52.29 34.47
N SER R 93 -88.43 50.97 34.66
CA SER R 93 -89.63 50.12 34.63
C SER R 93 -90.44 50.21 35.92
N SER R 94 -89.79 50.42 37.07
CA SER R 94 -90.53 50.48 38.33
C SER R 94 -90.80 51.92 38.74
N SER U 1 13.95 -3.09 -16.40
CA SER U 1 13.00 -2.62 -15.40
C SER U 1 11.59 -3.09 -15.74
N ALA U 2 11.48 -4.34 -16.17
CA ALA U 2 10.19 -4.90 -16.56
C ALA U 2 9.29 -5.06 -15.34
N SER U 3 8.01 -4.69 -15.52
CA SER U 3 7.05 -4.72 -14.42
C SER U 3 6.36 -6.08 -14.36
N HIS U 4 6.34 -6.67 -13.17
CA HIS U 4 5.68 -7.95 -12.95
C HIS U 4 5.33 -8.05 -11.48
N PRO U 5 4.33 -8.86 -11.10
CA PRO U 5 3.90 -8.91 -9.70
C PRO U 5 4.91 -9.54 -8.76
N THR U 6 4.45 -9.92 -7.56
CA THR U 6 5.32 -10.51 -6.57
C THR U 6 5.77 -11.90 -6.99
N TYR U 7 7.01 -12.24 -6.63
CA TYR U 7 7.50 -13.61 -6.83
C TYR U 7 6.96 -14.58 -5.79
N SER U 8 6.38 -14.06 -4.70
CA SER U 8 5.59 -14.90 -3.80
C SER U 8 4.16 -15.05 -4.29
N GLU U 9 3.70 -14.14 -5.15
CA GLU U 9 2.38 -14.23 -5.76
C GLU U 9 2.42 -14.82 -7.17
N MET U 10 3.60 -14.86 -7.79
CA MET U 10 3.68 -15.41 -9.14
C MET U 10 3.78 -16.94 -9.10
N ILE U 11 4.48 -17.49 -8.12
CA ILE U 11 4.48 -18.94 -7.95
C ILE U 11 3.15 -19.41 -7.37
N ALA U 12 2.41 -18.51 -6.72
CA ALA U 12 1.11 -18.89 -6.19
C ALA U 12 0.07 -18.99 -7.29
N ALA U 13 0.15 -18.12 -8.29
CA ALA U 13 -0.81 -18.16 -9.38
C ALA U 13 -0.54 -19.34 -10.32
N ALA U 14 0.71 -19.80 -10.39
CA ALA U 14 1.05 -20.91 -11.27
C ALA U 14 0.72 -22.26 -10.65
N ILE U 15 0.63 -22.35 -9.33
CA ILE U 15 0.14 -23.57 -8.70
C ILE U 15 -1.37 -23.66 -8.84
N ARG U 16 -2.06 -22.51 -8.84
CA ARG U 16 -3.52 -22.51 -8.99
C ARG U 16 -3.93 -22.85 -10.42
N ALA U 17 -3.11 -22.51 -11.41
CA ALA U 17 -3.52 -22.63 -12.81
C ALA U 17 -3.70 -24.08 -13.22
N GLU U 18 -2.65 -24.88 -13.11
CA GLU U 18 -2.71 -26.29 -13.49
C GLU U 18 -3.02 -27.12 -12.25
N LYS U 19 -4.20 -27.73 -12.23
CA LYS U 19 -4.66 -28.54 -11.10
C LYS U 19 -4.16 -29.96 -11.28
N SER U 20 -3.06 -30.29 -10.61
CA SER U 20 -2.52 -31.64 -10.61
C SER U 20 -2.50 -32.16 -9.19
N ARG U 21 -3.03 -33.37 -8.99
CA ARG U 21 -3.09 -33.93 -7.64
C ARG U 21 -1.71 -34.18 -7.06
N GLY U 22 -0.74 -34.56 -7.90
CA GLY U 22 0.65 -34.62 -7.43
C GLY U 22 1.24 -33.26 -7.14
N GLY U 23 0.75 -32.22 -7.81
CA GLY U 23 1.21 -30.87 -7.62
C GLY U 23 1.71 -30.25 -8.91
N SER U 24 2.13 -28.99 -8.80
CA SER U 24 2.68 -28.23 -9.92
C SER U 24 4.18 -28.11 -9.70
N SER U 25 4.94 -28.79 -10.54
CA SER U 25 6.39 -28.82 -10.39
C SER U 25 6.97 -27.42 -10.56
N ARG U 26 8.12 -27.18 -9.90
CA ARG U 26 8.76 -25.88 -9.95
C ARG U 26 9.14 -25.47 -11.37
N GLN U 27 9.70 -26.41 -12.13
CA GLN U 27 10.16 -26.08 -13.47
C GLN U 27 9.00 -25.69 -14.39
N SER U 28 7.81 -26.27 -14.18
CA SER U 28 6.63 -25.83 -14.91
C SER U 28 6.22 -24.42 -14.51
N ILE U 29 6.45 -24.04 -13.26
CA ILE U 29 6.14 -22.68 -12.81
C ILE U 29 6.88 -21.67 -13.67
N GLN U 30 8.18 -21.88 -13.88
CA GLN U 30 9.00 -20.96 -14.68
C GLN U 30 8.36 -20.68 -16.02
N LYS U 31 7.99 -21.74 -16.76
CA LYS U 31 7.33 -21.57 -18.05
C LYS U 31 6.08 -20.69 -17.92
N TYR U 32 5.35 -20.82 -16.82
CA TYR U 32 4.23 -19.93 -16.55
C TYR U 32 4.68 -18.54 -16.11
N ILE U 33 5.89 -18.41 -15.55
CA ILE U 33 6.38 -17.12 -15.11
C ILE U 33 6.81 -16.27 -16.31
N LYS U 34 7.48 -16.88 -17.29
CA LYS U 34 7.99 -16.16 -18.45
C LYS U 34 7.04 -16.18 -19.63
N SER U 35 5.86 -16.79 -19.50
CA SER U 35 4.85 -16.75 -20.54
C SER U 35 3.62 -15.93 -20.18
N HIS U 36 3.30 -15.83 -18.88
CA HIS U 36 2.22 -14.97 -18.42
C HIS U 36 2.70 -13.65 -17.83
N TYR U 37 3.98 -13.56 -17.47
CA TYR U 37 4.55 -12.37 -16.87
C TYR U 37 5.86 -12.04 -17.58
N LYS U 38 6.27 -10.78 -17.50
CA LYS U 38 7.50 -10.32 -18.14
C LYS U 38 8.61 -10.34 -17.09
N VAL U 39 9.53 -11.30 -17.23
CA VAL U 39 10.64 -11.48 -16.30
C VAL U 39 11.94 -11.45 -17.09
N GLY U 40 13.06 -11.43 -16.37
CA GLY U 40 14.37 -11.36 -16.97
C GLY U 40 15.17 -12.64 -16.80
N HIS U 41 16.49 -12.52 -16.95
CA HIS U 41 17.37 -13.65 -16.70
C HIS U 41 17.30 -14.10 -15.25
N ASN U 42 17.13 -13.16 -14.33
CA ASN U 42 17.15 -13.40 -12.89
C ASN U 42 15.93 -14.16 -12.39
N ALA U 43 14.95 -14.45 -13.26
CA ALA U 43 13.73 -15.09 -12.84
C ALA U 43 14.00 -16.45 -12.18
N ASP U 44 14.69 -17.34 -12.91
CA ASP U 44 14.93 -18.69 -12.42
C ASP U 44 15.64 -18.69 -11.08
N LEU U 45 16.50 -17.70 -10.85
CA LEU U 45 17.22 -17.62 -9.59
C LEU U 45 16.27 -17.33 -8.44
N GLN U 46 15.44 -16.30 -8.59
CA GLN U 46 14.57 -15.90 -7.48
C GLN U 46 13.40 -16.86 -7.32
N ILE U 47 12.96 -17.49 -8.42
CA ILE U 47 11.93 -18.51 -8.30
C ILE U 47 12.41 -19.63 -7.40
N LYS U 48 13.66 -20.06 -7.57
CA LYS U 48 14.23 -21.05 -6.68
C LYS U 48 14.35 -20.50 -5.27
N LEU U 49 14.82 -19.26 -5.14
CA LEU U 49 14.98 -18.67 -3.81
C LEU U 49 13.65 -18.33 -3.17
N SER U 50 12.61 -18.05 -3.97
CA SER U 50 11.28 -17.86 -3.41
C SER U 50 10.76 -19.16 -2.81
N ILE U 51 11.08 -20.29 -3.44
CA ILE U 51 10.71 -21.58 -2.87
C ILE U 51 11.45 -21.84 -1.57
N ARG U 52 12.68 -21.33 -1.44
CA ARG U 52 13.44 -21.52 -0.21
C ARG U 52 12.69 -20.96 0.99
N ARG U 53 12.06 -19.79 0.83
CA ARG U 53 11.45 -19.10 1.96
C ARG U 53 10.09 -19.69 2.33
N LEU U 54 9.07 -19.42 1.50
CA LEU U 54 7.69 -19.80 1.81
C LEU U 54 7.46 -21.32 1.89
N LEU U 55 8.52 -22.13 1.82
CA LEU U 55 8.44 -23.56 2.05
C LEU U 55 8.58 -23.90 3.52
N ALA U 56 9.44 -23.16 4.24
CA ALA U 56 9.68 -23.42 5.65
C ALA U 56 8.74 -22.66 6.56
N ALA U 57 8.21 -21.51 6.12
CA ALA U 57 7.30 -20.72 6.94
C ALA U 57 5.91 -21.34 7.02
N GLY U 58 5.61 -22.33 6.17
CA GLY U 58 4.30 -22.95 6.16
C GLY U 58 3.39 -22.53 5.02
N VAL U 59 3.86 -21.64 4.15
CA VAL U 59 3.02 -21.18 3.04
C VAL U 59 2.85 -22.29 2.00
N LEU U 60 3.90 -23.07 1.78
CA LEU U 60 3.91 -24.15 0.81
C LEU U 60 3.99 -25.50 1.52
N LYS U 61 3.61 -26.55 0.81
CA LYS U 61 3.56 -27.90 1.38
C LYS U 61 4.27 -28.87 0.45
N GLN U 62 5.22 -29.63 1.02
CA GLN U 62 6.00 -30.57 0.23
C GLN U 62 5.19 -31.82 -0.08
N THR U 63 5.21 -32.24 -1.34
CA THR U 63 4.62 -33.51 -1.78
C THR U 63 5.60 -34.16 -2.75
N LYS U 64 6.31 -35.19 -2.27
CA LYS U 64 7.24 -35.97 -3.07
C LYS U 64 8.39 -35.14 -3.59
N GLY U 65 9.46 -35.03 -2.81
CA GLY U 65 10.66 -34.34 -3.26
C GLY U 65 11.40 -33.73 -2.09
N VAL U 66 12.41 -32.93 -2.43
CA VAL U 66 13.25 -32.24 -1.45
C VAL U 66 13.59 -30.86 -2.00
N GLY U 67 13.34 -29.82 -1.20
CA GLY U 67 13.67 -28.47 -1.62
C GLY U 67 12.93 -28.07 -2.88
N ALA U 68 13.63 -27.35 -3.75
CA ALA U 68 13.10 -26.95 -5.05
C ALA U 68 13.43 -27.95 -6.14
N SER U 69 13.82 -29.17 -5.77
CA SER U 69 14.09 -30.23 -6.74
C SER U 69 12.85 -31.07 -7.03
N GLY U 70 12.07 -31.37 -6.00
CA GLY U 70 10.86 -32.14 -6.13
C GLY U 70 9.64 -31.29 -6.42
N SER U 71 8.49 -31.73 -5.94
CA SER U 71 7.24 -31.04 -6.13
C SER U 71 6.73 -30.49 -4.80
N PHE U 72 5.69 -29.67 -4.90
CA PHE U 72 5.06 -29.07 -3.73
C PHE U 72 3.63 -28.69 -4.10
N ARG U 73 2.90 -28.22 -3.10
CA ARG U 73 1.52 -27.79 -3.29
C ARG U 73 1.22 -26.71 -2.27
N LEU U 74 0.45 -25.70 -2.69
CA LEU U 74 0.16 -24.57 -1.82
C LEU U 74 -0.71 -24.99 -0.64
N ALA U 75 -0.18 -24.83 0.57
CA ALA U 75 -0.92 -25.19 1.77
C ALA U 75 -2.20 -24.37 1.86
N LYS U 76 -3.25 -25.00 2.37
CA LYS U 76 -4.56 -24.36 2.47
C LYS U 76 -4.55 -23.20 3.46
N SER V 1 -22.42 0.88 9.00
CA SER V 1 -21.18 0.18 8.65
C SER V 1 -20.85 0.34 7.18
N ALA V 2 -20.75 1.59 6.73
CA ALA V 2 -20.44 1.89 5.34
C ALA V 2 -18.95 1.75 5.06
N SER V 3 -18.61 1.49 3.80
CA SER V 3 -17.21 1.33 3.40
C SER V 3 -16.68 2.59 2.73
N HIS V 4 -15.36 2.76 2.76
CA HIS V 4 -14.73 3.92 2.17
C HIS V 4 -13.25 3.89 2.35
N PRO V 5 -12.52 4.55 1.46
CA PRO V 5 -11.07 4.60 1.53
C PRO V 5 -10.55 5.44 2.70
N THR V 6 -9.24 5.70 2.70
CA THR V 6 -8.61 6.40 3.82
C THR V 6 -9.09 7.84 3.88
N TYR V 7 -9.25 8.36 5.09
CA TYR V 7 -9.49 9.78 5.27
C TYR V 7 -8.23 10.62 5.02
N SER V 8 -7.06 9.97 4.94
CA SER V 8 -5.87 10.66 4.47
C SER V 8 -5.77 10.57 2.96
N GLU V 9 -6.41 9.58 2.36
CA GLU V 9 -6.46 9.44 0.91
C GLU V 9 -7.74 10.01 0.32
N MET V 10 -8.74 10.29 1.15
CA MET V 10 -9.94 10.95 0.65
C MET V 10 -9.74 12.47 0.55
N ILE V 11 -9.02 13.06 1.50
CA ILE V 11 -8.70 14.49 1.39
C ILE V 11 -7.60 14.70 0.37
N ALA V 12 -6.82 13.66 0.11
CA ALA V 12 -5.78 13.80 -0.87
C ALA V 12 -6.36 13.68 -2.28
N ALA V 13 -7.44 12.91 -2.41
CA ALA V 13 -8.05 12.75 -3.72
C ALA V 13 -8.94 13.92 -4.03
N ALA V 14 -9.37 14.64 -3.00
CA ALA V 14 -10.23 15.78 -3.23
C ALA V 14 -9.45 17.02 -3.64
N ILE V 15 -8.15 17.08 -3.33
CA ILE V 15 -7.34 18.20 -3.77
C ILE V 15 -6.88 17.99 -5.20
N ARG V 16 -6.62 16.73 -5.57
CA ARG V 16 -6.17 16.44 -6.92
C ARG V 16 -7.27 16.68 -7.94
N ALA V 17 -8.53 16.45 -7.55
CA ALA V 17 -9.61 16.40 -8.53
C ALA V 17 -9.97 17.80 -9.02
N GLU V 18 -10.12 18.75 -8.11
CA GLU V 18 -10.50 20.11 -8.45
C GLU V 18 -9.25 20.98 -8.43
N LYS V 19 -8.92 21.57 -9.59
CA LYS V 19 -7.67 22.29 -9.78
C LYS V 19 -7.85 23.76 -9.47
N SER V 20 -7.20 24.22 -8.41
CA SER V 20 -7.19 25.64 -8.04
C SER V 20 -5.78 26.03 -7.66
N ARG V 21 -5.34 27.20 -8.14
CA ARG V 21 -3.97 27.62 -7.89
C ARG V 21 -3.73 27.95 -6.42
N GLY V 22 -4.70 28.56 -5.74
CA GLY V 22 -4.58 28.79 -4.32
C GLY V 22 -4.67 27.53 -3.47
N GLY V 23 -5.30 26.49 -4.00
CA GLY V 23 -5.53 25.24 -3.29
C GLY V 23 -7.01 24.97 -3.13
N SER V 24 -7.32 23.97 -2.31
CA SER V 24 -8.69 23.60 -2.01
C SER V 24 -8.91 23.72 -0.50
N SER V 25 -10.00 24.36 -0.12
CA SER V 25 -10.25 24.73 1.26
C SER V 25 -11.10 23.67 1.97
N ARG V 26 -11.18 23.79 3.30
CA ARG V 26 -11.96 22.86 4.12
C ARG V 26 -13.40 22.76 3.63
N GLN V 27 -14.05 23.90 3.39
CA GLN V 27 -15.46 23.90 3.04
C GLN V 27 -15.69 23.18 1.72
N SER V 28 -14.78 23.35 0.76
CA SER V 28 -14.94 22.71 -0.54
C SER V 28 -14.52 21.24 -0.52
N ILE V 29 -13.67 20.85 0.43
CA ILE V 29 -13.26 19.45 0.51
C ILE V 29 -14.40 18.62 1.08
N GLN V 30 -15.07 19.12 2.12
CA GLN V 30 -16.19 18.40 2.70
C GLN V 30 -17.27 18.16 1.65
N LYS V 31 -17.48 19.13 0.76
CA LYS V 31 -18.42 18.95 -0.33
C LYS V 31 -18.04 17.76 -1.20
N TYR V 32 -16.74 17.55 -1.40
CA TYR V 32 -16.28 16.49 -2.28
C TYR V 32 -16.27 15.13 -1.57
N ILE V 33 -16.10 15.13 -0.25
CA ILE V 33 -16.00 13.87 0.49
C ILE V 33 -17.35 13.19 0.53
N LYS V 34 -18.41 13.96 0.80
CA LYS V 34 -19.74 13.39 0.90
C LYS V 34 -20.33 13.09 -0.46
N SER V 35 -19.76 13.64 -1.53
CA SER V 35 -20.36 13.52 -2.85
C SER V 35 -19.85 12.32 -3.64
N HIS V 36 -18.64 11.85 -3.37
CA HIS V 36 -18.03 10.78 -4.16
C HIS V 36 -17.76 9.52 -3.37
N TYR V 37 -18.01 9.51 -2.06
CA TYR V 37 -17.77 8.33 -1.23
C TYR V 37 -18.95 8.14 -0.29
N LYS V 38 -18.93 7.02 0.42
CA LYS V 38 -20.01 6.70 1.36
C LYS V 38 -19.55 6.84 2.80
N VAL V 39 -19.85 7.98 3.42
CA VAL V 39 -19.46 8.24 4.80
C VAL V 39 -20.68 8.46 5.68
N GLY V 40 -20.45 8.63 6.97
CA GLY V 40 -21.53 8.85 7.93
C GLY V 40 -21.47 10.23 8.55
N HIS V 41 -22.10 10.37 9.72
CA HIS V 41 -22.13 11.63 10.44
C HIS V 41 -20.74 12.04 10.90
N ASN V 42 -19.91 11.06 11.29
CA ASN V 42 -18.58 11.27 11.82
C ASN V 42 -17.59 11.82 10.78
N ALA V 43 -18.05 12.09 9.56
CA ALA V 43 -17.14 12.44 8.48
C ALA V 43 -16.52 13.83 8.68
N ASP V 44 -17.36 14.87 8.75
CA ASP V 44 -16.86 16.24 8.86
C ASP V 44 -15.90 16.40 10.02
N LEU V 45 -16.13 15.65 11.11
CA LEU V 45 -15.22 15.66 12.24
C LEU V 45 -13.82 15.23 11.81
N GLN V 46 -13.71 14.04 11.23
CA GLN V 46 -12.42 13.49 10.86
C GLN V 46 -11.86 14.11 9.58
N ILE V 47 -12.72 14.67 8.71
CA ILE V 47 -12.22 15.41 7.56
C ILE V 47 -11.48 16.65 8.02
N LYS V 48 -12.10 17.41 8.94
CA LYS V 48 -11.39 18.52 9.57
C LYS V 48 -10.17 18.02 10.34
N LEU V 49 -10.32 16.90 11.05
CA LEU V 49 -9.21 16.38 11.84
C LEU V 49 -8.09 15.86 10.92
N SER V 50 -8.44 15.22 9.82
CA SER V 50 -7.42 14.75 8.89
C SER V 50 -6.58 15.92 8.39
N ILE V 51 -7.20 17.10 8.30
CA ILE V 51 -6.48 18.29 7.87
C ILE V 51 -5.45 18.67 8.90
N ARG V 52 -5.75 18.40 10.17
CA ARG V 52 -4.90 18.88 11.26
C ARG V 52 -3.58 18.14 11.29
N ARG V 53 -3.57 16.86 10.89
CA ARG V 53 -2.49 15.94 11.26
C ARG V 53 -1.47 15.74 10.16
N LEU V 54 -1.90 15.24 9.00
CA LEU V 54 -0.97 15.19 7.87
C LEU V 54 -0.47 16.56 7.37
N LEU V 55 -0.94 17.68 7.93
CA LEU V 55 -0.42 19.02 7.71
C LEU V 55 0.86 19.31 8.51
N ALA V 56 1.01 18.71 9.68
CA ALA V 56 2.18 18.92 10.51
C ALA V 56 3.29 17.90 10.27
N ALA V 57 2.95 16.69 9.83
CA ALA V 57 3.95 15.69 9.50
C ALA V 57 4.67 15.99 8.19
N GLY V 58 4.15 16.89 7.37
CA GLY V 58 4.78 17.24 6.11
C GLY V 58 4.02 16.80 4.88
N VAL V 59 2.89 16.10 5.04
CA VAL V 59 2.19 15.54 3.88
C VAL V 59 1.41 16.64 3.17
N LEU V 60 0.88 17.58 3.94
CA LEU V 60 0.10 18.68 3.40
C LEU V 60 0.84 19.99 3.62
N LYS V 61 0.49 20.98 2.79
CA LYS V 61 1.14 22.28 2.83
C LYS V 61 0.09 23.39 2.94
N GLN V 62 0.27 24.26 3.92
CA GLN V 62 -0.70 25.31 4.20
C GLN V 62 -0.45 26.53 3.31
N THR V 63 -1.47 26.95 2.59
CA THR V 63 -1.36 28.10 1.70
C THR V 63 -2.52 29.08 1.92
N LYS V 64 -2.28 30.10 2.72
CA LYS V 64 -3.29 31.11 3.01
C LYS V 64 -4.31 30.58 4.01
N GLY V 65 -4.32 31.19 5.20
CA GLY V 65 -5.24 30.78 6.25
C GLY V 65 -4.53 30.26 7.48
N VAL V 66 -5.29 29.63 8.37
CA VAL V 66 -4.74 29.08 9.60
C VAL V 66 -5.53 27.87 10.08
N GLY V 67 -4.83 26.78 10.40
CA GLY V 67 -5.47 25.57 10.86
C GLY V 67 -6.55 25.08 9.91
N ALA V 68 -7.63 24.55 10.47
CA ALA V 68 -8.74 24.04 9.67
C ALA V 68 -9.78 25.12 9.42
N SER V 69 -9.32 26.34 9.14
CA SER V 69 -10.22 27.46 8.90
C SER V 69 -9.80 28.23 7.64
N GLY V 70 -8.72 27.77 7.00
CA GLY V 70 -8.23 28.40 5.79
C GLY V 70 -8.14 27.44 4.62
N SER V 71 -6.99 27.43 3.96
CA SER V 71 -6.77 26.55 2.82
C SER V 71 -5.44 25.82 2.94
N PHE V 72 -5.18 24.94 1.97
CA PHE V 72 -3.94 24.17 1.96
C PHE V 72 -3.80 23.50 0.60
N ARG V 73 -2.71 22.75 0.43
CA ARG V 73 -2.44 22.10 -0.85
C ARG V 73 -1.53 20.91 -0.63
N LEU V 74 -1.77 19.85 -1.40
CA LEU V 74 -1.01 18.61 -1.27
C LEU V 74 0.43 18.83 -1.71
N ALA V 75 1.37 18.58 -0.81
CA ALA V 75 2.78 18.61 -1.18
C ALA V 75 3.11 17.49 -2.15
N LYS V 76 4.03 17.75 -3.05
CA LYS V 76 4.38 16.81 -4.11
C LYS V 76 5.01 15.54 -3.53
#